data_4COX
#
_entry.id   4COX
#
_cell.length_a   179.800
_cell.length_b   133.600
_cell.length_c   118.400
_cell.angle_alpha   90.00
_cell.angle_beta   90.00
_cell.angle_gamma   90.00
#
_symmetry.space_group_name_H-M   'P 21 21 2'
#
loop_
_entity.id
_entity.type
_entity.pdbx_description
1 polymer CYCLOOXYGENASE-2
2 non-polymer 2-acetamido-2-deoxy-beta-D-glucopyranose
3 non-polymer 'PROTOPORPHYRIN IX CONTAINING FE'
4 non-polymer INDOMETHACIN
#
_entity_poly.entity_id   1
_entity_poly.type   'polypeptide(L)'
_entity_poly.pdbx_seq_one_letter_code
;ANPCCSNPCQNRGECMSTGFDQYKCDCTRTGFYGENCTTPEFLTRIKLLLKPTPNTVHYILTHFKGVWNIVNNIPFLRSL
IMKYVLTSRSYLIDSPPTYNVHYGYKSWEAFSNLSYYTRALPPVADDCPTPMGVKGNKELPDSKEVLEKVLLRREFIPDP
QGSNMMFAFFAQHFTHQFFKTDHKRGPGFTRGLGHGVDLNHIYGETLDRQHKLRLFKDGKLKYQVIGGEVYPPTVKDTQV
EMIYPPHIPENLQFAVGQEVFGLVPGLMMYATIWLREHQRVCDILKQEHPEWGDEQLFQTSKLILIGETIKIVIEDYVQH
LSGYHFKLKFDPELLFNQQFQYQNRIASEFNTLYHWHPLLPDTFNIEDQEYSFKQFLYNNSILLEHGLTQFVESFTRQIA
GRVAGGRNVPIAVQAVAKASIDQSREMKYQSLNEYRKRFSLKPYTSFEELTGEKEMAAELKALYSDIDVMELYPALLVEK
PRPDAIFGETMVELGAPFSLKGLMGNPICSPQYWKPSTFGGEVGFKIINTASIQSLICNNVKGCPFTSFNVQDPQPTKTA
TINASASHSRLDDINPTVLIKRRSTEL
;
_entity_poly.pdbx_strand_id   A,B,C,D
#
loop_
_chem_comp.id
_chem_comp.type
_chem_comp.name
_chem_comp.formula
HEM non-polymer 'PROTOPORPHYRIN IX CONTAINING FE' 'C34 H32 Fe N4 O4'
IMN non-polymer INDOMETHACIN 'C19 H16 Cl N O4'
NAG D-saccharide, beta linking 2-acetamido-2-deoxy-beta-D-glucopyranose 'C8 H15 N O6'
#
# COMPACT_ATOMS: atom_id res chain seq x y z
N ALA A 1 -58.11 -4.06 -20.36
CA ALA A 1 -59.13 -4.20 -19.29
C ALA A 1 -58.49 -3.82 -17.97
N ASN A 2 -57.21 -4.14 -17.85
CA ASN A 2 -56.49 -3.84 -16.62
C ASN A 2 -56.55 -2.34 -16.33
N PRO A 3 -57.23 -1.95 -15.22
CA PRO A 3 -57.34 -0.54 -14.87
C PRO A 3 -56.01 0.11 -14.62
N CYS A 4 -54.93 -0.66 -14.73
CA CYS A 4 -53.61 -0.07 -14.54
C CYS A 4 -52.90 0.10 -15.86
N CYS A 5 -53.48 -0.46 -16.92
CA CYS A 5 -52.93 -0.39 -18.27
C CYS A 5 -52.40 1.01 -18.59
N SER A 6 -53.10 2.04 -18.14
CA SER A 6 -52.70 3.42 -18.41
C SER A 6 -51.50 3.95 -17.64
N ASN A 7 -50.79 3.08 -16.92
CA ASN A 7 -49.63 3.49 -16.14
C ASN A 7 -49.98 4.77 -15.35
N PRO A 8 -51.17 4.81 -14.72
CA PRO A 8 -51.58 6.00 -13.97
C PRO A 8 -50.78 6.47 -12.78
N CYS A 9 -49.93 5.61 -12.24
CA CYS A 9 -49.19 5.96 -11.02
C CYS A 9 -47.84 6.66 -11.20
N GLN A 10 -47.86 7.95 -10.91
CA GLN A 10 -46.68 8.75 -11.03
C GLN A 10 -45.69 8.61 -9.87
N ASN A 11 -44.61 9.38 -10.01
CA ASN A 11 -43.53 9.47 -9.05
C ASN A 11 -43.07 8.20 -8.34
N ARG A 12 -43.23 7.07 -9.02
CA ARG A 12 -42.78 5.76 -8.52
C ARG A 12 -43.78 4.89 -7.73
N GLY A 13 -44.95 5.42 -7.37
CA GLY A 13 -45.94 4.66 -6.64
C GLY A 13 -46.33 3.44 -7.45
N GLU A 14 -46.96 2.45 -6.82
CA GLU A 14 -47.36 1.19 -7.46
C GLU A 14 -48.83 1.24 -7.77
N CYS A 15 -49.22 0.65 -8.87
CA CYS A 15 -50.61 0.68 -9.27
C CYS A 15 -51.24 -0.64 -8.91
N MET A 16 -52.47 -0.63 -8.48
CA MET A 16 -53.07 -1.88 -8.14
C MET A 16 -54.53 -1.85 -8.47
N SER A 17 -55.02 -2.87 -9.14
CA SER A 17 -56.42 -3.00 -9.53
C SER A 17 -57.32 -3.36 -8.35
N THR A 18 -57.93 -2.35 -7.73
CA THR A 18 -58.82 -2.58 -6.60
C THR A 18 -60.22 -2.64 -7.13
N GLY A 19 -60.52 -3.66 -7.93
CA GLY A 19 -61.84 -3.78 -8.52
C GLY A 19 -61.63 -3.75 -10.02
N PHE A 20 -62.57 -4.28 -10.79
CA PHE A 20 -62.39 -4.36 -12.24
C PHE A 20 -61.96 -3.08 -12.96
N ASP A 21 -62.66 -1.99 -12.69
CA ASP A 21 -62.38 -0.72 -13.33
C ASP A 21 -61.72 0.25 -12.39
N GLN A 22 -61.28 -0.21 -11.23
CA GLN A 22 -60.63 0.73 -10.37
C GLN A 22 -59.15 0.39 -10.09
N TYR A 23 -58.39 1.39 -9.67
CA TYR A 23 -56.99 1.19 -9.41
C TYR A 23 -56.65 2.01 -8.20
N LYS A 24 -55.49 1.73 -7.62
CA LYS A 24 -55.04 2.42 -6.44
C LYS A 24 -53.52 2.54 -6.54
N CYS A 25 -52.98 3.69 -6.16
CA CYS A 25 -51.53 3.90 -6.20
C CYS A 25 -50.87 3.82 -4.82
N ASP A 26 -49.85 2.97 -4.69
CA ASP A 26 -49.17 2.86 -3.43
C ASP A 26 -48.00 3.84 -3.41
N CYS A 27 -48.27 5.10 -3.04
CA CYS A 27 -47.21 6.13 -3.00
C CYS A 27 -46.23 5.98 -1.83
N THR A 28 -46.13 4.80 -1.26
CA THR A 28 -45.25 4.61 -0.14
C THR A 28 -43.83 5.01 -0.48
N ARG A 29 -43.26 5.82 0.41
CA ARG A 29 -41.89 6.28 0.29
C ARG A 29 -41.56 7.02 -0.99
N THR A 30 -42.56 7.29 -1.83
CA THR A 30 -42.30 8.01 -3.06
C THR A 30 -41.92 9.44 -2.74
N GLY A 31 -42.56 10.02 -1.74
CA GLY A 31 -42.29 11.40 -1.41
C GLY A 31 -43.41 12.26 -1.99
N PHE A 32 -44.46 11.59 -2.45
CA PHE A 32 -45.62 12.28 -3.01
C PHE A 32 -46.86 11.63 -2.47
N TYR A 33 -48.00 12.31 -2.61
CA TYR A 33 -49.26 11.77 -2.15
C TYR A 33 -50.32 12.11 -3.17
N GLY A 34 -51.54 11.64 -2.92
CA GLY A 34 -52.63 11.92 -3.82
C GLY A 34 -52.87 10.77 -4.76
N GLU A 35 -54.02 10.75 -5.42
CA GLU A 35 -54.44 9.69 -6.34
C GLU A 35 -53.32 9.08 -7.20
N ASN A 36 -52.48 9.92 -7.78
CA ASN A 36 -51.43 9.40 -8.64
C ASN A 36 -50.02 9.64 -8.13
N CYS A 37 -49.82 9.82 -6.83
CA CYS A 37 -48.47 10.06 -6.29
C CYS A 37 -47.89 11.19 -7.08
N THR A 38 -48.70 12.23 -7.18
CA THR A 38 -48.40 13.44 -7.94
C THR A 38 -48.08 14.63 -7.03
N THR A 39 -48.92 14.90 -6.04
CA THR A 39 -48.66 16.01 -5.16
C THR A 39 -47.52 15.72 -4.19
N PRO A 40 -46.46 16.52 -4.23
CA PRO A 40 -45.31 16.30 -3.36
C PRO A 40 -45.48 16.70 -1.93
N GLU A 41 -44.65 16.10 -1.09
CA GLU A 41 -44.62 16.46 0.29
C GLU A 41 -43.88 17.79 0.24
N PHE A 42 -44.15 18.68 1.17
CA PHE A 42 -43.47 19.98 1.20
C PHE A 42 -41.93 19.80 1.05
N LEU A 43 -41.34 18.90 1.82
CA LEU A 43 -39.90 18.70 1.73
C LEU A 43 -39.49 18.19 0.33
N THR A 44 -40.47 17.67 -0.41
CA THR A 44 -40.20 17.18 -1.76
C THR A 44 -40.12 18.36 -2.73
N ARG A 45 -40.93 19.38 -2.45
CA ARG A 45 -40.95 20.61 -3.25
C ARG A 45 -39.53 21.12 -3.23
N ILE A 46 -39.03 21.31 -2.00
CA ILE A 46 -37.68 21.78 -1.75
C ILE A 46 -36.66 21.12 -2.68
N LYS A 47 -36.60 19.80 -2.60
CA LYS A 47 -35.66 19.01 -3.39
C LYS A 47 -35.81 19.26 -4.87
N LEU A 48 -37.06 19.33 -5.32
CA LEU A 48 -37.36 19.59 -6.72
C LEU A 48 -36.75 20.93 -7.09
N LEU A 49 -37.03 21.93 -6.27
CA LEU A 49 -36.53 23.28 -6.49
C LEU A 49 -35.08 23.41 -6.04
N LEU A 50 -34.24 22.46 -6.45
CA LEU A 50 -32.83 22.44 -6.06
C LEU A 50 -32.02 21.38 -6.82
N LYS A 51 -32.69 20.58 -7.66
CA LYS A 51 -32.00 19.51 -8.38
C LYS A 51 -31.52 19.90 -9.78
N PRO A 52 -30.20 20.02 -9.95
CA PRO A 52 -29.70 20.40 -11.27
C PRO A 52 -30.07 19.30 -12.26
N THR A 53 -30.58 19.69 -13.44
CA THR A 53 -30.96 18.71 -14.47
C THR A 53 -29.72 17.94 -14.88
N PRO A 54 -29.91 16.76 -15.50
CA PRO A 54 -28.80 15.91 -15.96
C PRO A 54 -27.80 16.70 -16.78
N ASN A 55 -28.32 17.43 -17.75
CA ASN A 55 -27.49 18.24 -18.63
C ASN A 55 -26.71 19.29 -17.87
N THR A 56 -27.34 19.91 -16.87
CA THR A 56 -26.68 20.94 -16.06
C THR A 56 -25.39 20.37 -15.50
N VAL A 57 -25.57 19.27 -14.79
CA VAL A 57 -24.50 18.55 -14.13
C VAL A 57 -23.51 18.00 -15.12
N HIS A 58 -24.05 17.45 -16.19
CA HIS A 58 -23.23 16.88 -17.24
C HIS A 58 -22.30 17.96 -17.77
N TYR A 59 -22.82 19.18 -17.79
CA TYR A 59 -22.03 20.30 -18.26
C TYR A 59 -20.90 20.53 -17.27
N ILE A 60 -21.29 20.87 -16.04
CA ILE A 60 -20.33 21.17 -15.01
C ILE A 60 -19.32 20.05 -14.85
N LEU A 61 -19.69 18.83 -15.18
CA LEU A 61 -18.74 17.73 -15.09
C LEU A 61 -17.73 17.85 -16.24
N THR A 62 -18.23 18.00 -17.47
CA THR A 62 -17.37 18.07 -18.64
C THR A 62 -16.74 19.43 -18.87
N HIS A 63 -16.94 20.34 -17.94
CA HIS A 63 -16.33 21.65 -18.07
C HIS A 63 -15.51 21.95 -16.83
N PHE A 64 -15.17 23.21 -16.67
CA PHE A 64 -14.41 23.70 -15.53
C PHE A 64 -13.18 22.86 -15.26
N LYS A 65 -12.59 22.30 -16.32
CA LYS A 65 -11.43 21.43 -16.15
C LYS A 65 -10.44 21.87 -15.09
N GLY A 66 -9.96 23.10 -15.17
CA GLY A 66 -8.99 23.61 -14.19
C GLY A 66 -9.41 23.41 -12.74
N VAL A 67 -10.69 23.66 -12.46
CA VAL A 67 -11.23 23.49 -11.14
C VAL A 67 -11.13 22.01 -10.83
N TRP A 68 -11.63 21.20 -11.74
CA TRP A 68 -11.61 19.77 -11.56
C TRP A 68 -10.24 19.23 -11.22
N ASN A 69 -9.21 19.60 -11.98
CA ASN A 69 -7.90 19.06 -11.67
C ASN A 69 -7.47 19.33 -10.25
N ILE A 70 -7.92 20.44 -9.67
CA ILE A 70 -7.54 20.74 -8.30
C ILE A 70 -8.20 19.66 -7.45
N VAL A 71 -9.51 19.50 -7.65
CA VAL A 71 -10.34 18.51 -6.96
C VAL A 71 -9.68 17.14 -6.97
N ASN A 72 -9.37 16.65 -8.17
CA ASN A 72 -8.74 15.34 -8.33
C ASN A 72 -7.48 15.13 -7.51
N ASN A 73 -6.95 16.20 -6.92
CA ASN A 73 -5.76 16.06 -6.12
C ASN A 73 -6.00 16.27 -4.65
N ILE A 74 -7.26 16.49 -4.28
CA ILE A 74 -7.69 16.64 -2.87
C ILE A 74 -8.51 15.35 -2.59
N PRO A 75 -7.82 14.22 -2.35
CA PRO A 75 -8.41 12.89 -2.09
C PRO A 75 -9.80 12.99 -1.47
N PHE A 76 -9.79 13.40 -0.21
CA PHE A 76 -10.98 13.63 0.62
C PHE A 76 -12.15 14.10 -0.23
N LEU A 77 -11.90 15.11 -1.05
CA LEU A 77 -12.90 15.66 -1.95
C LEU A 77 -13.29 14.65 -3.01
N ARG A 78 -12.30 14.10 -3.70
CA ARG A 78 -12.61 13.15 -4.75
C ARG A 78 -13.39 11.96 -4.21
N SER A 79 -13.00 11.53 -3.02
CA SER A 79 -13.60 10.40 -2.33
C SER A 79 -15.04 10.72 -2.02
N LEU A 80 -15.25 11.91 -1.50
CA LEU A 80 -16.58 12.36 -1.17
C LEU A 80 -17.44 12.45 -2.46
N ILE A 81 -16.84 12.96 -3.52
CA ILE A 81 -17.56 13.11 -4.78
C ILE A 81 -17.96 11.73 -5.35
N MET A 82 -16.97 10.84 -5.46
CA MET A 82 -17.18 9.50 -6.01
C MET A 82 -18.21 8.79 -5.14
N LYS A 83 -18.06 8.94 -3.83
CA LYS A 83 -18.98 8.34 -2.88
C LYS A 83 -20.40 8.76 -3.25
N TYR A 84 -20.52 10.02 -3.65
CA TYR A 84 -21.82 10.53 -4.01
C TYR A 84 -22.33 9.97 -5.34
N VAL A 85 -21.42 9.72 -6.27
CA VAL A 85 -21.89 9.18 -7.53
C VAL A 85 -22.42 7.75 -7.32
N LEU A 86 -21.71 6.95 -6.52
CA LEU A 86 -22.12 5.57 -6.26
C LEU A 86 -23.50 5.47 -5.66
N THR A 87 -23.69 6.15 -4.54
CA THR A 87 -24.95 6.13 -3.84
C THR A 87 -26.15 6.62 -4.67
N SER A 88 -26.07 7.82 -5.26
CA SER A 88 -27.19 8.39 -6.05
C SER A 88 -27.57 7.49 -7.25
N ARG A 89 -26.55 7.09 -7.98
CA ARG A 89 -26.75 6.24 -9.13
C ARG A 89 -27.42 4.95 -8.69
N SER A 90 -26.71 4.26 -7.81
CA SER A 90 -27.16 3.01 -7.29
C SER A 90 -28.57 3.14 -6.74
N TYR A 91 -28.85 4.21 -6.00
CA TYR A 91 -30.18 4.37 -5.43
C TYR A 91 -31.30 4.29 -6.46
N LEU A 92 -30.94 4.28 -7.74
CA LEU A 92 -31.98 4.20 -8.75
C LEU A 92 -32.49 2.82 -9.06
N ILE A 93 -31.74 1.76 -8.72
CA ILE A 93 -32.17 0.35 -8.99
C ILE A 93 -32.77 -0.33 -7.76
N ASP A 94 -33.67 -1.28 -7.99
CA ASP A 94 -34.30 -2.03 -6.89
C ASP A 94 -33.50 -3.27 -6.50
N SER A 95 -33.06 -3.32 -5.25
CA SER A 95 -32.30 -4.45 -4.77
C SER A 95 -32.72 -4.71 -3.34
N PRO A 96 -33.32 -5.86 -3.07
CA PRO A 96 -33.64 -6.94 -4.01
C PRO A 96 -34.57 -6.52 -5.15
N PRO A 97 -34.52 -7.26 -6.26
CA PRO A 97 -35.29 -7.09 -7.51
C PRO A 97 -36.78 -7.29 -7.38
N THR A 98 -37.49 -6.79 -8.37
CA THR A 98 -38.94 -6.86 -8.44
C THR A 98 -39.32 -6.94 -9.90
N TYR A 99 -40.38 -7.67 -10.26
CA TYR A 99 -40.85 -7.75 -11.67
C TYR A 99 -39.93 -8.40 -12.72
N ASN A 100 -40.58 -8.97 -13.73
CA ASN A 100 -39.85 -9.58 -14.81
C ASN A 100 -40.81 -9.84 -15.95
N VAL A 101 -40.28 -10.43 -17.02
CA VAL A 101 -41.00 -10.78 -18.22
C VAL A 101 -42.45 -11.15 -17.93
N HIS A 102 -42.61 -12.12 -17.03
CA HIS A 102 -43.93 -12.60 -16.65
C HIS A 102 -44.55 -11.90 -15.44
N TYR A 103 -43.77 -11.26 -14.58
CA TYR A 103 -44.39 -10.66 -13.38
C TYR A 103 -44.54 -9.16 -13.27
N GLY A 104 -45.78 -8.74 -13.49
CA GLY A 104 -46.13 -7.33 -13.42
C GLY A 104 -46.22 -6.94 -11.97
N TYR A 105 -46.14 -7.94 -11.11
CA TYR A 105 -46.19 -7.76 -9.69
C TYR A 105 -45.00 -8.43 -9.01
N LYS A 106 -44.72 -8.01 -7.78
CA LYS A 106 -43.60 -8.51 -7.00
C LYS A 106 -43.30 -10.00 -6.91
N SER A 107 -44.29 -10.83 -6.58
CA SER A 107 -44.14 -12.30 -6.45
C SER A 107 -42.80 -13.00 -6.04
N TRP A 108 -42.88 -14.05 -5.24
CA TRP A 108 -41.66 -14.76 -4.80
C TRP A 108 -40.90 -15.40 -5.97
N GLU A 109 -41.65 -15.78 -7.00
CA GLU A 109 -41.11 -16.38 -8.23
C GLU A 109 -40.28 -15.32 -8.99
N ALA A 110 -40.88 -14.15 -9.17
CA ALA A 110 -40.23 -13.05 -9.88
C ALA A 110 -38.92 -12.73 -9.22
N PHE A 111 -38.93 -12.86 -7.90
CA PHE A 111 -37.79 -12.58 -7.04
C PHE A 111 -36.67 -13.60 -7.05
N SER A 112 -37.03 -14.86 -6.90
CA SER A 112 -36.08 -15.94 -6.81
C SER A 112 -35.67 -16.67 -8.09
N ASN A 113 -36.53 -16.71 -9.11
CA ASN A 113 -36.14 -17.45 -10.32
C ASN A 113 -34.99 -16.77 -11.03
N LEU A 114 -33.76 -17.13 -10.68
CA LEU A 114 -32.59 -16.54 -11.29
C LEU A 114 -32.45 -16.72 -12.82
N SER A 115 -33.36 -17.44 -13.46
CA SER A 115 -33.29 -17.65 -14.89
C SER A 115 -33.92 -16.50 -15.70
N TYR A 116 -34.38 -15.48 -15.02
CA TYR A 116 -34.98 -14.35 -15.66
C TYR A 116 -34.06 -13.15 -15.56
N TYR A 117 -34.25 -12.19 -16.47
CA TYR A 117 -33.51 -10.94 -16.41
C TYR A 117 -34.55 -10.20 -15.59
N THR A 118 -34.13 -9.43 -14.59
CA THR A 118 -35.13 -8.68 -13.81
C THR A 118 -35.65 -7.51 -14.65
N ARG A 119 -36.67 -6.82 -14.19
CA ARG A 119 -37.18 -5.74 -14.99
C ARG A 119 -37.39 -4.45 -14.20
N ALA A 120 -36.71 -3.37 -14.60
CA ALA A 120 -36.81 -2.07 -13.93
C ALA A 120 -38.26 -1.56 -13.99
N LEU A 121 -38.96 -1.80 -15.09
CA LEU A 121 -40.35 -1.38 -15.13
C LEU A 121 -41.12 -2.61 -15.51
N PRO A 122 -42.20 -2.89 -14.80
CA PRO A 122 -43.01 -4.05 -15.08
C PRO A 122 -43.44 -4.06 -16.55
N PRO A 123 -43.78 -5.23 -17.08
CA PRO A 123 -44.22 -5.33 -18.47
C PRO A 123 -45.59 -4.69 -18.60
N VAL A 124 -46.23 -4.87 -19.74
CA VAL A 124 -47.55 -4.27 -19.95
C VAL A 124 -48.55 -5.40 -19.94
N ALA A 125 -49.66 -5.16 -19.25
CA ALA A 125 -50.69 -6.17 -19.10
C ALA A 125 -51.10 -6.71 -20.44
N ASP A 126 -51.05 -8.03 -20.58
CA ASP A 126 -51.42 -8.67 -21.82
C ASP A 126 -52.83 -8.35 -22.26
N ASP A 127 -53.59 -7.70 -21.39
CA ASP A 127 -54.95 -7.30 -21.73
C ASP A 127 -55.05 -5.76 -21.74
N CYS A 128 -54.09 -5.13 -22.40
CA CYS A 128 -54.14 -3.71 -22.51
C CYS A 128 -54.47 -3.40 -23.95
N PRO A 129 -55.35 -2.41 -24.18
CA PRO A 129 -55.78 -2.01 -25.52
C PRO A 129 -54.64 -1.82 -26.53
N THR A 130 -53.66 -0.99 -26.19
CA THR A 130 -52.53 -0.72 -27.07
C THR A 130 -51.21 -1.21 -26.47
N PRO A 131 -50.26 -1.64 -27.32
CA PRO A 131 -48.96 -2.13 -26.83
C PRO A 131 -48.31 -1.27 -25.75
N MET A 132 -48.43 0.04 -25.87
CA MET A 132 -47.84 0.89 -24.86
C MET A 132 -48.85 1.15 -23.75
N GLY A 133 -49.77 0.20 -23.54
CA GLY A 133 -50.78 0.32 -22.51
C GLY A 133 -52.12 0.77 -23.09
N VAL A 134 -52.27 2.07 -23.21
CA VAL A 134 -53.50 2.63 -23.74
C VAL A 134 -53.25 3.62 -24.89
N LYS A 135 -52.17 4.41 -24.80
CA LYS A 135 -51.84 5.38 -25.86
C LYS A 135 -51.39 4.74 -27.17
N GLY A 136 -51.59 5.44 -28.28
CA GLY A 136 -51.18 4.92 -29.58
C GLY A 136 -52.18 4.05 -30.34
N ASN A 137 -51.74 3.53 -31.49
CA ASN A 137 -52.58 2.70 -32.34
C ASN A 137 -52.46 1.25 -31.97
N LYS A 138 -53.40 0.44 -32.47
CA LYS A 138 -53.44 -1.00 -32.22
C LYS A 138 -52.10 -1.74 -32.44
N GLU A 139 -51.08 -1.06 -32.94
CA GLU A 139 -49.79 -1.67 -33.15
C GLU A 139 -48.75 -0.62 -33.37
N LEU A 140 -47.50 -0.99 -33.12
CA LEU A 140 -46.41 -0.05 -33.32
C LEU A 140 -45.94 -0.16 -34.78
N PRO A 141 -45.25 0.87 -35.27
CA PRO A 141 -44.74 0.89 -36.63
C PRO A 141 -43.97 -0.35 -36.94
N ASP A 142 -44.09 -0.83 -38.16
CA ASP A 142 -43.37 -2.02 -38.58
C ASP A 142 -41.89 -1.77 -38.26
N SER A 143 -41.31 -2.72 -37.55
CA SER A 143 -39.91 -2.64 -37.18
C SER A 143 -38.99 -2.34 -38.41
N LYS A 144 -39.19 -3.11 -39.48
CA LYS A 144 -38.41 -2.98 -40.69
C LYS A 144 -38.36 -1.54 -41.15
N GLU A 145 -39.48 -0.85 -40.97
CA GLU A 145 -39.63 0.55 -41.38
C GLU A 145 -38.85 1.52 -40.48
N VAL A 146 -38.74 1.22 -39.19
CA VAL A 146 -37.99 2.09 -38.27
C VAL A 146 -36.50 1.78 -38.47
N LEU A 147 -36.22 0.50 -38.64
CA LEU A 147 -34.88 0.01 -38.82
C LEU A 147 -34.21 0.83 -39.91
N GLU A 148 -34.86 0.79 -41.08
CA GLU A 148 -34.44 1.48 -42.30
C GLU A 148 -34.55 3.02 -42.30
N LYS A 149 -35.71 3.57 -41.98
CA LYS A 149 -35.83 5.00 -41.96
C LYS A 149 -34.91 5.79 -41.01
N VAL A 150 -34.71 5.33 -39.78
CA VAL A 150 -33.87 6.09 -38.85
C VAL A 150 -32.71 5.36 -38.21
N LEU A 151 -32.66 4.03 -38.33
CA LEU A 151 -31.57 3.30 -37.70
C LEU A 151 -30.37 2.98 -38.57
N LEU A 152 -30.59 2.31 -39.70
CA LEU A 152 -29.51 1.94 -40.59
C LEU A 152 -28.49 3.03 -40.99
N ARG A 153 -27.25 2.63 -41.18
CA ARG A 153 -26.14 3.51 -41.55
C ARG A 153 -25.95 3.70 -43.05
N ARG A 154 -25.60 4.94 -43.45
CA ARG A 154 -25.36 5.28 -44.84
C ARG A 154 -23.90 5.66 -44.84
N GLU A 155 -23.62 6.80 -44.25
CA GLU A 155 -22.24 7.28 -44.16
C GLU A 155 -21.82 6.91 -42.77
N PHE A 156 -20.66 6.28 -42.64
CA PHE A 156 -20.19 5.87 -41.34
C PHE A 156 -19.96 7.12 -40.56
N ILE A 157 -20.68 7.25 -39.44
CA ILE A 157 -20.53 8.39 -38.57
C ILE A 157 -19.61 7.89 -37.51
N PRO A 158 -18.45 8.54 -37.31
CA PRO A 158 -17.49 8.12 -36.30
C PRO A 158 -17.92 8.65 -34.90
N ASP A 159 -17.33 8.08 -33.86
CA ASP A 159 -17.64 8.52 -32.52
C ASP A 159 -16.89 9.82 -32.26
N PRO A 160 -17.62 10.86 -31.86
CA PRO A 160 -17.00 12.16 -31.59
C PRO A 160 -16.14 12.13 -30.35
N GLN A 161 -16.21 11.04 -29.59
CA GLN A 161 -15.45 10.87 -28.36
C GLN A 161 -14.12 10.12 -28.51
N GLY A 162 -13.91 9.48 -29.65
CA GLY A 162 -12.65 8.77 -29.89
C GLY A 162 -12.62 7.27 -29.63
N SER A 163 -13.76 6.69 -29.34
CA SER A 163 -13.82 5.27 -29.07
C SER A 163 -13.16 4.47 -30.17
N ASN A 164 -12.06 3.78 -29.86
CA ASN A 164 -11.40 2.96 -30.87
C ASN A 164 -11.91 1.55 -30.80
N MET A 165 -11.17 0.59 -31.35
CA MET A 165 -11.65 -0.80 -31.33
C MET A 165 -11.32 -1.58 -30.04
N MET A 166 -10.29 -1.16 -29.32
CA MET A 166 -9.96 -1.82 -28.06
C MET A 166 -11.19 -1.68 -27.14
N PHE A 167 -11.81 -0.49 -27.17
CA PHE A 167 -12.97 -0.23 -26.37
C PHE A 167 -14.13 -1.02 -26.91
N ALA A 168 -14.50 -0.82 -28.16
CA ALA A 168 -15.64 -1.55 -28.72
C ALA A 168 -15.61 -3.04 -28.41
N PHE A 169 -14.47 -3.67 -28.57
CA PHE A 169 -14.39 -5.09 -28.30
C PHE A 169 -14.30 -5.36 -26.81
N PHE A 170 -13.74 -4.44 -26.03
CA PHE A 170 -13.69 -4.65 -24.59
C PHE A 170 -15.14 -4.65 -24.11
N ALA A 171 -15.94 -3.70 -24.59
CA ALA A 171 -17.33 -3.65 -24.21
C ALA A 171 -18.07 -4.88 -24.73
N GLN A 172 -17.64 -5.48 -25.83
CA GLN A 172 -18.36 -6.65 -26.32
C GLN A 172 -18.08 -7.84 -25.41
N HIS A 173 -16.81 -7.97 -25.08
CA HIS A 173 -16.30 -9.02 -24.23
C HIS A 173 -16.93 -8.87 -22.86
N PHE A 174 -16.59 -7.78 -22.18
CA PHE A 174 -17.07 -7.44 -20.83
C PHE A 174 -18.54 -7.65 -20.55
N THR A 175 -19.42 -7.01 -21.29
CA THR A 175 -20.84 -7.19 -21.00
C THR A 175 -21.34 -8.57 -21.30
N HIS A 176 -20.62 -9.29 -22.16
CA HIS A 176 -21.03 -10.65 -22.55
C HIS A 176 -20.93 -11.75 -21.52
N GLN A 177 -20.54 -11.36 -20.30
CA GLN A 177 -20.47 -12.31 -19.20
C GLN A 177 -21.82 -12.18 -18.53
N PHE A 178 -22.42 -10.99 -18.56
CA PHE A 178 -23.74 -10.83 -17.98
C PHE A 178 -24.92 -10.89 -18.92
N PHE A 179 -24.76 -10.52 -20.17
CA PHE A 179 -25.88 -10.62 -21.11
C PHE A 179 -25.63 -11.91 -21.86
N LYS A 180 -26.48 -12.92 -21.63
CA LYS A 180 -26.31 -14.22 -22.29
C LYS A 180 -27.66 -14.83 -22.54
N THR A 181 -28.59 -14.05 -23.05
CA THR A 181 -29.93 -14.53 -23.32
C THR A 181 -30.04 -16.01 -23.62
N ASP A 182 -30.94 -16.67 -22.91
CA ASP A 182 -31.17 -18.08 -23.06
C ASP A 182 -32.29 -18.20 -24.10
N HIS A 183 -31.89 -18.22 -25.36
CA HIS A 183 -32.85 -18.29 -26.46
C HIS A 183 -33.70 -19.54 -26.49
N LYS A 184 -33.34 -20.51 -25.64
CA LYS A 184 -34.09 -21.78 -25.56
C LYS A 184 -35.43 -21.49 -24.86
N ARG A 185 -35.37 -20.56 -23.92
CA ARG A 185 -36.55 -20.17 -23.17
C ARG A 185 -37.21 -18.90 -23.73
N GLY A 186 -36.42 -18.01 -24.31
CA GLY A 186 -36.97 -16.78 -24.86
C GLY A 186 -36.33 -15.53 -24.33
N PRO A 187 -36.52 -14.35 -24.99
CA PRO A 187 -35.88 -13.14 -24.45
C PRO A 187 -36.47 -12.94 -23.03
N GLY A 188 -35.66 -12.43 -22.14
CA GLY A 188 -36.17 -12.22 -20.80
C GLY A 188 -35.62 -13.26 -19.86
N PHE A 189 -35.02 -14.31 -20.45
CA PHE A 189 -34.39 -15.41 -19.72
C PHE A 189 -32.89 -15.34 -19.98
N THR A 190 -32.08 -15.40 -18.93
CA THR A 190 -30.63 -15.30 -19.04
C THR A 190 -29.97 -16.63 -18.76
N ARG A 191 -28.73 -16.79 -19.21
CA ARG A 191 -27.98 -18.02 -18.99
C ARG A 191 -26.85 -17.69 -18.03
N GLY A 192 -26.81 -16.44 -17.57
CA GLY A 192 -25.78 -15.98 -16.64
C GLY A 192 -26.37 -15.82 -15.26
N LEU A 193 -26.56 -16.95 -14.60
CA LEU A 193 -27.13 -17.02 -13.26
C LEU A 193 -26.29 -16.31 -12.20
N GLY A 194 -25.08 -15.90 -12.54
CA GLY A 194 -24.26 -15.20 -11.59
C GLY A 194 -24.64 -13.73 -11.58
N HIS A 195 -25.37 -13.29 -12.61
CA HIS A 195 -25.84 -11.91 -12.72
C HIS A 195 -24.84 -10.79 -12.47
N GLY A 196 -23.61 -10.98 -12.93
CA GLY A 196 -22.64 -9.94 -12.71
C GLY A 196 -21.23 -10.24 -13.15
N VAL A 197 -20.28 -9.47 -12.64
CA VAL A 197 -18.89 -9.61 -12.99
C VAL A 197 -18.28 -10.78 -12.23
N ASP A 198 -18.59 -11.96 -12.69
CA ASP A 198 -18.06 -13.16 -12.09
C ASP A 198 -16.96 -13.80 -12.94
N LEU A 199 -16.70 -13.21 -14.11
CA LEU A 199 -15.74 -13.66 -15.10
C LEU A 199 -16.10 -15.03 -15.58
N ASN A 200 -17.40 -15.27 -15.70
CA ASN A 200 -17.87 -16.57 -16.14
C ASN A 200 -17.44 -16.79 -17.57
N HIS A 201 -17.15 -15.68 -18.24
CA HIS A 201 -16.74 -15.69 -19.62
C HIS A 201 -15.25 -16.04 -19.81
N ILE A 202 -14.54 -16.27 -18.71
CA ILE A 202 -13.12 -16.64 -18.78
C ILE A 202 -13.01 -18.02 -18.21
N TYR A 203 -13.72 -18.24 -17.11
CA TYR A 203 -13.67 -19.52 -16.40
C TYR A 203 -14.76 -20.48 -16.72
N GLY A 204 -15.81 -20.05 -17.38
CA GLY A 204 -16.83 -21.01 -17.68
C GLY A 204 -18.07 -20.74 -16.87
N GLU A 205 -19.20 -21.13 -17.43
CA GLU A 205 -20.46 -20.92 -16.78
C GLU A 205 -20.65 -21.84 -15.57
N THR A 206 -20.19 -23.08 -15.69
CA THR A 206 -20.36 -24.07 -14.63
C THR A 206 -19.06 -24.75 -14.24
N LEU A 207 -19.09 -25.37 -13.05
CA LEU A 207 -17.96 -26.11 -12.45
C LEU A 207 -17.43 -27.16 -13.39
N ASP A 208 -18.33 -27.97 -13.91
CA ASP A 208 -17.93 -29.00 -14.85
C ASP A 208 -17.12 -28.38 -16.00
N ARG A 209 -17.61 -27.22 -16.50
CA ARG A 209 -16.95 -26.49 -17.59
C ARG A 209 -15.61 -25.94 -17.12
N GLN A 210 -15.57 -25.17 -16.05
CA GLN A 210 -14.28 -24.64 -15.62
C GLN A 210 -13.23 -25.70 -15.41
N HIS A 211 -13.62 -26.85 -14.90
CA HIS A 211 -12.67 -27.93 -14.66
C HIS A 211 -12.09 -28.49 -15.95
N LYS A 212 -12.83 -28.34 -17.05
CA LYS A 212 -12.36 -28.80 -18.36
C LYS A 212 -11.35 -27.79 -18.94
N LEU A 213 -11.51 -26.53 -18.57
CA LEU A 213 -10.64 -25.47 -19.03
C LEU A 213 -9.40 -25.28 -18.19
N ARG A 214 -9.36 -25.95 -17.03
CA ARG A 214 -8.23 -25.83 -16.13
C ARG A 214 -7.07 -26.76 -16.43
N LEU A 215 -5.91 -26.37 -15.92
CA LEU A 215 -4.72 -27.18 -16.13
C LEU A 215 -4.48 -28.07 -14.92
N PHE A 216 -4.87 -27.57 -13.75
CA PHE A 216 -4.69 -28.24 -12.49
C PHE A 216 -3.25 -28.33 -12.10
N LYS A 217 -2.52 -27.28 -12.43
CA LYS A 217 -1.11 -27.17 -12.10
C LYS A 217 -0.89 -25.70 -11.82
N ASP A 218 -0.62 -25.36 -10.58
CA ASP A 218 -0.37 -23.96 -10.20
C ASP A 218 -1.50 -22.98 -10.42
N GLY A 219 -2.73 -23.51 -10.38
CA GLY A 219 -3.94 -22.71 -10.56
C GLY A 219 -4.20 -22.12 -11.95
N LYS A 220 -3.39 -22.55 -12.92
CA LYS A 220 -3.45 -22.08 -14.29
C LYS A 220 -4.56 -22.69 -15.10
N LEU A 221 -5.03 -21.92 -16.09
CA LEU A 221 -6.03 -22.39 -17.02
C LEU A 221 -5.25 -23.09 -18.12
N LYS A 222 -5.87 -24.03 -18.82
CA LYS A 222 -5.17 -24.71 -19.90
C LYS A 222 -4.91 -23.69 -21.03
N TYR A 223 -3.85 -23.93 -21.81
CA TYR A 223 -3.49 -23.07 -22.94
C TYR A 223 -2.61 -23.85 -23.88
N GLN A 224 -2.23 -23.24 -25.00
CA GLN A 224 -1.35 -23.86 -25.99
C GLN A 224 -0.40 -22.82 -26.53
N VAL A 225 0.69 -23.26 -27.13
CA VAL A 225 1.63 -22.32 -27.68
C VAL A 225 1.78 -22.46 -29.20
N ILE A 226 1.40 -21.40 -29.91
CA ILE A 226 1.48 -21.34 -31.35
C ILE A 226 2.49 -20.23 -31.53
N GLY A 227 3.50 -20.47 -32.36
CA GLY A 227 4.56 -19.47 -32.50
C GLY A 227 5.15 -19.53 -31.12
N GLY A 228 5.68 -18.45 -30.59
CA GLY A 228 6.16 -18.60 -29.22
C GLY A 228 5.06 -17.97 -28.38
N GLU A 229 3.83 -18.06 -28.87
CA GLU A 229 2.68 -17.42 -28.26
C GLU A 229 1.71 -18.35 -27.57
N VAL A 230 1.15 -17.86 -26.48
CA VAL A 230 0.17 -18.58 -25.67
C VAL A 230 -1.23 -18.32 -26.29
N TYR A 231 -2.02 -19.37 -26.38
CA TYR A 231 -3.36 -19.27 -26.96
C TYR A 231 -4.30 -20.20 -26.25
N PRO A 232 -5.61 -19.93 -26.33
CA PRO A 232 -6.56 -20.80 -25.65
C PRO A 232 -6.43 -22.20 -26.23
N PRO A 233 -6.65 -23.23 -25.41
CA PRO A 233 -6.56 -24.63 -25.83
C PRO A 233 -7.74 -24.89 -26.73
N THR A 234 -7.71 -25.96 -27.47
CA THR A 234 -8.78 -26.24 -28.39
C THR A 234 -9.94 -26.99 -27.75
N VAL A 235 -11.05 -27.03 -28.48
CA VAL A 235 -12.24 -27.74 -28.06
C VAL A 235 -11.93 -29.21 -28.16
N LYS A 236 -11.17 -29.59 -29.15
CA LYS A 236 -10.83 -30.99 -29.29
C LYS A 236 -10.03 -31.49 -28.09
N ASP A 237 -9.25 -30.60 -27.46
CA ASP A 237 -8.42 -30.98 -26.35
C ASP A 237 -9.16 -30.94 -25.03
N THR A 238 -9.60 -29.74 -24.64
CA THR A 238 -10.32 -29.56 -23.38
C THR A 238 -11.66 -30.27 -23.41
N GLN A 239 -12.23 -30.34 -24.60
CA GLN A 239 -13.53 -30.95 -24.83
C GLN A 239 -14.70 -30.05 -24.47
N VAL A 240 -14.43 -28.77 -24.20
CA VAL A 240 -15.49 -27.82 -23.88
C VAL A 240 -16.30 -27.43 -25.14
N GLU A 241 -17.61 -27.34 -25.03
CA GLU A 241 -18.47 -27.04 -26.16
C GLU A 241 -18.46 -25.56 -26.46
N MET A 242 -18.09 -25.25 -27.70
CA MET A 242 -18.02 -23.87 -28.23
C MET A 242 -18.87 -23.81 -29.47
N ILE A 243 -19.32 -22.62 -29.80
CA ILE A 243 -20.14 -22.47 -30.99
C ILE A 243 -19.22 -22.02 -32.14
N TYR A 244 -19.04 -22.90 -33.13
CA TYR A 244 -18.20 -22.63 -34.30
C TYR A 244 -18.80 -23.23 -35.59
N PRO A 245 -18.73 -22.50 -36.72
CA PRO A 245 -19.25 -22.96 -38.00
C PRO A 245 -18.45 -24.17 -38.36
N PRO A 246 -19.13 -25.28 -38.72
CA PRO A 246 -18.54 -26.60 -39.09
C PRO A 246 -17.29 -26.56 -39.96
N HIS A 247 -17.24 -25.60 -40.88
CA HIS A 247 -16.08 -25.51 -41.76
C HIS A 247 -14.77 -25.16 -41.04
N ILE A 248 -14.86 -24.64 -39.80
CA ILE A 248 -13.66 -24.29 -39.06
C ILE A 248 -12.86 -25.58 -38.83
N PRO A 249 -11.62 -25.62 -39.32
CA PRO A 249 -10.64 -26.71 -39.28
C PRO A 249 -10.19 -27.29 -37.98
N GLU A 250 -10.97 -27.09 -36.91
CA GLU A 250 -10.56 -27.59 -35.57
C GLU A 250 -9.28 -26.74 -35.41
N ASN A 251 -8.36 -27.12 -34.54
CA ASN A 251 -7.09 -26.40 -34.39
C ASN A 251 -7.16 -24.88 -34.30
N LEU A 252 -8.35 -24.35 -34.44
CA LEU A 252 -8.63 -22.93 -34.43
C LEU A 252 -9.93 -22.75 -33.65
N GLN A 253 -10.52 -23.89 -33.29
CA GLN A 253 -11.72 -23.90 -32.50
C GLN A 253 -11.22 -23.71 -31.10
N PHE A 254 -11.06 -22.47 -30.68
CA PHE A 254 -10.56 -22.20 -29.35
C PHE A 254 -11.63 -22.47 -28.24
N ALA A 255 -11.17 -22.86 -27.05
CA ALA A 255 -12.04 -23.13 -25.90
C ALA A 255 -12.47 -21.90 -25.09
N VAL A 256 -11.53 -21.23 -24.46
CA VAL A 256 -11.82 -20.00 -23.68
C VAL A 256 -12.81 -19.88 -22.47
N GLY A 257 -14.10 -20.24 -22.61
CA GLY A 257 -14.97 -20.08 -21.46
C GLY A 257 -16.39 -19.67 -21.78
N GLN A 258 -16.56 -18.68 -22.67
CA GLN A 258 -17.90 -18.24 -23.12
C GLN A 258 -18.05 -19.02 -24.43
N GLU A 259 -19.13 -19.76 -24.59
CA GLU A 259 -19.28 -20.58 -25.80
C GLU A 259 -19.50 -19.87 -27.16
N VAL A 260 -19.43 -18.54 -27.14
CA VAL A 260 -19.63 -17.77 -28.35
C VAL A 260 -18.47 -16.87 -28.72
N PHE A 261 -17.41 -16.84 -27.91
CA PHE A 261 -16.28 -15.97 -28.22
C PHE A 261 -15.39 -16.46 -29.39
N GLY A 262 -15.89 -17.41 -30.17
CA GLY A 262 -15.12 -17.90 -31.30
C GLY A 262 -15.66 -17.34 -32.61
N LEU A 263 -16.79 -16.66 -32.50
CA LEU A 263 -17.45 -16.08 -33.64
C LEU A 263 -16.92 -14.72 -34.02
N VAL A 264 -16.04 -14.14 -33.20
CA VAL A 264 -15.50 -12.80 -33.45
C VAL A 264 -14.09 -12.65 -32.86
N PRO A 265 -13.06 -12.53 -33.73
CA PRO A 265 -11.66 -12.38 -33.31
C PRO A 265 -11.37 -11.24 -32.33
N GLY A 266 -12.25 -10.23 -32.27
CA GLY A 266 -12.03 -9.14 -31.35
C GLY A 266 -12.23 -9.65 -29.94
N LEU A 267 -13.17 -10.59 -29.83
CA LEU A 267 -13.50 -11.24 -28.58
C LEU A 267 -12.37 -12.20 -28.24
N MET A 268 -12.02 -13.09 -29.16
CA MET A 268 -10.95 -14.05 -28.92
C MET A 268 -9.62 -13.37 -28.55
N MET A 269 -9.46 -12.13 -28.96
CA MET A 269 -8.24 -11.37 -28.67
C MET A 269 -8.21 -11.16 -27.18
N TYR A 270 -9.32 -10.63 -26.66
CA TYR A 270 -9.48 -10.35 -25.24
C TYR A 270 -9.62 -11.66 -24.49
N ALA A 271 -10.18 -12.68 -25.15
CA ALA A 271 -10.34 -13.98 -24.54
C ALA A 271 -8.95 -14.47 -24.21
N THR A 272 -8.01 -14.14 -25.09
CA THR A 272 -6.63 -14.59 -24.92
C THR A 272 -5.82 -13.75 -23.95
N ILE A 273 -6.04 -12.44 -23.94
CA ILE A 273 -5.29 -11.57 -23.02
C ILE A 273 -5.59 -11.85 -21.53
N TRP A 274 -6.85 -12.16 -21.25
CA TRP A 274 -7.26 -12.50 -19.89
C TRP A 274 -6.74 -13.88 -19.57
N LEU A 275 -6.79 -14.81 -20.52
CA LEU A 275 -6.25 -16.14 -20.21
C LEU A 275 -4.80 -15.91 -19.82
N ARG A 276 -4.13 -15.06 -20.58
CA ARG A 276 -2.74 -14.75 -20.29
C ARG A 276 -2.64 -14.14 -18.90
N GLU A 277 -3.55 -13.21 -18.60
CA GLU A 277 -3.56 -12.52 -17.32
C GLU A 277 -3.72 -13.45 -16.14
N HIS A 278 -4.69 -14.37 -16.23
CA HIS A 278 -4.92 -15.35 -15.17
C HIS A 278 -3.59 -16.01 -14.76
N GLN A 279 -3.04 -16.82 -15.64
CA GLN A 279 -1.75 -17.48 -15.45
C GLN A 279 -0.72 -16.54 -14.83
N ARG A 280 -0.53 -15.36 -15.45
CA ARG A 280 0.42 -14.34 -14.95
C ARG A 280 0.29 -14.12 -13.44
N VAL A 281 -0.96 -14.04 -12.96
CA VAL A 281 -1.24 -13.90 -11.54
C VAL A 281 -0.85 -15.20 -10.80
N CYS A 282 -1.22 -16.34 -11.36
CA CYS A 282 -0.90 -17.60 -10.73
C CYS A 282 0.55 -17.63 -10.37
N ASP A 283 1.41 -17.36 -11.35
CA ASP A 283 2.85 -17.37 -11.11
C ASP A 283 3.24 -16.40 -10.02
N ILE A 284 2.56 -15.27 -9.96
CA ILE A 284 2.84 -14.26 -8.97
C ILE A 284 2.45 -14.75 -7.58
N LEU A 285 1.29 -15.39 -7.51
CA LEU A 285 0.78 -15.92 -6.26
C LEU A 285 1.59 -17.12 -5.75
N LYS A 286 2.19 -17.89 -6.67
CA LYS A 286 3.00 -19.04 -6.31
C LYS A 286 4.29 -18.53 -5.74
N GLN A 287 4.75 -17.42 -6.28
CA GLN A 287 6.00 -16.80 -5.84
C GLN A 287 5.89 -16.34 -4.39
N GLU A 288 4.66 -16.09 -3.95
CA GLU A 288 4.37 -15.66 -2.58
C GLU A 288 3.88 -16.82 -1.73
N HIS A 289 3.41 -17.85 -2.38
CA HIS A 289 2.90 -18.98 -1.67
C HIS A 289 3.41 -20.34 -2.22
N PRO A 290 4.65 -20.69 -1.85
CA PRO A 290 5.29 -21.94 -2.25
C PRO A 290 4.45 -23.08 -1.71
N GLU A 291 3.76 -22.77 -0.62
CA GLU A 291 2.93 -23.72 0.04
C GLU A 291 1.52 -23.84 -0.52
N TRP A 292 1.09 -22.90 -1.35
CA TRP A 292 -0.26 -22.99 -1.88
C TRP A 292 -0.35 -24.08 -2.92
N GLY A 293 -1.57 -24.49 -3.21
CA GLY A 293 -1.75 -25.54 -4.18
C GLY A 293 -2.62 -25.03 -5.31
N ASP A 294 -2.91 -25.90 -6.27
CA ASP A 294 -3.73 -25.53 -7.39
C ASP A 294 -4.99 -24.75 -7.07
N GLU A 295 -6.02 -25.41 -6.54
CA GLU A 295 -7.31 -24.74 -6.24
C GLU A 295 -7.24 -23.44 -5.50
N GLN A 296 -6.23 -23.24 -4.67
CA GLN A 296 -6.14 -21.98 -3.96
C GLN A 296 -5.51 -20.94 -4.87
N LEU A 297 -4.55 -21.36 -5.69
CA LEU A 297 -3.94 -20.42 -6.61
C LEU A 297 -5.04 -20.01 -7.54
N PHE A 298 -5.83 -20.98 -8.02
CA PHE A 298 -6.93 -20.68 -8.93
C PHE A 298 -7.99 -19.75 -8.32
N GLN A 299 -8.66 -20.23 -7.29
CA GLN A 299 -9.70 -19.44 -6.63
C GLN A 299 -9.30 -18.02 -6.25
N THR A 300 -8.02 -17.82 -5.92
CA THR A 300 -7.55 -16.49 -5.57
C THR A 300 -7.34 -15.67 -6.86
N SER A 301 -6.76 -16.32 -7.88
CA SER A 301 -6.51 -15.68 -9.17
C SER A 301 -7.84 -15.18 -9.71
N LYS A 302 -8.85 -16.05 -9.79
CA LYS A 302 -10.16 -15.64 -10.25
C LYS A 302 -10.72 -14.51 -9.40
N LEU A 303 -10.17 -14.26 -8.22
CA LEU A 303 -10.67 -13.14 -7.40
C LEU A 303 -9.95 -11.84 -7.73
N ILE A 304 -8.68 -11.93 -8.06
CA ILE A 304 -7.89 -10.75 -8.44
C ILE A 304 -8.36 -10.20 -9.78
N LEU A 305 -8.60 -11.09 -10.76
CA LEU A 305 -9.06 -10.67 -12.10
C LEU A 305 -10.43 -9.99 -12.01
N ILE A 306 -11.29 -10.41 -11.08
CA ILE A 306 -12.59 -9.76 -10.94
C ILE A 306 -12.34 -8.32 -10.46
N GLY A 307 -11.37 -8.14 -9.57
CA GLY A 307 -11.05 -6.81 -9.08
C GLY A 307 -10.48 -5.94 -10.18
N GLU A 308 -9.58 -6.50 -10.99
CA GLU A 308 -8.98 -5.78 -12.10
C GLU A 308 -10.13 -5.37 -12.98
N THR A 309 -10.91 -6.34 -13.42
CA THR A 309 -12.05 -6.06 -14.26
C THR A 309 -12.85 -4.88 -13.74
N ILE A 310 -13.26 -4.94 -12.48
CA ILE A 310 -14.05 -3.84 -11.92
C ILE A 310 -13.25 -2.53 -11.92
N LYS A 311 -11.96 -2.63 -11.70
CA LYS A 311 -11.08 -1.48 -11.64
C LYS A 311 -11.03 -0.80 -13.00
N ILE A 312 -10.60 -1.57 -13.98
CA ILE A 312 -10.47 -1.11 -15.35
C ILE A 312 -11.76 -0.52 -15.89
N VAL A 313 -12.90 -1.18 -15.58
CA VAL A 313 -14.20 -0.72 -16.05
C VAL A 313 -14.63 0.59 -15.43
N ILE A 314 -14.12 0.92 -14.27
CA ILE A 314 -14.55 2.17 -13.66
C ILE A 314 -13.66 3.32 -14.07
N GLU A 315 -12.38 3.19 -13.82
CA GLU A 315 -11.41 4.25 -14.11
C GLU A 315 -10.86 4.40 -15.52
N ASP A 316 -11.10 3.44 -16.41
CA ASP A 316 -10.65 3.53 -17.78
C ASP A 316 -11.85 3.60 -18.71
N TYR A 317 -12.55 2.48 -18.82
CA TYR A 317 -13.77 2.32 -19.63
C TYR A 317 -14.83 3.43 -19.33
N VAL A 318 -15.49 3.32 -18.19
CA VAL A 318 -16.51 4.28 -17.80
C VAL A 318 -15.95 5.69 -17.80
N GLN A 319 -14.73 5.84 -17.28
CA GLN A 319 -14.11 7.16 -17.21
C GLN A 319 -14.21 7.84 -18.56
N HIS A 320 -13.69 7.15 -19.55
CA HIS A 320 -13.65 7.58 -20.94
C HIS A 320 -15.04 7.82 -21.49
N LEU A 321 -15.92 6.84 -21.30
CA LEU A 321 -17.29 6.98 -21.77
C LEU A 321 -17.96 8.27 -21.23
N SER A 322 -17.59 8.71 -20.04
CA SER A 322 -18.16 9.90 -19.43
C SER A 322 -17.56 11.19 -19.95
N GLY A 323 -16.26 11.19 -20.12
CA GLY A 323 -15.62 12.40 -20.61
C GLY A 323 -15.62 13.44 -19.52
N TYR A 324 -15.74 12.99 -18.27
CA TYR A 324 -15.72 13.91 -17.16
C TYR A 324 -14.25 14.21 -16.87
N HIS A 325 -14.01 15.43 -16.42
CA HIS A 325 -12.68 15.85 -16.04
C HIS A 325 -12.40 15.28 -14.69
N PHE A 326 -13.45 14.98 -13.92
CA PHE A 326 -13.31 14.37 -12.58
C PHE A 326 -12.84 12.91 -12.73
N LYS A 327 -11.83 12.54 -11.94
CA LYS A 327 -11.29 11.20 -11.99
C LYS A 327 -12.14 10.21 -11.19
N LEU A 328 -12.90 9.37 -11.89
CA LEU A 328 -13.72 8.34 -11.26
C LEU A 328 -12.77 7.41 -10.52
N LYS A 329 -13.23 6.82 -9.42
CA LYS A 329 -12.37 5.97 -8.59
C LYS A 329 -13.03 4.68 -8.15
N PHE A 330 -12.24 3.60 -8.15
CA PHE A 330 -12.75 2.33 -7.67
C PHE A 330 -12.25 2.17 -6.24
N ASP A 331 -13.11 2.48 -5.28
CA ASP A 331 -12.76 2.36 -3.87
C ASP A 331 -13.94 1.81 -3.10
N PRO A 332 -13.99 0.48 -2.94
CA PRO A 332 -15.07 -0.21 -2.22
C PRO A 332 -15.38 0.40 -0.85
N GLU A 333 -14.42 1.13 -0.28
CA GLU A 333 -14.62 1.77 1.00
C GLU A 333 -15.61 2.93 0.95
N LEU A 334 -15.73 3.58 -0.20
CA LEU A 334 -16.65 4.71 -0.29
C LEU A 334 -18.03 4.39 0.29
N LEU A 335 -18.39 3.13 0.19
CA LEU A 335 -19.68 2.67 0.65
C LEU A 335 -19.71 2.01 2.02
N PHE A 336 -18.56 1.92 2.69
CA PHE A 336 -18.50 1.26 3.99
C PHE A 336 -19.31 1.94 5.09
N ASN A 337 -19.68 3.20 4.88
CA ASN A 337 -20.51 3.91 5.85
C ASN A 337 -21.87 4.17 5.24
N GLN A 338 -22.07 3.71 4.02
CA GLN A 338 -23.32 3.91 3.31
C GLN A 338 -24.17 2.66 3.39
N GLN A 339 -25.47 2.83 3.17
CA GLN A 339 -26.37 1.70 3.11
C GLN A 339 -26.19 1.24 1.61
N PHE A 340 -25.89 -0.03 1.38
CA PHE A 340 -25.68 -0.51 0.04
C PHE A 340 -25.89 -2.04 -0.05
N GLN A 341 -26.64 -2.49 -1.05
CA GLN A 341 -26.94 -3.91 -1.27
C GLN A 341 -25.89 -4.52 -2.15
N TYR A 342 -25.03 -5.33 -1.54
CA TYR A 342 -23.98 -5.99 -2.27
C TYR A 342 -24.55 -7.19 -2.97
N GLN A 343 -25.54 -6.93 -3.82
CA GLN A 343 -26.17 -7.98 -4.61
C GLN A 343 -26.60 -7.33 -5.92
N ASN A 344 -27.06 -8.14 -6.87
CA ASN A 344 -27.49 -7.61 -8.16
C ASN A 344 -28.20 -8.60 -9.06
N ARG A 345 -29.01 -8.10 -10.01
CA ARG A 345 -29.78 -8.93 -10.95
C ARG A 345 -29.77 -8.22 -12.28
N ILE A 346 -29.20 -8.79 -13.35
CA ILE A 346 -29.22 -8.07 -14.62
C ILE A 346 -30.62 -8.00 -15.19
N ALA A 347 -30.99 -6.77 -15.51
CA ALA A 347 -32.29 -6.42 -16.04
C ALA A 347 -32.31 -6.40 -17.53
N SER A 348 -33.48 -6.63 -18.12
CA SER A 348 -33.63 -6.59 -19.57
C SER A 348 -33.22 -5.19 -20.08
N GLU A 349 -33.84 -4.14 -19.52
CA GLU A 349 -33.52 -2.80 -19.98
C GLU A 349 -32.05 -2.52 -20.11
N PHE A 350 -31.24 -3.07 -19.22
CA PHE A 350 -29.80 -2.81 -19.32
C PHE A 350 -29.25 -3.52 -20.55
N ASN A 351 -29.81 -4.69 -20.87
CA ASN A 351 -29.36 -5.46 -22.01
C ASN A 351 -29.64 -4.66 -23.25
N THR A 352 -30.83 -4.07 -23.30
CA THR A 352 -31.24 -3.28 -24.43
C THR A 352 -30.33 -2.09 -24.53
N LEU A 353 -30.25 -1.28 -23.48
CA LEU A 353 -29.41 -0.10 -23.50
C LEU A 353 -28.01 -0.44 -24.03
N TYR A 354 -27.48 -1.60 -23.62
CA TYR A 354 -26.15 -2.00 -24.01
C TYR A 354 -25.98 -2.56 -25.41
N HIS A 355 -26.99 -2.34 -26.26
CA HIS A 355 -26.91 -2.80 -27.62
C HIS A 355 -26.21 -1.67 -28.39
N TRP A 356 -24.89 -1.75 -28.41
CA TRP A 356 -24.05 -0.76 -29.06
C TRP A 356 -23.48 -1.19 -30.40
N HIS A 357 -24.31 -1.79 -31.25
CA HIS A 357 -23.81 -2.22 -32.56
C HIS A 357 -23.22 -1.07 -33.43
N PRO A 358 -23.72 0.18 -33.25
CA PRO A 358 -23.22 1.34 -34.00
C PRO A 358 -21.71 1.62 -33.78
N LEU A 359 -21.08 0.95 -32.82
CA LEU A 359 -19.66 1.17 -32.57
C LEU A 359 -18.90 0.54 -33.71
N LEU A 360 -19.48 -0.49 -34.30
CA LEU A 360 -18.85 -1.23 -35.41
C LEU A 360 -18.57 -0.43 -36.69
N PRO A 361 -17.37 -0.56 -37.22
CA PRO A 361 -17.06 0.18 -38.43
C PRO A 361 -17.57 -0.71 -39.56
N ASP A 362 -17.36 -0.29 -40.81
CA ASP A 362 -17.80 -1.07 -41.97
C ASP A 362 -16.80 -2.16 -42.38
N THR A 363 -15.54 -1.98 -41.98
CA THR A 363 -14.48 -2.96 -42.25
C THR A 363 -13.59 -2.99 -41.03
N PHE A 364 -13.06 -4.17 -40.73
CA PHE A 364 -12.18 -4.33 -39.58
C PHE A 364 -10.78 -4.26 -40.17
N ASN A 365 -10.14 -3.11 -39.98
CA ASN A 365 -8.84 -2.85 -40.54
C ASN A 365 -7.74 -3.26 -39.58
N ILE A 366 -7.19 -4.45 -39.80
CA ILE A 366 -6.12 -4.95 -38.95
C ILE A 366 -4.82 -4.78 -39.71
N GLU A 367 -4.18 -3.65 -39.43
CA GLU A 367 -2.92 -3.22 -40.03
C GLU A 367 -2.54 -3.85 -41.35
N ASP A 368 -2.76 -3.07 -42.41
CA ASP A 368 -2.49 -3.40 -43.81
C ASP A 368 -3.63 -4.15 -44.53
N GLN A 369 -4.43 -4.92 -43.80
CA GLN A 369 -5.58 -5.59 -44.42
C GLN A 369 -6.86 -5.07 -43.76
N GLU A 370 -7.91 -4.91 -44.56
CA GLU A 370 -9.18 -4.46 -44.02
C GLU A 370 -10.12 -5.63 -44.25
N TYR A 371 -11.03 -5.86 -43.31
CA TYR A 371 -11.94 -6.97 -43.47
C TYR A 371 -13.44 -6.63 -43.52
N SER A 372 -14.16 -7.42 -44.29
CA SER A 372 -15.59 -7.25 -44.40
C SER A 372 -16.09 -8.00 -43.20
N PHE A 373 -17.28 -7.66 -42.73
CA PHE A 373 -17.83 -8.37 -41.58
C PHE A 373 -17.70 -9.83 -41.93
N LYS A 374 -18.27 -10.19 -43.06
CA LYS A 374 -18.26 -11.58 -43.53
C LYS A 374 -16.91 -12.24 -43.53
N GLN A 375 -15.86 -11.47 -43.69
CA GLN A 375 -14.52 -12.03 -43.70
C GLN A 375 -13.93 -12.23 -42.31
N PHE A 376 -14.30 -11.32 -41.42
CA PHE A 376 -13.83 -11.30 -40.03
C PHE A 376 -14.53 -12.35 -39.18
N LEU A 377 -15.84 -12.50 -39.37
CA LEU A 377 -16.63 -13.42 -38.58
C LEU A 377 -16.07 -14.80 -38.42
N TYR A 378 -15.93 -15.23 -37.16
CA TYR A 378 -15.39 -16.52 -36.76
C TYR A 378 -14.18 -16.95 -37.57
N ASN A 379 -13.29 -16.00 -37.79
CA ASN A 379 -12.09 -16.24 -38.55
C ASN A 379 -10.96 -16.02 -37.57
N ASN A 380 -10.56 -17.08 -36.87
CA ASN A 380 -9.46 -16.97 -35.89
C ASN A 380 -8.04 -16.92 -36.46
N SER A 381 -7.86 -17.39 -37.68
CA SER A 381 -6.55 -17.32 -38.29
C SER A 381 -6.11 -15.85 -38.32
N ILE A 382 -7.06 -14.93 -38.49
CA ILE A 382 -6.73 -13.51 -38.53
C ILE A 382 -5.95 -13.14 -37.25
N LEU A 383 -6.41 -13.68 -36.12
CA LEU A 383 -5.82 -13.43 -34.82
C LEU A 383 -4.45 -14.06 -34.86
N LEU A 384 -4.40 -15.33 -35.25
CA LEU A 384 -3.13 -16.05 -35.36
C LEU A 384 -2.22 -15.40 -36.42
N GLU A 385 -2.84 -14.69 -37.37
CA GLU A 385 -2.12 -14.01 -38.43
C GLU A 385 -1.23 -12.92 -37.90
N HIS A 386 -1.86 -11.80 -37.55
CA HIS A 386 -1.17 -10.62 -37.05
C HIS A 386 -0.74 -10.70 -35.59
N GLY A 387 -1.52 -11.48 -34.84
CA GLY A 387 -1.24 -11.77 -33.44
C GLY A 387 -1.10 -10.78 -32.29
N LEU A 388 -2.22 -10.42 -31.73
CA LEU A 388 -2.24 -9.56 -30.55
C LEU A 388 -1.54 -8.20 -30.63
N THR A 389 -0.22 -8.17 -30.60
CA THR A 389 0.55 -6.92 -30.66
C THR A 389 0.05 -6.13 -31.86
N GLN A 390 0.13 -6.76 -33.02
CA GLN A 390 -0.37 -6.13 -34.23
C GLN A 390 -1.78 -6.65 -34.24
N PHE A 391 -2.63 -5.90 -33.56
CA PHE A 391 -4.03 -6.22 -33.41
C PHE A 391 -4.39 -5.19 -32.39
N VAL A 392 -3.51 -5.07 -31.41
CA VAL A 392 -3.67 -4.10 -30.35
C VAL A 392 -3.33 -2.74 -30.93
N GLU A 393 -2.22 -2.69 -31.67
CA GLU A 393 -1.79 -1.45 -32.35
C GLU A 393 -2.84 -1.01 -33.36
N SER A 394 -3.32 -1.95 -34.16
CA SER A 394 -4.35 -1.63 -35.13
C SER A 394 -5.54 -1.07 -34.41
N PHE A 395 -6.15 -1.89 -33.57
CA PHE A 395 -7.34 -1.49 -32.80
C PHE A 395 -7.24 -0.24 -31.93
N THR A 396 -6.05 0.08 -31.40
CA THR A 396 -5.86 1.29 -30.59
C THR A 396 -6.13 2.50 -31.49
N ARG A 397 -5.81 2.32 -32.76
CA ARG A 397 -5.95 3.34 -33.79
C ARG A 397 -7.03 2.96 -34.80
N GLN A 398 -8.29 3.10 -34.43
CA GLN A 398 -9.39 2.85 -35.36
C GLN A 398 -10.70 3.22 -34.71
N ILE A 399 -11.21 4.43 -34.98
CA ILE A 399 -12.48 4.87 -34.39
C ILE A 399 -13.62 3.88 -34.57
N ALA A 400 -14.59 3.98 -33.67
CA ALA A 400 -15.82 3.20 -33.66
C ALA A 400 -16.94 4.20 -33.97
N GLY A 401 -18.05 3.72 -34.51
CA GLY A 401 -19.15 4.61 -34.83
C GLY A 401 -19.78 5.32 -33.62
N ARG A 402 -20.61 6.30 -33.89
CA ARG A 402 -21.29 7.02 -32.82
C ARG A 402 -22.51 6.17 -32.50
N VAL A 403 -22.81 5.96 -31.22
CA VAL A 403 -23.99 5.17 -30.90
C VAL A 403 -25.25 6.02 -31.15
N ALA A 404 -25.48 7.02 -30.30
CA ALA A 404 -26.61 7.95 -30.44
C ALA A 404 -26.43 8.83 -31.67
N GLY A 405 -27.38 9.70 -31.94
CA GLY A 405 -27.26 10.55 -33.12
C GLY A 405 -28.24 10.19 -34.20
N GLY A 406 -28.15 8.98 -34.73
CA GLY A 406 -29.09 8.55 -35.74
C GLY A 406 -28.42 7.72 -36.80
N ARG A 407 -29.26 6.99 -37.52
CA ARG A 407 -28.84 6.17 -38.64
C ARG A 407 -27.36 5.64 -38.67
N ASN A 408 -26.90 4.94 -37.62
CA ASN A 408 -25.53 4.44 -37.64
C ASN A 408 -25.38 2.91 -37.51
N VAL A 409 -26.48 2.18 -37.64
CA VAL A 409 -26.43 0.72 -37.51
C VAL A 409 -25.90 0.00 -38.76
N PRO A 410 -24.72 -0.63 -38.65
CA PRO A 410 -24.16 -1.36 -39.78
C PRO A 410 -25.20 -2.26 -40.38
N ILE A 411 -25.40 -2.15 -41.69
CA ILE A 411 -26.39 -2.95 -42.40
C ILE A 411 -26.11 -4.43 -42.19
N ALA A 412 -24.91 -4.75 -41.74
CA ALA A 412 -24.55 -6.15 -41.47
C ALA A 412 -25.33 -6.69 -40.24
N VAL A 413 -25.11 -6.07 -39.11
CA VAL A 413 -25.81 -6.45 -37.94
C VAL A 413 -27.19 -5.76 -37.91
N GLN A 414 -27.87 -5.73 -39.05
CA GLN A 414 -29.16 -5.10 -39.10
C GLN A 414 -30.25 -6.06 -38.71
N ALA A 415 -29.95 -7.34 -38.83
CA ALA A 415 -30.89 -8.40 -38.42
C ALA A 415 -31.00 -8.27 -36.90
N VAL A 416 -29.86 -7.98 -36.28
CA VAL A 416 -29.74 -7.78 -34.85
C VAL A 416 -30.60 -6.58 -34.40
N ALA A 417 -30.30 -5.41 -34.93
CA ALA A 417 -31.04 -4.22 -34.55
C ALA A 417 -32.54 -4.36 -34.63
N LYS A 418 -33.01 -5.06 -35.66
CA LYS A 418 -34.46 -5.22 -35.83
C LYS A 418 -34.89 -6.15 -34.74
N ALA A 419 -34.13 -7.22 -34.58
CA ALA A 419 -34.38 -8.22 -33.55
C ALA A 419 -34.58 -7.50 -32.23
N SER A 420 -33.71 -6.56 -31.89
CA SER A 420 -33.89 -5.85 -30.65
C SER A 420 -35.26 -5.24 -30.60
N ILE A 421 -35.60 -4.49 -31.64
CA ILE A 421 -36.90 -3.84 -31.71
C ILE A 421 -37.98 -4.85 -31.46
N ASP A 422 -37.99 -5.92 -32.26
CA ASP A 422 -38.99 -6.96 -32.16
C ASP A 422 -39.14 -7.57 -30.78
N GLN A 423 -38.02 -7.95 -30.16
CA GLN A 423 -38.03 -8.55 -28.82
C GLN A 423 -38.51 -7.61 -27.71
N SER A 424 -38.04 -6.36 -27.68
CA SER A 424 -38.47 -5.43 -26.68
C SER A 424 -39.97 -5.37 -26.76
N ARG A 425 -40.47 -5.55 -27.96
CA ARG A 425 -41.90 -5.53 -28.17
C ARG A 425 -42.55 -6.78 -27.56
N GLU A 426 -41.93 -7.94 -27.77
CA GLU A 426 -42.51 -9.16 -27.24
C GLU A 426 -42.38 -9.25 -25.76
N MET A 427 -41.36 -8.58 -25.21
CA MET A 427 -41.14 -8.55 -23.78
C MET A 427 -41.99 -7.42 -23.19
N LYS A 428 -43.15 -7.17 -23.81
CA LYS A 428 -44.04 -6.10 -23.39
C LYS A 428 -43.37 -4.90 -22.74
N TYR A 429 -42.51 -4.21 -23.46
CA TYR A 429 -41.85 -3.04 -22.90
C TYR A 429 -42.79 -1.84 -22.80
N GLN A 430 -42.36 -0.83 -22.04
CA GLN A 430 -43.12 0.43 -21.87
C GLN A 430 -42.46 1.56 -22.72
N SER A 431 -43.17 2.66 -22.85
CA SER A 431 -42.69 3.76 -23.65
C SER A 431 -41.38 4.35 -23.17
N LEU A 432 -40.65 4.95 -24.10
CA LEU A 432 -39.38 5.59 -23.78
C LEU A 432 -39.65 6.64 -22.71
N ASN A 433 -40.81 7.29 -22.78
CA ASN A 433 -41.14 8.33 -21.83
C ASN A 433 -41.38 7.86 -20.43
N GLU A 434 -41.96 6.66 -20.31
CA GLU A 434 -42.19 6.05 -19.01
C GLU A 434 -40.80 5.75 -18.42
N TYR A 435 -39.94 5.11 -19.21
CA TYR A 435 -38.61 4.84 -18.77
C TYR A 435 -37.89 6.13 -18.36
N ARG A 436 -38.10 7.19 -19.14
CA ARG A 436 -37.47 8.48 -18.87
C ARG A 436 -37.95 8.92 -17.51
N LYS A 437 -39.25 8.83 -17.30
CA LYS A 437 -39.88 9.20 -16.04
C LYS A 437 -39.24 8.37 -14.93
N ARG A 438 -39.13 7.05 -15.17
CA ARG A 438 -38.57 6.11 -14.22
C ARG A 438 -37.23 6.55 -13.70
N PHE A 439 -36.42 7.17 -14.54
CA PHE A 439 -35.11 7.60 -14.08
C PHE A 439 -34.96 9.06 -13.77
N SER A 440 -36.03 9.61 -13.21
CA SER A 440 -36.06 11.01 -12.82
C SER A 440 -35.77 11.99 -13.96
N LEU A 441 -35.99 11.55 -15.18
CA LEU A 441 -35.76 12.40 -16.32
C LEU A 441 -37.12 12.98 -16.72
N LYS A 442 -37.09 14.12 -17.39
CA LYS A 442 -38.29 14.79 -17.86
C LYS A 442 -38.62 14.22 -19.24
N PRO A 443 -39.86 13.80 -19.50
CA PRO A 443 -40.17 13.23 -20.81
C PRO A 443 -40.08 14.16 -22.02
N TYR A 444 -39.83 13.56 -23.17
CA TYR A 444 -39.78 14.29 -24.42
C TYR A 444 -41.19 14.71 -24.84
N THR A 445 -41.34 15.96 -25.25
CA THR A 445 -42.61 16.48 -25.69
C THR A 445 -42.78 16.35 -27.20
N SER A 446 -41.78 15.80 -27.89
CA SER A 446 -41.86 15.68 -29.34
C SER A 446 -40.69 14.89 -29.96
N PHE A 447 -40.98 14.19 -31.05
CA PHE A 447 -39.95 13.41 -31.74
C PHE A 447 -38.89 14.40 -32.11
N GLU A 448 -39.37 15.59 -32.41
CA GLU A 448 -38.52 16.69 -32.76
C GLU A 448 -37.60 16.99 -31.57
N GLU A 449 -38.18 16.97 -30.36
CA GLU A 449 -37.41 17.20 -29.13
C GLU A 449 -36.36 16.11 -28.90
N LEU A 450 -36.77 14.89 -29.19
CA LEU A 450 -35.93 13.72 -29.02
C LEU A 450 -34.67 13.77 -29.87
N THR A 451 -34.83 13.77 -31.19
CA THR A 451 -33.73 13.76 -32.16
C THR A 451 -32.80 14.95 -32.21
N GLY A 452 -33.34 16.14 -31.94
CA GLY A 452 -32.54 17.36 -31.98
C GLY A 452 -32.40 17.92 -33.39
N GLU A 453 -33.28 17.43 -34.27
CA GLU A 453 -33.32 17.83 -35.67
C GLU A 453 -34.74 17.50 -36.14
N LYS A 454 -35.06 17.68 -37.41
CA LYS A 454 -36.40 17.34 -37.84
C LYS A 454 -36.50 16.37 -38.98
N GLU A 455 -35.39 16.10 -39.64
CA GLU A 455 -35.42 15.16 -40.76
C GLU A 455 -35.99 13.83 -40.24
N MET A 456 -35.27 13.20 -39.28
CA MET A 456 -35.67 11.92 -38.65
C MET A 456 -36.88 12.15 -37.76
N ALA A 457 -36.77 13.19 -36.93
CA ALA A 457 -37.81 13.56 -35.99
C ALA A 457 -39.17 13.43 -36.62
N ALA A 458 -39.42 14.24 -37.63
CA ALA A 458 -40.71 14.20 -38.32
C ALA A 458 -40.91 12.82 -38.96
N GLU A 459 -39.81 12.25 -39.41
CA GLU A 459 -39.82 10.94 -40.05
C GLU A 459 -40.40 9.92 -39.08
N LEU A 460 -39.95 10.01 -37.82
CA LEU A 460 -40.41 9.12 -36.75
C LEU A 460 -41.83 9.43 -36.43
N LYS A 461 -42.14 10.73 -36.36
CA LYS A 461 -43.49 11.21 -36.06
C LYS A 461 -44.50 10.55 -36.97
N ALA A 462 -44.16 10.46 -38.24
CA ALA A 462 -45.03 9.84 -39.23
C ALA A 462 -45.29 8.41 -38.83
N LEU A 463 -44.34 7.81 -38.14
CA LEU A 463 -44.47 6.43 -37.70
C LEU A 463 -45.16 6.24 -36.35
N TYR A 464 -44.63 6.88 -35.30
CA TYR A 464 -45.21 6.72 -33.96
C TYR A 464 -46.34 7.69 -33.63
N SER A 465 -46.46 8.75 -34.41
CA SER A 465 -47.51 9.74 -34.20
C SER A 465 -47.47 10.48 -32.86
N ASP A 466 -47.74 9.75 -31.77
CA ASP A 466 -47.74 10.33 -30.42
C ASP A 466 -46.31 10.11 -29.90
N ILE A 467 -45.65 11.18 -29.44
CA ILE A 467 -44.27 11.04 -28.92
C ILE A 467 -44.16 9.99 -27.77
N ASP A 468 -45.09 10.04 -26.82
CA ASP A 468 -45.08 9.12 -25.71
C ASP A 468 -44.89 7.70 -26.22
N VAL A 469 -45.77 7.31 -27.12
CA VAL A 469 -45.75 5.97 -27.71
C VAL A 469 -44.44 5.54 -28.37
N MET A 470 -43.45 6.44 -28.39
CA MET A 470 -42.16 6.09 -28.97
C MET A 470 -41.47 5.04 -28.07
N GLU A 471 -40.84 4.04 -28.72
CA GLU A 471 -40.11 2.94 -28.09
C GLU A 471 -38.72 3.29 -27.57
N LEU A 472 -38.31 2.63 -26.49
CA LEU A 472 -37.01 2.83 -25.82
C LEU A 472 -35.78 2.56 -26.64
N TYR A 473 -35.69 1.37 -27.24
CA TYR A 473 -34.49 1.02 -28.02
C TYR A 473 -34.13 1.97 -29.16
N PRO A 474 -35.07 2.19 -30.12
CA PRO A 474 -34.85 3.09 -31.26
C PRO A 474 -34.42 4.47 -30.81
N ALA A 475 -35.20 5.03 -29.88
CA ALA A 475 -34.94 6.36 -29.33
C ALA A 475 -33.52 6.57 -28.81
N LEU A 476 -32.94 5.52 -28.25
CA LEU A 476 -31.60 5.59 -27.72
C LEU A 476 -30.58 5.94 -28.81
N LEU A 477 -30.74 5.29 -29.97
CA LEU A 477 -29.87 5.46 -31.12
C LEU A 477 -30.17 6.73 -31.94
N VAL A 478 -31.46 7.03 -32.06
CA VAL A 478 -31.94 8.19 -32.80
C VAL A 478 -32.20 9.28 -31.78
N GLU A 479 -31.17 9.70 -31.07
CA GLU A 479 -31.31 10.73 -30.02
C GLU A 479 -30.19 11.76 -30.05
N LYS A 480 -30.56 13.02 -29.83
CA LYS A 480 -29.61 14.11 -29.82
C LYS A 480 -28.45 13.83 -28.88
N PRO A 481 -27.25 13.60 -29.42
CA PRO A 481 -26.15 13.35 -28.51
C PRO A 481 -25.85 14.63 -27.81
N ARG A 482 -25.40 14.52 -26.58
CA ARG A 482 -25.02 15.68 -25.80
C ARG A 482 -23.79 16.04 -26.60
N PRO A 483 -23.47 17.34 -26.73
CA PRO A 483 -22.32 17.85 -27.47
C PRO A 483 -21.51 16.88 -28.32
N ASP A 484 -20.19 16.87 -28.17
CA ASP A 484 -19.40 15.95 -28.96
C ASP A 484 -19.36 14.57 -28.34
N ALA A 485 -20.51 14.10 -27.88
CA ALA A 485 -20.62 12.83 -27.22
C ALA A 485 -21.31 11.71 -27.96
N ILE A 486 -20.98 10.50 -27.55
CA ILE A 486 -21.49 9.28 -28.15
C ILE A 486 -22.91 8.95 -27.78
N PHE A 487 -23.38 9.42 -26.63
CA PHE A 487 -24.75 9.10 -26.20
C PHE A 487 -25.46 10.36 -25.83
N GLY A 488 -26.74 10.20 -25.52
CA GLY A 488 -27.55 11.31 -25.07
C GLY A 488 -28.07 11.03 -23.68
N GLU A 489 -28.54 12.04 -22.98
CA GLU A 489 -29.05 11.89 -21.60
C GLU A 489 -29.77 10.58 -21.26
N THR A 490 -30.73 10.12 -22.08
CA THR A 490 -31.40 8.85 -21.78
C THR A 490 -30.38 7.72 -21.54
N MET A 491 -29.61 7.35 -22.56
CA MET A 491 -28.61 6.30 -22.42
C MET A 491 -27.75 6.45 -21.19
N VAL A 492 -27.26 7.63 -20.85
CA VAL A 492 -26.42 7.73 -19.66
C VAL A 492 -27.23 7.54 -18.39
N GLU A 493 -28.32 8.28 -18.30
CA GLU A 493 -29.18 8.24 -17.15
C GLU A 493 -29.81 6.93 -16.78
N LEU A 494 -30.09 6.06 -17.74
CA LEU A 494 -30.70 4.78 -17.43
C LEU A 494 -29.65 3.69 -17.16
N GLY A 495 -28.51 3.77 -17.84
CA GLY A 495 -27.51 2.76 -17.67
C GLY A 495 -26.55 2.95 -16.54
N ALA A 496 -26.12 4.19 -16.30
CA ALA A 496 -25.18 4.42 -15.23
C ALA A 496 -25.62 3.77 -13.92
N PRO A 497 -26.95 3.80 -13.61
CA PRO A 497 -27.39 3.16 -12.35
C PRO A 497 -27.15 1.64 -12.44
N PHE A 498 -27.77 0.99 -13.42
CA PHE A 498 -27.59 -0.41 -13.68
C PHE A 498 -26.10 -0.75 -13.67
N SER A 499 -25.29 0.09 -14.33
CA SER A 499 -23.86 -0.17 -14.43
C SER A 499 -23.05 -0.12 -13.14
N LEU A 500 -23.32 0.88 -12.30
CA LEU A 500 -22.59 1.02 -11.05
C LEU A 500 -23.05 0.01 -9.97
N LYS A 501 -24.32 -0.37 -10.04
CA LYS A 501 -24.85 -1.31 -9.09
C LYS A 501 -24.27 -2.67 -9.40
N GLY A 502 -24.15 -3.01 -10.65
CA GLY A 502 -23.60 -4.33 -10.91
C GLY A 502 -22.09 -4.40 -10.72
N LEU A 503 -21.46 -3.24 -10.68
CA LEU A 503 -20.03 -3.17 -10.54
C LEU A 503 -19.69 -3.13 -9.10
N MET A 504 -20.39 -2.28 -8.35
CA MET A 504 -20.15 -2.13 -6.92
C MET A 504 -20.93 -3.12 -6.06
N GLY A 505 -22.02 -3.68 -6.59
CA GLY A 505 -22.79 -4.63 -5.81
C GLY A 505 -22.24 -6.04 -5.95
N ASN A 506 -20.93 -6.19 -5.78
CA ASN A 506 -20.25 -7.48 -5.94
C ASN A 506 -19.64 -7.92 -4.60
N PRO A 507 -19.72 -9.22 -4.28
CA PRO A 507 -19.15 -9.63 -3.02
C PRO A 507 -17.76 -9.15 -2.78
N ILE A 508 -16.84 -9.21 -3.74
CA ILE A 508 -15.47 -8.78 -3.42
C ILE A 508 -15.38 -7.34 -2.92
N CYS A 509 -16.46 -6.60 -3.04
CA CYS A 509 -16.47 -5.20 -2.58
C CYS A 509 -16.96 -5.09 -1.16
N SER A 510 -17.62 -6.14 -0.67
CA SER A 510 -18.17 -6.15 0.66
C SER A 510 -17.02 -6.09 1.64
N PRO A 511 -17.23 -5.50 2.84
CA PRO A 511 -16.14 -5.40 3.85
C PRO A 511 -15.47 -6.71 4.20
N GLN A 512 -16.25 -7.78 4.32
CA GLN A 512 -15.64 -9.07 4.66
C GLN A 512 -14.66 -9.49 3.57
N TYR A 513 -15.02 -9.19 2.33
CA TYR A 513 -14.21 -9.54 1.18
C TYR A 513 -13.10 -8.58 0.83
N TRP A 514 -13.34 -7.28 0.99
CA TRP A 514 -12.35 -6.25 0.62
C TRP A 514 -11.17 -6.10 1.59
N LYS A 515 -10.28 -7.07 1.59
CA LYS A 515 -9.13 -6.96 2.43
C LYS A 515 -7.99 -7.76 1.81
N PRO A 516 -6.76 -7.28 2.02
CA PRO A 516 -5.53 -7.88 1.52
C PRO A 516 -5.56 -9.39 1.46
N SER A 517 -5.80 -10.04 2.61
CA SER A 517 -5.79 -11.49 2.69
C SER A 517 -6.78 -12.18 1.76
N THR A 518 -7.89 -11.50 1.45
CA THR A 518 -8.88 -12.10 0.57
C THR A 518 -8.27 -12.47 -0.76
N PHE A 519 -7.19 -11.75 -1.11
CA PHE A 519 -6.51 -11.94 -2.37
C PHE A 519 -5.10 -12.53 -2.37
N GLY A 520 -4.66 -13.07 -1.24
CA GLY A 520 -3.33 -13.64 -1.22
C GLY A 520 -2.27 -12.75 -0.63
N GLY A 521 -2.62 -11.56 -0.18
CA GLY A 521 -1.61 -10.73 0.43
C GLY A 521 -1.69 -9.31 -0.06
N GLU A 522 -0.81 -8.44 0.41
CA GLU A 522 -0.80 -7.04 -0.04
C GLU A 522 -0.28 -7.00 -1.52
N VAL A 523 0.40 -8.06 -1.93
CA VAL A 523 0.90 -8.18 -3.29
C VAL A 523 -0.30 -8.42 -4.20
N GLY A 524 -1.06 -9.49 -3.96
CA GLY A 524 -2.23 -9.76 -4.77
C GLY A 524 -3.21 -8.59 -4.77
N PHE A 525 -3.44 -7.96 -3.62
CA PHE A 525 -4.37 -6.85 -3.48
C PHE A 525 -3.99 -5.73 -4.41
N LYS A 526 -2.70 -5.48 -4.52
CA LYS A 526 -2.25 -4.41 -5.39
C LYS A 526 -2.51 -4.70 -6.87
N ILE A 527 -2.30 -5.96 -7.27
CA ILE A 527 -2.55 -6.37 -8.65
C ILE A 527 -3.94 -5.83 -9.05
N ILE A 528 -4.85 -5.77 -8.08
CA ILE A 528 -6.19 -5.26 -8.33
C ILE A 528 -6.14 -3.75 -8.33
N ASN A 529 -5.66 -3.18 -7.22
CA ASN A 529 -5.59 -1.72 -7.01
C ASN A 529 -4.67 -0.89 -7.88
N THR A 530 -4.10 -1.51 -8.91
CA THR A 530 -3.24 -0.80 -9.83
C THR A 530 -3.46 -1.36 -11.24
N ALA A 531 -4.63 -1.95 -11.43
CA ALA A 531 -5.00 -2.51 -12.72
C ALA A 531 -5.30 -1.41 -13.73
N SER A 532 -5.17 -1.73 -15.02
CA SER A 532 -5.44 -0.76 -16.09
C SER A 532 -5.45 -1.48 -17.40
N ILE A 533 -6.19 -0.97 -18.36
CA ILE A 533 -6.23 -1.58 -19.67
C ILE A 533 -4.84 -1.55 -20.26
N GLN A 534 -4.06 -0.51 -19.93
CA GLN A 534 -2.69 -0.40 -20.43
C GLN A 534 -1.81 -1.50 -19.90
N SER A 535 -1.89 -1.75 -18.59
CA SER A 535 -1.12 -2.79 -17.95
C SER A 535 -1.65 -4.16 -18.40
N LEU A 536 -2.97 -4.24 -18.58
CA LEU A 536 -3.59 -5.50 -18.96
C LEU A 536 -2.90 -5.99 -20.21
N ILE A 537 -2.64 -5.04 -21.11
CA ILE A 537 -2.00 -5.30 -22.38
C ILE A 537 -0.48 -5.36 -22.21
N CYS A 538 0.06 -4.38 -21.50
CA CYS A 538 1.51 -4.29 -21.28
C CYS A 538 2.10 -5.57 -20.78
N ASN A 539 1.47 -6.16 -19.78
CA ASN A 539 1.95 -7.40 -19.17
C ASN A 539 1.55 -8.66 -19.90
N ASN A 540 0.77 -8.58 -20.98
CA ASN A 540 0.35 -9.80 -21.66
C ASN A 540 0.48 -9.87 -23.18
N VAL A 541 0.98 -8.79 -23.79
CA VAL A 541 1.18 -8.74 -25.24
C VAL A 541 2.69 -8.68 -25.52
N LYS A 542 3.14 -9.24 -26.64
CA LYS A 542 4.55 -9.30 -26.99
C LYS A 542 5.45 -8.14 -26.61
N GLY A 543 5.14 -6.93 -27.09
CA GLY A 543 5.91 -5.74 -26.71
C GLY A 543 4.87 -5.05 -25.85
N CYS A 544 5.09 -3.88 -25.30
CA CYS A 544 3.97 -3.26 -24.55
C CYS A 544 3.22 -2.38 -25.56
N PRO A 545 2.53 -2.99 -26.54
CA PRO A 545 1.86 -2.13 -27.47
C PRO A 545 1.00 -1.17 -26.65
N PHE A 546 1.32 0.12 -26.73
CA PHE A 546 0.52 1.11 -26.03
C PHE A 546 -0.92 1.02 -26.50
N THR A 547 -1.86 1.21 -25.60
CA THR A 547 -3.25 1.17 -25.93
C THR A 547 -3.99 2.14 -25.09
N SER A 548 -5.30 2.13 -25.32
CA SER A 548 -6.25 2.99 -24.67
C SER A 548 -7.58 2.71 -25.32
N PHE A 549 -8.65 3.26 -24.75
CA PHE A 549 -9.99 3.09 -25.29
C PHE A 549 -10.27 4.28 -26.19
N ASN A 550 -9.22 5.03 -26.46
CA ASN A 550 -9.31 6.20 -27.29
C ASN A 550 -8.37 6.11 -28.48
N VAL A 551 -8.91 6.46 -29.64
CA VAL A 551 -8.15 6.45 -30.89
C VAL A 551 -7.40 7.78 -30.93
N GLN A 552 -6.53 7.97 -29.96
CA GLN A 552 -5.71 9.17 -29.88
C GLN A 552 -6.48 10.47 -30.09
N ALA B 1 0.63 -29.20 9.10
CA ALA B 1 1.68 -28.45 8.35
C ALA B 1 1.21 -27.01 8.17
N ASN B 2 -0.07 -26.83 7.92
CA ASN B 2 -0.61 -25.49 7.68
C ASN B 2 -0.23 -24.60 8.86
N PRO B 3 0.61 -23.58 8.62
CA PRO B 3 1.03 -22.68 9.69
C PRO B 3 -0.14 -21.96 10.36
N CYS B 4 -1.34 -22.15 9.84
CA CYS B 4 -2.51 -21.50 10.41
C CYS B 4 -3.29 -22.47 11.23
N CYS B 5 -2.96 -23.75 11.12
CA CYS B 5 -3.62 -24.82 11.89
C CYS B 5 -3.95 -24.39 13.33
N SER B 6 -3.01 -23.68 13.95
CA SER B 6 -3.16 -23.22 15.31
C SER B 6 -4.13 -22.08 15.53
N ASN B 7 -4.97 -21.75 14.55
CA ASN B 7 -5.94 -20.65 14.68
C ASN B 7 -5.30 -19.48 15.42
N PRO B 8 -4.08 -19.10 15.05
CA PRO B 8 -3.39 -18.00 15.71
C PRO B 8 -3.97 -16.63 15.66
N CYS B 9 -4.88 -16.38 14.70
CA CYS B 9 -5.42 -15.03 14.57
C CYS B 9 -6.62 -14.63 15.43
N GLN B 10 -6.34 -13.74 16.38
CA GLN B 10 -7.36 -13.29 17.29
C GLN B 10 -8.26 -12.16 16.78
N ASN B 11 -9.17 -11.76 17.65
CA ASN B 11 -10.11 -10.72 17.38
C ASN B 11 -10.71 -10.60 16.00
N ARG B 12 -10.83 -11.72 15.29
CA ARG B 12 -11.45 -11.78 13.97
C ARG B 12 -10.55 -11.61 12.74
N GLY B 13 -9.28 -11.25 12.93
CA GLY B 13 -8.39 -11.10 11.78
C GLY B 13 -8.31 -12.41 11.01
N GLU B 14 -7.82 -12.38 9.77
CA GLU B 14 -7.68 -13.60 8.92
C GLU B 14 -6.27 -14.14 8.96
N CYS B 15 -6.11 -15.44 8.90
CA CYS B 15 -4.78 -16.03 8.96
C CYS B 15 -4.38 -16.42 7.57
N MET B 16 -3.13 -16.21 7.22
CA MET B 16 -2.70 -16.55 5.90
C MET B 16 -1.29 -17.10 5.97
N SER B 17 -1.07 -18.19 5.27
CA SER B 17 0.23 -18.85 5.20
C SER B 17 1.18 -18.13 4.27
N THR B 18 2.00 -17.24 4.81
CA THR B 18 2.97 -16.50 3.99
C THR B 18 4.30 -17.24 4.01
N GLY B 19 4.29 -18.44 3.44
CA GLY B 19 5.47 -19.27 3.42
C GLY B 19 5.08 -20.56 4.16
N PHE B 20 5.85 -21.62 3.99
CA PHE B 20 5.54 -22.90 4.60
C PHE B 20 5.29 -22.91 6.09
N ASP B 21 6.17 -22.29 6.87
CA ASP B 21 6.01 -22.26 8.31
C ASP B 21 5.72 -20.88 8.82
N GLN B 22 5.24 -20.00 7.94
CA GLN B 22 4.93 -18.63 8.33
C GLN B 22 3.45 -18.32 8.09
N TYR B 23 2.91 -17.41 8.90
CA TYR B 23 1.52 -17.01 8.77
C TYR B 23 1.45 -15.51 8.97
N LYS B 24 0.30 -14.93 8.60
CA LYS B 24 0.13 -13.51 8.71
C LYS B 24 -1.34 -13.27 9.03
N CYS B 25 -1.62 -12.33 9.94
CA CYS B 25 -3.00 -12.02 10.29
C CYS B 25 -3.49 -10.71 9.66
N ASP B 26 -4.62 -10.78 8.96
CA ASP B 26 -5.18 -9.61 8.33
C ASP B 26 -6.17 -8.98 9.30
N CYS B 27 -5.66 -8.14 10.22
CA CYS B 27 -6.52 -7.49 11.22
C CYS B 27 -7.38 -6.35 10.67
N THR B 28 -7.62 -6.37 9.38
CA THR B 28 -8.39 -5.30 8.77
C THR B 28 -9.74 -5.15 9.42
N ARG B 29 -10.06 -3.94 9.81
CA ARG B 29 -11.34 -3.64 10.43
C ARG B 29 -11.67 -4.35 11.74
N THR B 30 -10.74 -5.17 12.22
CA THR B 30 -10.97 -5.88 13.47
C THR B 30 -11.07 -4.88 14.65
N GLY B 31 -10.26 -3.83 14.61
CA GLY B 31 -10.23 -2.89 15.70
C GLY B 31 -9.02 -3.22 16.58
N PHE B 32 -8.15 -4.11 16.08
CA PHE B 32 -6.96 -4.51 16.81
C PHE B 32 -5.82 -4.57 15.83
N TYR B 33 -4.60 -4.51 16.36
CA TYR B 33 -3.41 -4.62 15.56
C TYR B 33 -2.43 -5.59 16.24
N GLY B 34 -1.26 -5.76 15.64
CA GLY B 34 -0.25 -6.65 16.18
C GLY B 34 -0.31 -8.02 15.54
N GLU B 35 0.76 -8.78 15.69
CA GLU B 35 0.86 -10.13 15.12
C GLU B 35 -0.42 -10.98 15.13
N ASN B 36 -1.18 -10.93 16.23
CA ASN B 36 -2.38 -11.76 16.28
C ASN B 36 -3.69 -10.99 16.40
N CYS B 37 -3.69 -9.72 15.98
CA CYS B 37 -4.90 -8.89 16.07
C CYS B 37 -5.36 -9.03 17.49
N THR B 38 -4.40 -8.78 18.38
CA THR B 38 -4.58 -8.88 19.81
C THR B 38 -4.57 -7.50 20.50
N THR B 39 -3.62 -6.64 20.16
CA THR B 39 -3.58 -5.33 20.79
C THR B 39 -4.64 -4.40 20.21
N PRO B 40 -5.55 -3.92 21.05
CA PRO B 40 -6.61 -3.03 20.58
C PRO B 40 -6.19 -1.63 20.29
N GLU B 41 -7.00 -0.99 19.46
CA GLU B 41 -6.80 0.39 19.13
C GLU B 41 -7.33 1.05 20.42
N PHE B 42 -6.83 2.25 20.74
CA PHE B 42 -7.30 2.96 21.93
C PHE B 42 -8.83 3.05 22.04
N LEU B 43 -9.49 3.41 20.97
CA LEU B 43 -10.94 3.48 21.01
C LEU B 43 -11.54 2.07 21.24
N THR B 44 -10.77 1.02 20.99
CA THR B 44 -11.28 -0.31 21.21
C THR B 44 -11.24 -0.64 22.71
N ARG B 45 -10.21 -0.13 23.39
CA ARG B 45 -10.07 -0.32 24.82
C ARG B 45 -11.38 0.20 25.39
N ILE B 46 -11.71 1.45 25.06
CA ILE B 46 -12.94 2.12 25.49
C ILE B 46 -14.16 1.19 25.45
N LYS B 47 -14.45 0.70 24.25
CA LYS B 47 -15.57 -0.21 24.01
C LYS B 47 -15.53 -1.42 24.94
N LEU B 48 -14.35 -2.06 25.03
CA LEU B 48 -14.16 -3.21 25.89
C LEU B 48 -14.55 -2.85 27.33
N LEU B 49 -14.02 -1.73 27.82
CA LEU B 49 -14.30 -1.25 29.16
C LEU B 49 -15.63 -0.53 29.20
N LEU B 50 -16.64 -1.14 28.62
CA LEU B 50 -17.98 -0.55 28.59
C LEU B 50 -19.04 -1.56 28.13
N LYS B 51 -18.63 -2.75 27.71
CA LYS B 51 -19.60 -3.71 27.22
C LYS B 51 -20.14 -4.71 28.22
N PRO B 52 -21.41 -4.56 28.61
CA PRO B 52 -21.99 -5.51 29.58
C PRO B 52 -21.95 -6.94 29.01
N THR B 53 -21.50 -7.90 29.81
CA THR B 53 -21.43 -9.27 29.34
C THR B 53 -22.82 -9.76 28.98
N PRO B 54 -22.90 -10.87 28.23
CA PRO B 54 -24.18 -11.45 27.81
C PRO B 54 -25.10 -11.65 28.99
N ASN B 55 -24.58 -12.30 30.02
CA ASN B 55 -25.33 -12.58 31.23
C ASN B 55 -25.78 -11.29 31.89
N THR B 56 -24.94 -10.25 31.92
CA THR B 56 -25.34 -9.00 32.56
C THR B 56 -26.65 -8.54 31.93
N VAL B 57 -26.59 -8.40 30.61
CA VAL B 57 -27.69 -7.93 29.81
C VAL B 57 -28.87 -8.88 29.92
N HIS B 58 -28.56 -10.17 29.81
CA HIS B 58 -29.58 -11.19 29.89
C HIS B 58 -30.34 -11.04 31.20
N TYR B 59 -29.62 -10.62 32.23
CA TYR B 59 -30.19 -10.39 33.54
C TYR B 59 -31.18 -9.26 33.40
N ILE B 60 -30.63 -8.10 33.08
CA ILE B 60 -31.42 -6.89 32.95
C ILE B 60 -32.59 -7.05 32.01
N LEU B 61 -32.50 -7.93 31.03
CA LEU B 61 -33.61 -8.16 30.13
C LEU B 61 -34.72 -8.95 30.84
N THR B 62 -34.32 -10.02 31.52
CA THR B 62 -35.26 -10.90 32.21
C THR B 62 -35.68 -10.41 33.59
N HIS B 63 -35.18 -9.25 33.97
CA HIS B 63 -35.53 -8.67 35.26
C HIS B 63 -36.17 -7.29 35.06
N PHE B 64 -36.29 -6.53 36.15
CA PHE B 64 -36.84 -5.19 36.13
C PHE B 64 -38.15 -5.11 35.40
N LYS B 65 -38.95 -6.17 35.49
CA LYS B 65 -40.23 -6.19 34.77
C LYS B 65 -41.05 -4.93 34.76
N GLY B 66 -41.21 -4.30 35.91
CA GLY B 66 -42.00 -3.08 35.97
C GLY B 66 -41.48 -1.98 35.06
N VAL B 67 -40.16 -1.84 35.06
CA VAL B 67 -39.51 -0.85 34.23
C VAL B 67 -39.86 -1.20 32.79
N TRP B 68 -39.54 -2.44 32.43
CA TRP B 68 -39.84 -2.90 31.09
C TRP B 68 -41.25 -2.61 30.60
N ASN B 69 -42.26 -2.92 31.40
CA ASN B 69 -43.63 -2.68 30.96
C ASN B 69 -43.88 -1.23 30.56
N ILE B 70 -43.16 -0.32 31.22
CA ILE B 70 -43.30 1.11 30.87
C ILE B 70 -42.76 1.30 29.45
N VAL B 71 -41.52 0.86 29.25
CA VAL B 71 -40.82 0.90 27.96
C VAL B 71 -41.71 0.36 26.87
N ASN B 72 -42.21 -0.86 27.04
CA ASN B 72 -43.09 -1.48 26.03
C ASN B 72 -44.26 -0.63 25.60
N ASN B 73 -44.51 0.46 26.32
CA ASN B 73 -45.61 1.32 26.00
C ASN B 73 -45.22 2.68 25.45
N ILE B 74 -43.91 2.87 25.32
CA ILE B 74 -43.33 4.10 24.77
C ILE B 74 -42.71 3.60 23.43
N PRO B 75 -43.57 3.45 22.40
CA PRO B 75 -43.19 2.99 21.05
C PRO B 75 -41.76 3.33 20.70
N PHE B 76 -41.54 4.61 20.53
CA PHE B 76 -40.26 5.24 20.20
C PHE B 76 -39.12 4.48 20.85
N LEU B 77 -39.25 4.29 22.15
CA LEU B 77 -38.26 3.56 22.94
C LEU B 77 -38.18 2.10 22.49
N ARG B 78 -39.32 1.41 22.46
CA ARG B 78 -39.34 0.01 22.05
C ARG B 78 -38.68 -0.17 20.68
N SER B 79 -39.04 0.73 19.76
CA SER B 79 -38.56 0.76 18.39
C SER B 79 -37.08 0.95 18.40
N LEU B 80 -36.61 1.89 19.20
CA LEU B 80 -35.18 2.16 19.30
C LEU B 80 -34.45 0.95 19.86
N ILE B 81 -35.07 0.29 20.83
CA ILE B 81 -34.48 -0.89 21.47
C ILE B 81 -34.40 -2.08 20.49
N MET B 82 -35.54 -2.42 19.89
CA MET B 82 -35.61 -3.52 18.91
C MET B 82 -34.62 -3.22 17.78
N LYS B 83 -34.61 -1.97 17.34
CA LYS B 83 -33.73 -1.51 16.27
C LYS B 83 -32.31 -1.89 16.65
N TYR B 84 -31.98 -1.66 17.90
CA TYR B 84 -30.65 -2.01 18.36
C TYR B 84 -30.38 -3.54 18.44
N VAL B 85 -31.41 -4.34 18.72
CA VAL B 85 -31.21 -5.78 18.80
C VAL B 85 -30.95 -6.34 17.42
N LEU B 86 -31.64 -5.81 16.40
CA LEU B 86 -31.48 -6.26 15.03
C LEU B 86 -30.09 -6.01 14.51
N THR B 87 -29.65 -4.77 14.64
CA THR B 87 -28.34 -4.39 14.13
C THR B 87 -27.16 -5.11 14.80
N SER B 88 -27.08 -5.08 16.12
CA SER B 88 -25.97 -5.73 16.84
C SER B 88 -25.91 -7.23 16.53
N ARG B 89 -27.05 -7.89 16.66
CA ARG B 89 -27.14 -9.31 16.39
C ARG B 89 -26.68 -9.57 15.00
N SER B 90 -27.41 -8.99 14.05
CA SER B 90 -27.12 -9.16 12.66
C SER B 90 -25.67 -8.86 12.35
N TYR B 91 -25.11 -7.80 12.93
CA TYR B 91 -23.73 -7.45 12.64
C TYR B 91 -22.76 -8.59 12.90
N LEU B 92 -23.22 -9.66 13.55
CA LEU B 92 -22.34 -10.79 13.84
C LEU B 92 -22.15 -11.77 12.70
N ILE B 93 -23.04 -11.77 11.71
CA ILE B 93 -22.91 -12.67 10.54
C ILE B 93 -22.31 -11.98 9.30
N ASP B 94 -21.58 -12.74 8.48
CA ASP B 94 -20.97 -12.26 7.24
C ASP B 94 -21.92 -12.35 6.07
N SER B 95 -22.22 -11.20 5.49
CA SER B 95 -23.13 -11.08 4.35
C SER B 95 -22.62 -10.00 3.41
N PRO B 96 -22.21 -10.38 2.20
CA PRO B 96 -22.21 -11.74 1.67
C PRO B 96 -21.37 -12.71 2.48
N PRO B 97 -21.64 -14.00 2.32
CA PRO B 97 -20.99 -15.15 2.97
C PRO B 97 -19.54 -15.40 2.54
N THR B 98 -18.82 -16.17 3.37
CA THR B 98 -17.41 -16.54 3.19
C THR B 98 -17.21 -17.95 3.75
N TYR B 99 -16.37 -18.77 3.16
CA TYR B 99 -16.08 -20.12 3.71
C TYR B 99 -17.18 -21.15 3.69
N ASN B 100 -16.75 -22.40 3.57
CA ASN B 100 -17.67 -23.50 3.58
C ASN B 100 -16.96 -24.82 3.84
N VAL B 101 -17.71 -25.91 3.79
CA VAL B 101 -17.18 -27.25 3.99
C VAL B 101 -15.81 -27.38 3.40
N HIS B 102 -15.69 -27.04 2.11
CA HIS B 102 -14.45 -27.13 1.36
C HIS B 102 -13.59 -25.88 1.37
N TYR B 103 -14.18 -24.71 1.57
CA TYR B 103 -13.35 -23.53 1.52
C TYR B 103 -12.93 -22.81 2.80
N GLY B 104 -11.65 -23.00 3.14
CA GLY B 104 -11.08 -22.38 4.31
C GLY B 104 -10.72 -20.97 3.99
N TYR B 105 -10.89 -20.63 2.72
CA TYR B 105 -10.63 -19.28 2.21
C TYR B 105 -11.87 -18.78 1.49
N LYS B 106 -11.92 -17.46 1.27
CA LYS B 106 -13.03 -16.83 0.59
C LYS B 106 -13.54 -17.35 -0.77
N SER B 107 -12.68 -17.53 -1.77
CA SER B 107 -13.07 -18.03 -3.10
C SER B 107 -14.47 -17.74 -3.73
N TRP B 108 -14.52 -17.50 -5.04
CA TRP B 108 -15.79 -17.23 -5.74
C TRP B 108 -16.73 -18.43 -5.69
N GLU B 109 -16.16 -19.63 -5.54
CA GLU B 109 -16.93 -20.87 -5.47
C GLU B 109 -17.65 -20.91 -4.16
N ALA B 110 -16.90 -20.66 -3.11
CA ALA B 110 -17.43 -20.70 -1.76
C ALA B 110 -18.60 -19.75 -1.64
N PHE B 111 -18.46 -18.65 -2.33
CA PHE B 111 -19.44 -17.59 -2.37
C PHE B 111 -20.70 -17.83 -3.17
N SER B 112 -20.55 -18.38 -4.36
CA SER B 112 -21.68 -18.60 -5.23
C SER B 112 -22.36 -19.96 -5.24
N ASN B 113 -21.63 -21.04 -4.94
CA ASN B 113 -22.25 -22.36 -4.99
C ASN B 113 -23.34 -22.53 -3.91
N LEU B 114 -24.57 -22.17 -4.27
CA LEU B 114 -25.69 -22.22 -3.35
C LEU B 114 -26.04 -23.58 -2.82
N SER B 115 -25.31 -24.61 -3.26
CA SER B 115 -25.56 -25.98 -2.76
C SER B 115 -24.85 -26.31 -1.44
N TYR B 116 -24.11 -25.37 -0.91
CA TYR B 116 -23.41 -25.55 0.34
C TYR B 116 -24.08 -24.76 1.46
N TYR B 117 -23.84 -25.18 2.71
CA TYR B 117 -24.30 -24.41 3.83
C TYR B 117 -23.05 -23.54 4.01
N THR B 118 -23.22 -22.26 4.29
CA THR B 118 -22.06 -21.41 4.50
C THR B 118 -21.46 -21.77 5.86
N ARG B 119 -20.29 -21.24 6.17
CA ARG B 119 -19.68 -21.56 7.42
C ARG B 119 -19.17 -20.31 8.15
N ALA B 120 -19.67 -20.07 9.35
CA ALA B 120 -19.27 -18.92 10.16
C ALA B 120 -17.77 -18.96 10.46
N LEU B 121 -17.23 -20.14 10.74
CA LEU B 121 -15.79 -20.28 10.97
C LEU B 121 -15.32 -21.29 9.98
N PRO B 122 -14.23 -20.97 9.27
CA PRO B 122 -13.68 -21.89 8.27
C PRO B 122 -13.40 -23.23 8.89
N PRO B 123 -13.30 -24.28 8.05
CA PRO B 123 -13.02 -25.62 8.56
C PRO B 123 -11.57 -25.70 9.06
N VAL B 124 -11.12 -26.92 9.32
CA VAL B 124 -9.78 -27.07 9.80
C VAL B 124 -9.01 -27.72 8.69
N ALA B 125 -7.81 -27.18 8.48
CA ALA B 125 -6.96 -27.68 7.43
C ALA B 125 -6.80 -29.20 7.52
N ASP B 126 -7.14 -29.89 6.45
CA ASP B 126 -7.00 -31.33 6.39
C ASP B 126 -5.61 -31.81 6.74
N ASP B 127 -4.64 -30.89 6.76
CA ASP B 127 -3.28 -31.26 7.13
C ASP B 127 -2.90 -30.63 8.49
N CYS B 128 -3.80 -30.74 9.46
CA CYS B 128 -3.51 -30.23 10.78
C CYS B 128 -3.27 -31.43 11.68
N PRO B 129 -2.26 -31.34 12.55
CA PRO B 129 -1.92 -32.42 13.46
C PRO B 129 -3.10 -33.03 14.20
N THR B 130 -3.88 -32.21 14.90
CA THR B 130 -5.03 -32.68 15.66
C THR B 130 -6.33 -32.11 15.07
N PRO B 131 -7.45 -32.86 15.19
CA PRO B 131 -8.76 -32.44 14.67
C PRO B 131 -9.14 -30.98 15.01
N MET B 132 -8.78 -30.52 16.20
CA MET B 132 -9.10 -29.14 16.56
C MET B 132 -7.95 -28.25 16.21
N GLY B 133 -7.21 -28.65 15.18
CA GLY B 133 -6.07 -27.89 14.74
C GLY B 133 -4.76 -28.44 15.25
N VAL B 134 -4.35 -27.95 16.41
CA VAL B 134 -3.11 -28.40 17.01
C VAL B 134 -3.32 -28.96 18.41
N LYS B 135 -4.21 -28.34 19.21
CA LYS B 135 -4.48 -28.81 20.58
C LYS B 135 -5.20 -30.15 20.65
N GLY B 136 -4.97 -30.89 21.74
CA GLY B 136 -5.63 -32.17 21.92
C GLY B 136 -4.90 -33.38 21.38
N ASN B 137 -5.49 -34.56 21.55
CA ASN B 137 -4.88 -35.81 21.10
C ASN B 137 -5.24 -36.09 19.68
N LYS B 138 -4.55 -37.07 19.10
CA LYS B 138 -4.75 -37.49 17.70
C LYS B 138 -6.18 -37.81 17.28
N GLU B 139 -7.13 -37.81 18.22
CA GLU B 139 -8.53 -38.05 17.90
C GLU B 139 -9.39 -37.55 19.02
N LEU B 140 -10.64 -37.23 18.73
CA LEU B 140 -11.57 -36.78 19.78
C LEU B 140 -12.19 -38.03 20.39
N PRO B 141 -12.72 -37.89 21.60
CA PRO B 141 -13.36 -39.01 22.31
C PRO B 141 -14.38 -39.74 21.43
N ASP B 142 -14.48 -41.04 21.58
CA ASP B 142 -15.46 -41.78 20.82
C ASP B 142 -16.78 -41.09 21.05
N SER B 143 -17.48 -40.87 19.95
CA SER B 143 -18.79 -40.23 19.93
C SER B 143 -19.77 -40.95 20.88
N LYS B 144 -19.83 -42.27 20.73
CA LYS B 144 -20.70 -43.14 21.53
C LYS B 144 -20.48 -42.93 23.04
N GLU B 145 -19.23 -42.65 23.39
CA GLU B 145 -18.87 -42.43 24.77
C GLU B 145 -19.36 -41.10 25.28
N VAL B 146 -19.46 -40.09 24.40
CA VAL B 146 -19.93 -38.76 24.82
C VAL B 146 -21.46 -38.76 24.83
N LEU B 147 -22.01 -39.44 23.82
CA LEU B 147 -23.43 -39.61 23.61
C LEU B 147 -24.04 -40.15 24.88
N GLU B 148 -23.49 -41.28 25.33
CA GLU B 148 -23.92 -41.99 26.56
C GLU B 148 -23.55 -41.32 27.90
N LYS B 149 -22.28 -40.98 28.09
CA LYS B 149 -21.91 -40.37 29.35
C LYS B 149 -22.51 -39.02 29.71
N VAL B 150 -22.73 -38.13 28.75
CA VAL B 150 -23.31 -36.82 29.07
C VAL B 150 -24.52 -36.35 28.29
N LEU B 151 -24.83 -37.03 27.20
CA LEU B 151 -25.98 -36.59 26.42
C LEU B 151 -27.30 -37.30 26.71
N LEU B 152 -27.30 -38.63 26.59
CA LEU B 152 -28.52 -39.41 26.75
C LEU B 152 -29.32 -39.12 28.02
N ARG B 153 -30.65 -39.23 27.88
CA ARG B 153 -31.62 -38.98 28.97
C ARG B 153 -31.92 -40.22 29.83
N ARG B 154 -32.10 -39.96 31.12
CA ARG B 154 -32.41 -40.99 32.10
C ARG B 154 -33.76 -40.59 32.56
N GLU B 155 -33.78 -39.52 33.34
CA GLU B 155 -35.03 -39.00 33.86
C GLU B 155 -35.37 -37.84 32.91
N PHE B 156 -36.61 -37.82 32.44
CA PHE B 156 -37.03 -36.75 31.55
C PHE B 156 -36.95 -35.44 32.33
N ILE B 157 -36.10 -34.54 31.86
CA ILE B 157 -35.96 -33.25 32.49
C ILE B 157 -36.85 -32.38 31.63
N PRO B 158 -37.83 -31.70 32.23
CA PRO B 158 -38.74 -30.85 31.50
C PRO B 158 -38.11 -29.48 31.30
N ASP B 159 -38.67 -28.70 30.39
CA ASP B 159 -38.14 -27.39 30.14
C ASP B 159 -38.62 -26.46 31.24
N PRO B 160 -37.68 -25.77 31.90
CA PRO B 160 -38.02 -24.83 32.98
C PRO B 160 -38.71 -23.59 32.45
N GLN B 161 -38.75 -23.43 31.13
CA GLN B 161 -39.42 -22.27 30.53
C GLN B 161 -40.85 -22.50 30.09
N GLY B 162 -41.26 -23.75 29.98
CA GLY B 162 -42.64 -24.02 29.64
C GLY B 162 -42.95 -24.49 28.25
N SER B 163 -41.92 -24.60 27.44
CA SER B 163 -42.09 -24.98 26.06
C SER B 163 -42.96 -26.22 25.95
N ASN B 164 -44.11 -26.09 25.30
CA ASN B 164 -45.01 -27.21 25.11
C ASN B 164 -44.75 -27.87 23.76
N MET B 165 -45.69 -28.66 23.24
CA MET B 165 -45.45 -29.33 21.98
C MET B 165 -45.78 -28.49 20.74
N MET B 166 -46.62 -27.48 20.92
CA MET B 166 -46.97 -26.58 19.84
C MET B 166 -45.68 -25.93 19.42
N PHE B 167 -44.88 -25.56 20.41
CA PHE B 167 -43.59 -24.94 20.13
C PHE B 167 -42.63 -25.97 19.54
N ALA B 168 -42.39 -27.07 20.23
CA ALA B 168 -41.44 -28.08 19.74
C ALA B 168 -41.69 -28.43 18.29
N PHE B 169 -42.95 -28.69 17.95
CA PHE B 169 -43.28 -29.03 16.56
C PHE B 169 -43.26 -27.81 15.58
N PHE B 170 -43.56 -26.61 16.09
CA PHE B 170 -43.47 -25.43 15.25
C PHE B 170 -42.00 -25.26 14.92
N ALA B 171 -41.12 -25.39 15.88
CA ALA B 171 -39.70 -25.26 15.59
C ALA B 171 -39.21 -26.40 14.70
N GLN B 172 -39.89 -27.56 14.71
CA GLN B 172 -39.43 -28.65 13.82
C GLN B 172 -39.82 -28.33 12.39
N HIS B 173 -41.07 -27.93 12.26
CA HIS B 173 -41.64 -27.53 10.99
C HIS B 173 -40.86 -26.32 10.44
N PHE B 174 -40.93 -25.19 11.13
CA PHE B 174 -40.27 -23.92 10.77
C PHE B 174 -38.83 -24.02 10.28
N THR B 175 -37.93 -24.54 11.11
CA THR B 175 -36.55 -24.64 10.66
C THR B 175 -36.33 -25.60 9.51
N HIS B 176 -37.22 -26.58 9.35
CA HIS B 176 -37.09 -27.55 8.27
C HIS B 176 -37.30 -27.09 6.83
N GLN B 177 -37.45 -25.78 6.65
CA GLN B 177 -37.60 -25.24 5.34
C GLN B 177 -36.18 -24.82 4.97
N PHE B 178 -35.40 -24.39 5.96
CA PHE B 178 -34.03 -24.04 5.67
C PHE B 178 -32.97 -25.11 5.95
N PHE B 179 -33.23 -26.05 6.85
CA PHE B 179 -32.24 -27.09 7.09
C PHE B 179 -32.77 -28.28 6.32
N LYS B 180 -32.07 -28.66 5.25
CA LYS B 180 -32.53 -29.77 4.43
C LYS B 180 -31.36 -30.49 3.85
N THR B 181 -30.37 -30.78 4.68
CA THR B 181 -29.16 -31.47 4.25
C THR B 181 -29.34 -32.44 3.07
N ASP B 182 -28.56 -32.20 2.02
CA ASP B 182 -28.56 -33.01 0.82
C ASP B 182 -27.63 -34.17 1.10
N HIS B 183 -28.15 -35.24 1.68
CA HIS B 183 -27.33 -36.40 2.02
C HIS B 183 -26.70 -37.15 0.85
N LYS B 184 -27.13 -36.76 -0.35
CA LYS B 184 -26.64 -37.35 -1.59
C LYS B 184 -25.20 -36.85 -1.75
N ARG B 185 -24.98 -35.58 -1.42
CA ARG B 185 -23.67 -34.96 -1.53
C ARG B 185 -22.85 -35.01 -0.24
N GLY B 186 -23.55 -35.01 0.90
CA GLY B 186 -22.89 -35.06 2.20
C GLY B 186 -23.26 -33.93 3.14
N PRO B 187 -22.91 -34.01 4.44
CA PRO B 187 -23.27 -32.89 5.34
C PRO B 187 -22.52 -31.67 4.80
N GLY B 188 -23.10 -30.48 4.97
CA GLY B 188 -22.42 -29.30 4.45
C GLY B 188 -23.01 -28.85 3.11
N PHE B 189 -23.87 -29.70 2.55
CA PHE B 189 -24.59 -29.44 1.32
C PHE B 189 -26.09 -29.37 1.65
N THR B 190 -26.75 -28.30 1.24
CA THR B 190 -28.18 -28.11 1.52
C THR B 190 -29.07 -28.33 0.30
N ARG B 191 -30.33 -28.67 0.52
CA ARG B 191 -31.26 -28.85 -0.60
C ARG B 191 -32.21 -27.63 -0.63
N GLY B 192 -31.97 -26.68 0.26
CA GLY B 192 -32.79 -25.49 0.33
C GLY B 192 -32.04 -24.31 -0.21
N LEU B 193 -32.02 -24.24 -1.53
CA LEU B 193 -31.34 -23.19 -2.26
C LEU B 193 -31.91 -21.78 -2.04
N GLY B 194 -33.05 -21.70 -1.37
CA GLY B 194 -33.64 -20.41 -1.07
C GLY B 194 -32.96 -19.83 0.17
N HIS B 195 -32.30 -20.68 0.96
CA HIS B 195 -31.59 -20.25 2.17
C HIS B 195 -32.36 -19.37 3.16
N GLY B 196 -33.65 -19.59 3.30
CA GLY B 196 -34.38 -18.76 4.21
C GLY B 196 -35.85 -19.04 4.29
N VAL B 197 -36.60 -18.08 4.82
CA VAL B 197 -38.02 -18.24 5.01
C VAL B 197 -38.76 -17.98 3.72
N ASP B 198 -38.74 -18.97 2.85
CA ASP B 198 -39.41 -18.86 1.57
C ASP B 198 -40.67 -19.71 1.53
N LEU B 199 -40.91 -20.44 2.62
CA LEU B 199 -42.04 -21.34 2.75
C LEU B 199 -41.99 -22.42 1.69
N ASN B 200 -40.77 -22.85 1.40
CA ASN B 200 -40.58 -23.91 0.43
C ASN B 200 -41.21 -25.17 0.93
N HIS B 201 -41.33 -25.26 2.26
CA HIS B 201 -41.90 -26.43 2.94
C HIS B 201 -43.42 -26.48 2.90
N ILE B 202 -44.04 -25.48 2.27
CA ILE B 202 -45.51 -25.48 2.14
C ILE B 202 -45.78 -25.57 0.63
N TYR B 203 -45.02 -24.78 -0.13
CA TYR B 203 -45.24 -24.72 -1.56
C TYR B 203 -44.38 -25.61 -2.37
N GLY B 204 -43.36 -26.20 -1.77
CA GLY B 204 -42.52 -27.08 -2.57
C GLY B 204 -41.17 -26.45 -2.86
N GLU B 205 -40.22 -27.30 -3.12
CA GLU B 205 -38.89 -26.82 -3.35
C GLU B 205 -38.74 -26.18 -4.71
N THR B 206 -39.46 -26.69 -5.71
CA THR B 206 -39.33 -26.25 -7.09
C THR B 206 -40.66 -26.01 -7.77
N LEU B 207 -40.61 -25.23 -8.86
CA LEU B 207 -41.78 -24.84 -9.67
C LEU B 207 -42.60 -26.05 -10.13
N ASP B 208 -41.90 -27.05 -10.65
CA ASP B 208 -42.55 -28.26 -11.10
C ASP B 208 -43.35 -28.84 -9.95
N ARG B 209 -42.74 -28.84 -8.75
CA ARG B 209 -43.36 -29.36 -7.52
C ARG B 209 -44.56 -28.52 -7.12
N GLN B 210 -44.35 -27.22 -6.93
CA GLN B 210 -45.44 -26.36 -6.52
C GLN B 210 -46.66 -26.43 -7.44
N HIS B 211 -46.44 -26.61 -8.72
CA HIS B 211 -47.54 -26.67 -9.65
C HIS B 211 -48.35 -27.96 -9.48
N LYS B 212 -47.70 -29.01 -8.95
CA LYS B 212 -48.36 -30.29 -8.70
C LYS B 212 -49.23 -30.17 -7.44
N LEU B 213 -48.79 -29.36 -6.50
CA LEU B 213 -49.51 -29.13 -5.27
C LEU B 213 -50.61 -28.08 -5.35
N ARG B 214 -50.65 -27.30 -6.44
CA ARG B 214 -51.67 -26.27 -6.60
C ARG B 214 -52.96 -26.75 -7.18
N LEU B 215 -53.99 -25.95 -6.96
CA LEU B 215 -55.31 -26.30 -7.46
C LEU B 215 -55.59 -25.57 -8.76
N PHE B 216 -54.99 -24.37 -8.87
CA PHE B 216 -55.16 -23.51 -10.03
C PHE B 216 -56.57 -23.00 -10.13
N LYS B 217 -57.15 -22.65 -8.99
CA LYS B 217 -58.49 -22.09 -8.91
C LYS B 217 -58.40 -21.20 -7.72
N ASP B 218 -58.50 -19.91 -7.96
CA ASP B 218 -58.45 -18.90 -6.89
C ASP B 218 -57.17 -18.85 -6.06
N GLY B 219 -56.04 -19.22 -6.65
CA GLY B 219 -54.75 -19.20 -5.96
C GLY B 219 -54.52 -20.24 -4.88
N LYS B 220 -55.48 -21.16 -4.73
CA LYS B 220 -55.47 -22.21 -3.70
C LYS B 220 -54.60 -23.42 -3.96
N LEU B 221 -54.09 -24.00 -2.88
CA LEU B 221 -53.28 -25.20 -2.95
C LEU B 221 -54.30 -26.35 -2.98
N LYS B 222 -53.93 -27.48 -3.56
CA LYS B 222 -54.86 -28.60 -3.59
C LYS B 222 -55.08 -29.08 -2.15
N TYR B 223 -56.24 -29.68 -1.89
CA TYR B 223 -56.56 -30.23 -0.57
C TYR B 223 -57.67 -31.25 -0.72
N GLN B 224 -58.03 -31.93 0.36
CA GLN B 224 -59.08 -32.94 0.34
C GLN B 224 -59.86 -32.80 1.62
N VAL B 225 -61.09 -33.34 1.64
CA VAL B 225 -61.90 -33.24 2.84
C VAL B 225 -62.25 -34.59 3.44
N ILE B 226 -61.73 -34.83 4.63
CA ILE B 226 -61.97 -36.07 5.37
C ILE B 226 -62.79 -35.60 6.55
N GLY B 227 -63.91 -36.27 6.82
CA GLY B 227 -64.78 -35.78 7.88
C GLY B 227 -65.21 -34.49 7.22
N GLY B 228 -65.45 -33.42 7.96
CA GLY B 228 -65.81 -32.20 7.26
C GLY B 228 -64.53 -31.40 7.32
N GLU B 229 -63.42 -32.12 7.34
CA GLU B 229 -62.12 -31.51 7.49
C GLU B 229 -61.25 -31.42 6.25
N VAL B 230 -60.50 -30.33 6.16
CA VAL B 230 -59.60 -30.10 5.05
C VAL B 230 -58.30 -30.77 5.42
N TYR B 231 -57.68 -31.45 4.45
CA TYR B 231 -56.40 -32.15 4.65
C TYR B 231 -55.58 -32.08 3.39
N PRO B 232 -54.26 -32.23 3.51
CA PRO B 232 -53.41 -32.18 2.33
C PRO B 232 -53.84 -33.30 1.37
N PRO B 233 -53.71 -33.07 0.07
CA PRO B 233 -54.07 -34.03 -0.97
C PRO B 233 -53.05 -35.14 -0.95
N THR B 234 -53.39 -36.25 -1.54
CA THR B 234 -52.48 -37.38 -1.50
C THR B 234 -51.40 -37.35 -2.54
N VAL B 235 -50.40 -38.20 -2.35
CA VAL B 235 -49.31 -38.34 -3.30
C VAL B 235 -49.88 -39.00 -4.52
N LYS B 236 -50.88 -39.86 -4.30
CA LYS B 236 -51.48 -40.57 -5.41
C LYS B 236 -52.20 -39.64 -6.34
N ASP B 237 -52.74 -38.56 -5.76
CA ASP B 237 -53.47 -37.59 -6.54
C ASP B 237 -52.59 -36.54 -7.19
N THR B 238 -51.91 -35.73 -6.36
CA THR B 238 -51.04 -34.67 -6.87
C THR B 238 -49.86 -35.24 -7.61
N GLN B 239 -49.46 -36.44 -7.22
CA GLN B 239 -48.31 -37.11 -7.79
C GLN B 239 -46.98 -36.60 -7.26
N VAL B 240 -46.98 -35.81 -6.18
CA VAL B 240 -45.72 -35.34 -5.60
C VAL B 240 -44.96 -36.46 -4.84
N GLU B 241 -43.65 -36.43 -4.90
CA GLU B 241 -42.85 -37.45 -4.27
C GLU B 241 -42.63 -37.08 -2.81
N MET B 242 -43.12 -37.96 -1.94
CA MET B 242 -43.00 -37.81 -0.51
C MET B 242 -42.26 -39.03 0.02
N ILE B 243 -41.65 -38.92 1.18
CA ILE B 243 -40.96 -40.04 1.80
C ILE B 243 -41.90 -40.69 2.82
N TYR B 244 -42.31 -41.92 2.52
CA TYR B 244 -43.22 -42.65 3.39
C TYR B 244 -42.88 -44.13 3.40
N PRO B 245 -42.92 -44.80 4.57
CA PRO B 245 -42.63 -46.22 4.69
C PRO B 245 -43.69 -46.94 3.86
N PRO B 246 -43.26 -47.89 2.98
CA PRO B 246 -44.12 -48.69 2.08
C PRO B 246 -45.43 -49.23 2.66
N HIS B 247 -45.43 -49.61 3.93
CA HIS B 247 -46.63 -50.13 4.52
C HIS B 247 -47.77 -49.09 4.63
N ILE B 248 -47.45 -47.81 4.51
CA ILE B 248 -48.47 -46.79 4.60
C ILE B 248 -49.45 -47.01 3.45
N PRO B 249 -50.72 -47.27 3.78
CA PRO B 249 -51.86 -47.57 2.90
C PRO B 249 -52.25 -46.57 1.86
N GLU B 250 -51.37 -45.69 1.43
CA GLU B 250 -51.76 -44.66 0.45
C GLU B 250 -52.82 -43.92 1.26
N ASN B 251 -53.71 -43.18 0.62
CA ASN B 251 -54.80 -42.49 1.32
C ASN B 251 -54.43 -41.79 2.61
N LEU B 252 -53.17 -41.91 3.00
CA LEU B 252 -52.62 -41.37 4.23
C LEU B 252 -51.23 -40.83 3.90
N GLN B 253 -50.82 -41.07 2.66
CA GLN B 253 -49.56 -40.54 2.17
C GLN B 253 -49.91 -39.09 1.74
N PHE B 254 -49.77 -38.16 2.66
CA PHE B 254 -50.09 -36.78 2.37
C PHE B 254 -49.03 -36.10 1.53
N ALA B 255 -49.44 -35.14 0.68
CA ALA B 255 -48.55 -34.38 -0.23
C ALA B 255 -47.75 -33.20 0.38
N VAL B 256 -48.48 -32.21 0.86
CA VAL B 256 -47.89 -31.05 1.53
C VAL B 256 -46.79 -30.12 0.95
N GLY B 257 -45.59 -30.61 0.63
CA GLY B 257 -44.60 -29.66 0.15
C GLY B 257 -43.16 -29.99 0.50
N GLN B 258 -42.91 -30.40 1.74
CA GLN B 258 -41.57 -30.85 2.20
C GLN B 258 -41.71 -32.37 2.10
N GLU B 259 -40.83 -33.01 1.37
CA GLU B 259 -40.97 -34.45 1.18
C GLU B 259 -40.77 -35.34 2.42
N VAL B 260 -40.57 -34.74 3.58
CA VAL B 260 -40.37 -35.52 4.80
C VAL B 260 -41.43 -35.27 5.90
N PHE B 261 -42.34 -34.35 5.69
CA PHE B 261 -43.33 -34.07 6.72
C PHE B 261 -44.40 -35.12 6.93
N GLY B 262 -44.15 -36.32 6.41
CA GLY B 262 -45.11 -37.40 6.55
C GLY B 262 -44.60 -38.42 7.54
N LEU B 263 -43.39 -38.19 8.00
CA LEU B 263 -42.75 -39.06 8.95
C LEU B 263 -43.05 -38.71 10.43
N VAL B 264 -43.78 -37.64 10.66
CA VAL B 264 -44.07 -37.20 12.01
C VAL B 264 -45.33 -36.37 11.99
N PRO B 265 -46.42 -36.86 12.60
CA PRO B 265 -47.71 -36.17 12.68
C PRO B 265 -47.70 -34.75 13.28
N GLY B 266 -46.69 -34.39 14.08
CA GLY B 266 -46.59 -33.07 14.66
C GLY B 266 -46.33 -32.11 13.53
N LEU B 267 -45.58 -32.57 12.54
CA LEU B 267 -45.25 -31.80 11.33
C LEU B 267 -46.48 -31.76 10.47
N MET B 268 -47.08 -32.90 10.16
CA MET B 268 -48.27 -32.91 9.31
C MET B 268 -49.40 -32.07 9.88
N MET B 269 -49.36 -31.83 11.18
CA MET B 269 -50.38 -31.03 11.86
C MET B 269 -50.21 -29.60 11.35
N TYR B 270 -49.00 -29.09 11.47
CA TYR B 270 -48.66 -27.76 11.03
C TYR B 270 -48.67 -27.69 9.49
N ALA B 271 -48.40 -28.83 8.86
CA ALA B 271 -48.39 -28.89 7.41
C ALA B 271 -49.79 -28.60 6.96
N THR B 272 -50.75 -29.08 7.74
CA THR B 272 -52.15 -28.88 7.44
C THR B 272 -52.71 -27.48 7.81
N ILE B 273 -52.28 -26.92 8.96
CA ILE B 273 -52.75 -25.61 9.40
C ILE B 273 -52.31 -24.50 8.42
N TRP B 274 -51.10 -24.59 7.89
CA TRP B 274 -50.64 -23.60 6.92
C TRP B 274 -51.37 -23.83 5.59
N LEU B 275 -51.59 -25.08 5.20
CA LEU B 275 -52.32 -25.31 3.97
C LEU B 275 -53.64 -24.62 4.14
N ARG B 276 -54.23 -24.78 5.32
CA ARG B 276 -55.51 -24.14 5.63
C ARG B 276 -55.35 -22.63 5.55
N GLU B 277 -54.25 -22.14 6.13
CA GLU B 277 -53.98 -20.71 6.13
C GLU B 277 -53.85 -20.12 4.74
N HIS B 278 -53.08 -20.75 3.87
CA HIS B 278 -52.92 -20.28 2.49
C HIS B 278 -54.31 -20.01 1.91
N GLN B 279 -55.08 -21.06 1.66
CA GLN B 279 -56.44 -20.92 1.15
C GLN B 279 -57.23 -19.75 1.78
N ARG B 280 -57.25 -19.74 3.12
CA ARG B 280 -57.96 -18.70 3.89
C ARG B 280 -57.61 -17.28 3.35
N VAL B 281 -56.32 -17.06 3.09
CA VAL B 281 -55.86 -15.80 2.53
C VAL B 281 -56.37 -15.66 1.09
N CYS B 282 -56.28 -16.71 0.28
CA CYS B 282 -56.80 -16.67 -1.07
C CYS B 282 -58.21 -16.09 -1.12
N ASP B 283 -59.13 -16.68 -0.37
CA ASP B 283 -60.52 -16.22 -0.32
C ASP B 283 -60.59 -14.77 0.09
N ILE B 284 -59.73 -14.36 1.00
CA ILE B 284 -59.70 -12.98 1.47
C ILE B 284 -59.27 -12.05 0.34
N LEU B 285 -58.20 -12.44 -0.36
CA LEU B 285 -57.67 -11.65 -1.46
C LEU B 285 -58.63 -11.66 -2.65
N LYS B 286 -59.40 -12.73 -2.81
CA LYS B 286 -60.37 -12.79 -3.88
C LYS B 286 -61.56 -11.84 -3.58
N GLN B 287 -61.88 -11.74 -2.31
CA GLN B 287 -62.96 -10.86 -1.85
C GLN B 287 -62.61 -9.38 -2.15
N GLU B 288 -61.32 -9.11 -2.25
CA GLU B 288 -60.81 -7.76 -2.51
C GLU B 288 -60.47 -7.56 -3.97
N HIS B 289 -60.23 -8.67 -4.65
CA HIS B 289 -59.84 -8.61 -6.03
C HIS B 289 -60.61 -9.59 -6.88
N PRO B 290 -61.84 -9.21 -7.27
CA PRO B 290 -62.75 -10.00 -8.13
C PRO B 290 -62.07 -10.14 -9.50
N GLU B 291 -61.21 -9.19 -9.77
CA GLU B 291 -60.50 -9.16 -11.01
C GLU B 291 -59.20 -9.93 -11.03
N TRP B 292 -58.71 -10.37 -9.87
CA TRP B 292 -57.46 -11.10 -9.83
C TRP B 292 -57.67 -12.50 -10.32
N GLY B 293 -56.58 -13.15 -10.71
CA GLY B 293 -56.69 -14.50 -11.19
C GLY B 293 -55.87 -15.41 -10.31
N ASP B 294 -55.87 -16.70 -10.64
CA ASP B 294 -55.11 -17.68 -9.88
C ASP B 294 -53.68 -17.24 -9.49
N GLU B 295 -52.75 -17.26 -10.45
CA GLU B 295 -51.36 -16.93 -10.14
C GLU B 295 -51.13 -15.69 -9.33
N GLN B 296 -52.01 -14.71 -9.40
CA GLN B 296 -51.77 -13.53 -8.61
C GLN B 296 -52.29 -13.73 -7.21
N LEU B 297 -53.38 -14.46 -7.11
CA LEU B 297 -53.90 -14.75 -5.80
C LEU B 297 -52.80 -15.58 -5.12
N PHE B 298 -52.28 -16.60 -5.81
CA PHE B 298 -51.24 -17.46 -5.26
C PHE B 298 -49.99 -16.73 -4.82
N GLN B 299 -49.28 -16.13 -5.77
CA GLN B 299 -48.07 -15.39 -5.48
C GLN B 299 -48.22 -14.36 -4.38
N THR B 300 -49.39 -13.75 -4.26
CA THR B 300 -49.59 -12.77 -3.19
C THR B 300 -49.77 -13.52 -1.85
N SER B 301 -50.57 -14.58 -1.86
CA SER B 301 -50.84 -15.41 -0.68
C SER B 301 -49.49 -15.92 -0.16
N LYS B 302 -48.67 -16.52 -1.03
CA LYS B 302 -47.36 -16.97 -0.61
C LYS B 302 -46.54 -15.83 -0.01
N LEU B 303 -46.86 -14.57 -0.30
CA LEU B 303 -46.09 -13.46 0.27
C LEU B 303 -46.58 -13.08 1.67
N ILE B 304 -47.88 -13.22 1.89
CA ILE B 304 -48.53 -12.91 3.18
C ILE B 304 -48.12 -13.93 4.22
N LEU B 305 -48.18 -15.20 3.86
CA LEU B 305 -47.77 -16.25 4.78
C LEU B 305 -46.32 -16.08 5.17
N ILE B 306 -45.47 -15.60 4.27
CA ILE B 306 -44.07 -15.40 4.63
C ILE B 306 -43.98 -14.33 5.69
N GLY B 307 -44.83 -13.33 5.59
CA GLY B 307 -44.84 -12.25 6.56
C GLY B 307 -45.34 -12.73 7.92
N GLU B 308 -46.40 -13.54 7.91
CA GLU B 308 -46.96 -14.10 9.14
C GLU B 308 -45.87 -14.91 9.77
N THR B 309 -45.32 -15.86 9.03
CA THR B 309 -44.23 -16.67 9.53
C THR B 309 -43.19 -15.80 10.23
N ILE B 310 -42.64 -14.82 9.54
CA ILE B 310 -41.63 -13.96 10.17
C ILE B 310 -42.20 -13.26 11.40
N LYS B 311 -43.45 -12.82 11.31
CA LYS B 311 -44.13 -12.13 12.40
C LYS B 311 -44.20 -13.03 13.64
N ILE B 312 -44.85 -14.17 13.45
CA ILE B 312 -45.04 -15.17 14.49
C ILE B 312 -43.71 -15.61 15.12
N VAL B 313 -42.69 -15.84 14.31
CA VAL B 313 -41.40 -16.29 14.82
C VAL B 313 -40.67 -15.25 15.62
N ILE B 314 -40.97 -13.98 15.42
CA ILE B 314 -40.26 -12.97 16.20
C ILE B 314 -40.98 -12.67 17.52
N GLU B 315 -42.25 -12.35 17.43
CA GLU B 315 -43.02 -11.97 18.61
C GLU B 315 -43.64 -13.04 19.49
N ASP B 316 -43.78 -14.27 19.00
CA ASP B 316 -44.32 -15.38 19.83
C ASP B 316 -43.21 -16.39 20.15
N TYR B 317 -42.71 -17.04 19.12
CA TYR B 317 -41.63 -18.02 19.18
C TYR B 317 -40.38 -17.46 19.89
N VAL B 318 -39.61 -16.64 19.19
CA VAL B 318 -38.40 -16.04 19.75
C VAL B 318 -38.69 -15.30 21.05
N GLN B 319 -39.79 -14.56 21.09
CA GLN B 319 -40.17 -13.81 22.29
C GLN B 319 -40.08 -14.71 23.50
N HIS B 320 -40.86 -15.80 23.41
CA HIS B 320 -40.96 -16.86 24.43
C HIS B 320 -39.61 -17.49 24.74
N LEU B 321 -38.90 -17.86 23.71
CA LEU B 321 -37.61 -18.48 23.89
C LEU B 321 -36.68 -17.55 24.71
N SER B 322 -36.86 -16.24 24.58
CA SER B 322 -36.00 -15.29 25.29
C SER B 322 -36.39 -15.10 26.74
N GLY B 323 -37.70 -15.01 26.96
CA GLY B 323 -38.23 -14.81 28.29
C GLY B 323 -37.93 -13.39 28.71
N TYR B 324 -37.74 -12.52 27.73
CA TYR B 324 -37.44 -11.12 28.02
C TYR B 324 -38.77 -10.43 28.32
N HIS B 325 -38.74 -9.47 29.23
CA HIS B 325 -39.95 -8.70 29.58
C HIS B 325 -40.20 -7.69 28.47
N PHE B 326 -39.14 -7.36 27.73
CA PHE B 326 -39.23 -6.42 26.60
C PHE B 326 -39.94 -7.11 25.44
N LYS B 327 -40.96 -6.45 24.91
CA LYS B 327 -41.72 -6.99 23.79
C LYS B 327 -40.97 -6.86 22.43
N LEU B 328 -40.48 -7.97 21.92
CA LEU B 328 -39.78 -8.00 20.65
C LEU B 328 -40.78 -7.59 19.60
N LYS B 329 -40.27 -7.00 18.51
CA LYS B 329 -41.13 -6.44 17.46
C LYS B 329 -40.69 -6.77 16.04
N PHE B 330 -41.64 -7.08 15.17
CA PHE B 330 -41.34 -7.32 13.78
C PHE B 330 -41.73 -6.02 13.10
N ASP B 331 -40.74 -5.18 12.82
CA ASP B 331 -41.00 -3.95 12.11
C ASP B 331 -39.86 -3.71 11.15
N PRO B 332 -40.04 -4.12 9.87
CA PRO B 332 -39.05 -3.99 8.79
C PRO B 332 -38.46 -2.58 8.68
N GLU B 333 -39.19 -1.62 9.21
CA GLU B 333 -38.77 -0.23 9.22
C GLU B 333 -37.59 0.07 10.11
N LEU B 334 -37.44 -0.67 11.18
CA LEU B 334 -36.37 -0.40 12.10
C LEU B 334 -35.02 -0.31 11.42
N LEU B 335 -34.90 -1.01 10.30
CA LEU B 335 -33.67 -1.04 9.54
C LEU B 335 -33.60 -0.14 8.29
N PHE B 336 -34.65 0.63 8.04
CA PHE B 336 -34.71 1.51 6.87
C PHE B 336 -33.67 2.64 6.88
N ASN B 337 -33.11 2.93 8.06
CA ASN B 337 -32.07 3.96 8.15
C ASN B 337 -30.77 3.29 8.60
N GLN B 338 -30.79 1.97 8.64
CA GLN B 338 -29.63 1.20 9.03
C GLN B 338 -28.99 0.57 7.80
N GLN B 339 -27.72 0.22 7.94
CA GLN B 339 -27.03 -0.46 6.87
C GLN B 339 -27.44 -1.92 7.16
N PHE B 340 -27.96 -2.61 6.16
CA PHE B 340 -28.41 -3.99 6.35
C PHE B 340 -28.45 -4.79 5.03
N GLN B 341 -27.88 -5.99 5.01
CA GLN B 341 -27.90 -6.83 3.83
C GLN B 341 -29.14 -7.68 3.75
N TYR B 342 -30.07 -7.35 2.88
CA TYR B 342 -31.28 -8.12 2.75
C TYR B 342 -31.02 -9.38 1.95
N GLN B 343 -30.12 -10.19 2.47
CA GLN B 343 -29.77 -11.45 1.83
C GLN B 343 -29.35 -12.40 2.96
N ASN B 344 -29.15 -13.68 2.66
CA ASN B 344 -28.75 -14.63 3.69
C ASN B 344 -28.34 -15.99 3.13
N ARG B 345 -27.49 -16.72 3.88
CA ARG B 345 -27.02 -18.07 3.50
C ARG B 345 -27.04 -18.96 4.74
N ILE B 346 -27.83 -20.04 4.78
CA ILE B 346 -27.82 -20.83 6.00
C ILE B 346 -26.50 -21.56 6.18
N ALA B 347 -25.95 -21.35 7.38
CA ALA B 347 -24.69 -21.88 7.82
C ALA B 347 -24.82 -23.22 8.50
N SER B 348 -23.75 -24.01 8.45
CA SER B 348 -23.75 -25.32 9.12
C SER B 348 -23.96 -25.09 10.61
N GLU B 349 -23.13 -24.26 11.24
CA GLU B 349 -23.25 -24.00 12.67
C GLU B 349 -24.66 -23.73 13.13
N PHE B 350 -25.46 -23.05 12.32
CA PHE B 350 -26.83 -22.78 12.72
C PHE B 350 -27.60 -24.09 12.72
N ASN B 351 -27.32 -24.94 11.75
CA ASN B 351 -28.02 -26.21 11.69
C ASN B 351 -27.75 -27.01 12.95
N THR B 352 -26.47 -27.04 13.34
CA THR B 352 -26.04 -27.75 14.51
C THR B 352 -26.73 -27.16 15.72
N LEU B 353 -26.54 -25.87 15.97
CA LEU B 353 -27.16 -25.22 17.10
C LEU B 353 -28.64 -25.60 17.20
N TYR B 354 -29.32 -25.62 16.05
CA TYR B 354 -30.76 -25.94 16.00
C TYR B 354 -31.15 -27.40 16.15
N HIS B 355 -30.23 -28.23 16.62
CA HIS B 355 -30.54 -29.63 16.84
C HIS B 355 -31.11 -29.71 18.27
N TRP B 356 -32.43 -29.51 18.36
CA TRP B 356 -33.15 -29.50 19.61
C TRP B 356 -33.96 -30.77 19.91
N HIS B 357 -33.32 -31.91 19.77
CA HIS B 357 -33.98 -33.18 20.02
C HIS B 357 -34.43 -33.34 21.45
N PRO B 358 -33.71 -32.72 22.42
CA PRO B 358 -34.09 -32.79 23.85
C PRO B 358 -35.47 -32.21 24.15
N LEU B 359 -36.09 -31.53 23.20
CA LEU B 359 -37.42 -30.96 23.45
C LEU B 359 -38.40 -32.11 23.52
N LEU B 360 -38.08 -33.18 22.79
CA LEU B 360 -38.93 -34.37 22.74
C LEU B 360 -39.20 -35.08 24.08
N PRO B 361 -40.46 -35.42 24.33
CA PRO B 361 -40.78 -36.13 25.57
C PRO B 361 -40.57 -37.60 25.27
N ASP B 362 -40.86 -38.45 26.24
CA ASP B 362 -40.69 -39.91 26.05
C ASP B 362 -41.89 -40.57 25.40
N THR B 363 -43.06 -39.92 25.53
CA THR B 363 -44.26 -40.38 24.89
C THR B 363 -44.97 -39.15 24.33
N PHE B 364 -45.70 -39.31 23.23
CA PHE B 364 -46.46 -38.21 22.65
C PHE B 364 -47.88 -38.45 23.09
N ASN B 365 -48.26 -37.72 24.12
CA ASN B 365 -49.57 -37.89 24.73
C ASN B 365 -50.62 -37.01 24.04
N ILE B 366 -51.39 -37.62 23.13
CA ILE B 366 -52.43 -36.89 22.45
C ILE B 366 -53.75 -37.29 23.10
N GLU B 367 -54.19 -36.42 23.99
CA GLU B 367 -55.41 -36.59 24.78
C GLU B 367 -56.05 -37.98 24.91
N ASP B 368 -55.73 -38.61 26.05
CA ASP B 368 -56.18 -39.94 26.46
C ASP B 368 -55.30 -41.11 25.99
N GLN B 369 -54.57 -40.93 24.89
CA GLN B 369 -53.65 -41.95 24.44
C GLN B 369 -52.24 -41.37 24.39
N GLU B 370 -51.27 -42.15 24.84
CA GLU B 370 -49.90 -41.71 24.86
C GLU B 370 -49.22 -42.59 23.84
N TYR B 371 -48.23 -42.05 23.14
CA TYR B 371 -47.58 -42.82 22.10
C TYR B 371 -46.07 -42.97 22.26
N SER B 372 -45.58 -44.16 21.85
CA SER B 372 -44.16 -44.39 21.89
C SER B 372 -43.65 -43.72 20.61
N PHE B 373 -42.37 -43.37 20.57
CA PHE B 373 -41.81 -42.78 19.39
C PHE B 373 -42.23 -43.69 18.25
N LYS B 374 -41.88 -44.95 18.40
CA LYS B 374 -42.18 -45.96 17.42
C LYS B 374 -43.63 -46.01 16.97
N GLN B 375 -44.55 -45.60 17.82
CA GLN B 375 -45.96 -45.65 17.47
C GLN B 375 -46.43 -44.41 16.75
N PHE B 376 -45.80 -43.29 17.09
CA PHE B 376 -46.12 -41.99 16.50
C PHE B 376 -45.53 -41.81 15.09
N LEU B 377 -44.28 -42.23 14.91
CA LEU B 377 -43.58 -42.08 13.64
C LEU B 377 -44.36 -42.48 12.41
N TYR B 378 -44.47 -41.52 11.48
CA TYR B 378 -45.19 -41.67 10.22
C TYR B 378 -46.52 -42.35 10.36
N ASN B 379 -47.25 -41.97 11.40
CA ASN B 379 -48.55 -42.54 11.65
C ASN B 379 -49.54 -41.39 11.54
N ASN B 380 -50.02 -41.14 10.33
CA ASN B 380 -50.95 -40.05 10.10
C ASN B 380 -52.39 -40.30 10.54
N SER B 381 -52.75 -41.57 10.78
CA SER B 381 -54.11 -41.86 11.24
C SER B 381 -54.33 -41.21 12.60
N ILE B 382 -53.23 -41.05 13.35
CA ILE B 382 -53.30 -40.40 14.66
C ILE B 382 -53.83 -38.95 14.46
N LEU B 383 -53.35 -38.31 13.41
CA LEU B 383 -53.78 -36.96 13.09
C LEU B 383 -55.24 -37.05 12.72
N LEU B 384 -55.55 -37.95 11.79
CA LEU B 384 -56.92 -38.15 11.36
C LEU B 384 -57.83 -38.62 12.50
N GLU B 385 -57.23 -39.26 13.51
CA GLU B 385 -57.95 -39.78 14.69
C GLU B 385 -58.56 -38.69 15.53
N HIS B 386 -57.69 -37.97 16.24
CA HIS B 386 -58.10 -36.90 17.13
C HIS B 386 -58.39 -35.60 16.42
N GLY B 387 -57.69 -35.37 15.30
CA GLY B 387 -57.91 -34.22 14.47
C GLY B 387 -57.72 -32.75 14.83
N LEU B 388 -56.48 -32.30 14.77
CA LEU B 388 -56.15 -30.89 14.98
C LEU B 388 -56.60 -30.25 16.30
N THR B 389 -57.88 -29.93 16.42
CA THR B 389 -58.44 -29.32 17.63
C THR B 389 -57.93 -30.16 18.79
N GLN B 390 -58.28 -31.44 18.80
CA GLN B 390 -57.78 -32.32 19.87
C GLN B 390 -56.46 -32.79 19.26
N PHE B 391 -55.45 -31.98 19.51
CA PHE B 391 -54.11 -32.23 19.02
C PHE B 391 -53.47 -30.95 19.43
N VAL B 392 -54.23 -29.88 19.20
CA VAL B 392 -53.80 -28.55 19.54
C VAL B 392 -53.93 -28.40 21.04
N GLU B 393 -55.06 -28.89 21.58
CA GLU B 393 -55.35 -28.83 23.03
C GLU B 393 -54.37 -29.72 23.77
N SER B 394 -54.14 -30.93 23.26
CA SER B 394 -53.18 -31.83 23.87
C SER B 394 -51.82 -31.17 23.89
N PHE B 395 -51.28 -30.86 22.71
CA PHE B 395 -49.97 -30.22 22.58
C PHE B 395 -49.76 -28.87 23.30
N THR B 396 -50.82 -28.08 23.47
CA THR B 396 -50.73 -26.78 24.17
C THR B 396 -50.35 -27.09 25.63
N ARG B 397 -50.82 -28.27 26.07
CA ARG B 397 -50.64 -28.79 27.42
C ARG B 397 -49.74 -30.03 27.42
N GLN B 398 -48.43 -29.83 27.29
CA GLN B 398 -47.49 -30.95 27.35
C GLN B 398 -46.06 -30.44 27.26
N ILE B 399 -45.40 -30.16 28.40
CA ILE B 399 -44.02 -29.67 28.35
C ILE B 399 -43.08 -30.47 27.40
N ALA B 400 -42.00 -29.81 27.01
CA ALA B 400 -40.98 -30.38 26.16
C ALA B 400 -39.73 -30.41 27.05
N GLY B 401 -38.76 -31.26 26.73
CA GLY B 401 -37.55 -31.35 27.53
C GLY B 401 -36.67 -30.12 27.50
N ARG B 402 -35.76 -30.00 28.46
CA ARG B 402 -34.84 -28.86 28.52
C ARG B 402 -33.78 -29.19 27.51
N VAL B 403 -33.30 -28.22 26.75
CA VAL B 403 -32.29 -28.52 25.75
C VAL B 403 -30.95 -28.59 26.48
N ALA B 404 -30.49 -27.44 26.97
CA ALA B 404 -29.23 -27.34 27.69
C ALA B 404 -29.38 -28.00 29.04
N GLY B 405 -28.32 -28.03 29.84
CA GLY B 405 -28.43 -28.66 31.15
C GLY B 405 -27.63 -29.96 31.24
N GLY B 406 -28.02 -30.94 30.44
CA GLY B 406 -27.29 -32.21 30.40
C GLY B 406 -28.19 -33.40 30.20
N ARG B 407 -27.57 -34.52 29.83
CA ARG B 407 -28.25 -35.79 29.65
C ARG B 407 -29.75 -35.81 29.32
N ASN B 408 -30.20 -35.05 28.31
CA ASN B 408 -31.64 -35.04 28.00
C ASN B 408 -32.05 -35.55 26.63
N VAL B 409 -31.12 -36.19 25.92
CA VAL B 409 -31.43 -36.68 24.58
C VAL B 409 -32.20 -37.99 24.57
N PRO B 410 -33.44 -37.99 24.08
CA PRO B 410 -34.24 -39.21 24.04
C PRO B 410 -33.43 -40.32 23.38
N ILE B 411 -33.35 -41.45 24.06
CA ILE B 411 -32.59 -42.59 23.56
C ILE B 411 -33.08 -42.99 22.18
N ALA B 412 -34.29 -42.55 21.83
CA ALA B 412 -34.88 -42.89 20.54
C ALA B 412 -34.10 -42.18 19.43
N VAL B 413 -34.07 -40.85 19.48
CA VAL B 413 -33.33 -40.10 18.47
C VAL B 413 -31.86 -40.00 18.91
N GLN B 414 -31.31 -41.10 19.43
CA GLN B 414 -29.93 -41.09 19.88
C GLN B 414 -29.01 -41.34 18.70
N ALA B 415 -29.55 -41.97 17.67
CA ALA B 415 -28.78 -42.25 16.46
C ALA B 415 -28.46 -40.90 15.87
N VAL B 416 -29.46 -40.01 15.99
CA VAL B 416 -29.38 -38.64 15.50
C VAL B 416 -28.29 -37.88 16.24
N ALA B 417 -28.44 -37.74 17.55
CA ALA B 417 -27.47 -37.01 18.35
C ALA B 417 -26.02 -37.43 18.11
N LYS B 418 -25.80 -38.74 17.91
CA LYS B 418 -24.45 -39.25 17.68
C LYS B 418 -24.04 -38.77 16.31
N ALA B 419 -24.96 -38.96 15.36
CA ALA B 419 -24.78 -38.50 13.97
C ALA B 419 -24.32 -37.03 13.98
N SER B 420 -25.00 -36.19 14.75
CA SER B 420 -24.57 -34.83 14.81
C SER B 420 -23.12 -34.77 15.21
N ILE B 421 -22.76 -35.45 16.28
CA ILE B 421 -21.37 -35.42 16.74
C ILE B 421 -20.43 -35.81 15.62
N ASP B 422 -20.72 -36.95 15.00
CA ASP B 422 -19.92 -37.49 13.92
C ASP B 422 -19.73 -36.55 12.75
N GLN B 423 -20.82 -35.96 12.28
CA GLN B 423 -20.78 -35.06 11.13
C GLN B 423 -20.03 -33.78 11.37
N SER B 424 -20.31 -33.11 12.48
CA SER B 424 -19.60 -31.89 12.85
C SER B 424 -18.11 -32.17 12.74
N ARG B 425 -17.75 -33.41 13.09
CA ARG B 425 -16.38 -33.86 13.06
C ARG B 425 -15.93 -33.98 11.63
N GLU B 426 -16.77 -34.57 10.77
CA GLU B 426 -16.38 -34.73 9.38
C GLU B 426 -16.35 -33.42 8.65
N MET B 427 -17.15 -32.49 9.12
CA MET B 427 -17.17 -31.18 8.49
C MET B 427 -16.11 -30.32 9.11
N LYS B 428 -15.01 -30.95 9.52
CA LYS B 428 -13.90 -30.27 10.15
C LYS B 428 -14.27 -29.06 10.98
N TYR B 429 -15.06 -29.24 12.04
CA TYR B 429 -15.43 -28.11 12.89
C TYR B 429 -14.29 -27.67 13.83
N GLN B 430 -14.45 -26.49 14.41
CA GLN B 430 -13.45 -25.98 15.32
C GLN B 430 -14.02 -26.10 16.73
N SER B 431 -13.16 -25.86 17.71
CA SER B 431 -13.52 -25.98 19.11
C SER B 431 -14.62 -25.06 19.57
N LEU B 432 -15.32 -25.49 20.64
CA LEU B 432 -16.42 -24.71 21.18
C LEU B 432 -15.86 -23.36 21.57
N ASN B 433 -14.61 -23.36 22.03
CA ASN B 433 -14.01 -22.10 22.46
C ASN B 433 -13.73 -21.11 21.38
N GLU B 434 -13.37 -21.63 20.20
CA GLU B 434 -13.12 -20.79 19.07
C GLU B 434 -14.47 -20.18 18.74
N TYR B 435 -15.49 -21.00 18.57
CA TYR B 435 -16.81 -20.48 18.30
C TYR B 435 -17.24 -19.45 19.35
N ARG B 436 -16.89 -19.69 20.61
CA ARG B 436 -17.25 -18.77 21.67
C ARG B 436 -16.58 -17.46 21.40
N LYS B 437 -15.31 -17.56 21.03
CA LYS B 437 -14.50 -16.40 20.72
C LYS B 437 -15.13 -15.64 19.53
N ARG B 438 -15.51 -16.40 18.51
CA ARG B 438 -16.11 -15.87 17.30
C ARG B 438 -17.31 -15.01 17.61
N PHE B 439 -18.09 -15.36 18.63
CA PHE B 439 -19.25 -14.56 18.95
C PHE B 439 -19.09 -13.63 20.12
N SER B 440 -17.89 -13.06 20.24
CA SER B 440 -17.55 -12.09 21.30
C SER B 440 -17.79 -12.62 22.68
N LEU B 441 -17.79 -13.94 22.81
CA LEU B 441 -18.01 -14.53 24.10
C LEU B 441 -16.63 -14.87 24.63
N LYS B 442 -16.53 -14.96 25.97
CA LYS B 442 -15.27 -15.29 26.65
C LYS B 442 -15.22 -16.82 26.73
N PRO B 443 -14.07 -17.44 26.39
CA PRO B 443 -13.99 -18.90 26.45
C PRO B 443 -14.02 -19.50 27.83
N TYR B 444 -14.51 -20.74 27.88
CA TYR B 444 -14.57 -21.54 29.11
C TYR B 444 -13.18 -22.00 29.51
N THR B 445 -12.86 -21.83 30.79
CA THR B 445 -11.56 -22.22 31.29
C THR B 445 -11.59 -23.61 31.87
N SER B 446 -12.74 -24.29 31.75
CA SER B 446 -12.83 -25.64 32.30
C SER B 446 -14.17 -26.30 32.05
N PHE B 447 -14.13 -27.62 31.88
CA PHE B 447 -15.34 -28.42 31.63
C PHE B 447 -16.24 -28.12 32.78
N GLU B 448 -15.59 -27.96 33.91
CA GLU B 448 -16.25 -27.64 35.14
C GLU B 448 -16.97 -26.30 34.95
N GLU B 449 -16.30 -25.34 34.30
CA GLU B 449 -16.90 -24.02 34.03
C GLU B 449 -18.07 -24.08 33.06
N LEU B 450 -17.91 -24.95 32.06
CA LEU B 450 -18.93 -25.16 31.05
C LEU B 450 -20.27 -25.66 31.62
N THR B 451 -20.24 -26.86 32.22
CA THR B 451 -21.42 -27.54 32.81
C THR B 451 -22.10 -26.89 34.02
N GLY B 452 -21.33 -26.27 34.90
CA GLY B 452 -21.91 -25.61 36.07
C GLY B 452 -22.11 -26.60 37.22
N GLU B 453 -21.41 -27.72 37.13
CA GLU B 453 -21.47 -28.78 38.11
C GLU B 453 -20.20 -29.58 37.85
N LYS B 454 -19.96 -30.66 38.59
CA LYS B 454 -18.75 -31.45 38.37
C LYS B 454 -18.92 -32.92 37.96
N GLU B 455 -20.14 -33.46 38.11
CA GLU B 455 -20.39 -34.85 37.75
C GLU B 455 -20.02 -35.00 36.29
N MET B 456 -20.79 -34.36 35.41
CA MET B 456 -20.52 -34.42 33.96
C MET B 456 -19.20 -33.74 33.64
N ALA B 457 -19.03 -32.53 34.16
CA ALA B 457 -17.84 -31.70 33.95
C ALA B 457 -16.60 -32.57 34.00
N ALA B 458 -16.27 -33.11 35.17
CA ALA B 458 -15.11 -33.96 35.30
C ALA B 458 -15.21 -35.19 34.36
N GLU B 459 -16.43 -35.68 34.20
CA GLU B 459 -16.72 -36.81 33.32
C GLU B 459 -16.25 -36.47 31.88
N LEU B 460 -16.56 -35.26 31.41
CA LEU B 460 -16.16 -34.80 30.08
C LEU B 460 -14.66 -34.62 30.05
N LYS B 461 -14.12 -34.03 31.10
CA LYS B 461 -12.68 -33.78 31.22
C LYS B 461 -11.94 -35.06 30.95
N ALA B 462 -12.43 -36.14 31.56
CA ALA B 462 -11.82 -37.46 31.37
C ALA B 462 -11.76 -37.76 29.88
N LEU B 463 -12.75 -37.28 29.14
CA LEU B 463 -12.78 -37.52 27.71
C LEU B 463 -11.98 -36.51 26.87
N TYR B 464 -12.31 -35.22 26.96
CA TYR B 464 -11.62 -34.20 26.17
C TYR B 464 -10.33 -33.67 26.78
N SER B 465 -10.09 -33.92 28.05
CA SER B 465 -8.87 -33.48 28.73
C SER B 465 -8.67 -31.97 28.78
N ASP B 466 -8.35 -31.36 27.63
CA ASP B 466 -8.17 -29.90 27.51
C ASP B 466 -9.52 -29.31 27.17
N ILE B 467 -9.95 -28.34 27.96
CA ILE B 467 -11.25 -27.69 27.74
C ILE B 467 -11.39 -27.10 26.33
N ASP B 468 -10.33 -26.45 25.88
CA ASP B 468 -10.35 -25.87 24.57
C ASP B 468 -10.86 -26.88 23.58
N VAL B 469 -10.20 -28.01 23.52
CA VAL B 469 -10.54 -29.07 22.59
C VAL B 469 -11.98 -29.61 22.65
N MET B 470 -12.78 -29.14 23.59
CA MET B 470 -14.18 -29.57 23.68
C MET B 470 -14.97 -29.14 22.42
N GLU B 471 -15.81 -30.05 21.93
CA GLU B 471 -16.64 -29.83 20.76
C GLU B 471 -17.92 -28.97 20.95
N LEU B 472 -18.29 -28.17 19.93
CA LEU B 472 -19.45 -27.27 19.95
C LEU B 472 -20.82 -27.90 20.18
N TYR B 473 -21.20 -28.92 19.40
CA TYR B 473 -22.50 -29.55 19.58
C TYR B 473 -22.76 -30.09 21.01
N PRO B 474 -21.92 -31.04 21.51
CA PRO B 474 -22.11 -31.60 22.84
C PRO B 474 -22.25 -30.52 23.87
N ALA B 475 -21.27 -29.61 23.88
CA ALA B 475 -21.21 -28.51 24.83
C ALA B 475 -22.49 -27.72 24.96
N LEU B 476 -23.19 -27.60 23.85
CA LEU B 476 -24.45 -26.85 23.83
C LEU B 476 -25.49 -27.48 24.73
N LEU B 477 -25.57 -28.82 24.68
CA LEU B 477 -26.54 -29.61 25.45
C LEU B 477 -26.13 -29.81 26.92
N VAL B 478 -24.83 -30.01 27.12
CA VAL B 478 -24.22 -30.22 28.42
C VAL B 478 -23.69 -28.87 28.86
N GLU B 479 -24.56 -27.89 29.00
CA GLU B 479 -24.11 -26.57 29.42
C GLU B 479 -25.01 -25.97 30.49
N LYS B 480 -24.40 -25.27 31.45
CA LYS B 480 -25.13 -24.61 32.52
C LYS B 480 -26.23 -23.67 32.00
N PRO B 481 -27.48 -24.08 32.15
CA PRO B 481 -28.50 -23.17 31.66
C PRO B 481 -28.46 -21.92 32.46
N ARG B 482 -28.84 -20.84 31.83
CA ARG B 482 -28.91 -19.60 32.55
C ARG B 482 -30.15 -19.94 33.37
N PRO B 483 -30.27 -19.41 34.61
CA PRO B 483 -31.39 -19.64 35.51
C PRO B 483 -32.45 -20.68 35.13
N ASP B 484 -33.71 -20.31 35.20
CA ASP B 484 -34.74 -21.29 34.89
C ASP B 484 -34.96 -21.39 33.39
N ALA B 485 -33.86 -21.38 32.63
CA ALA B 485 -33.93 -21.38 31.18
C ALA B 485 -33.53 -22.62 30.48
N ILE B 486 -34.01 -22.73 29.25
CA ILE B 486 -33.79 -23.85 28.37
C ILE B 486 -32.42 -23.89 27.73
N PHE B 487 -31.78 -22.75 27.57
CA PHE B 487 -30.44 -22.73 26.95
C PHE B 487 -29.47 -21.96 27.81
N GLY B 488 -28.21 -21.99 27.38
CA GLY B 488 -27.14 -21.28 28.04
C GLY B 488 -26.56 -20.25 27.07
N GLU B 489 -25.83 -19.29 27.60
CA GLU B 489 -25.21 -18.23 26.81
C GLU B 489 -24.72 -18.65 25.44
N THR B 490 -23.98 -19.74 25.33
CA THR B 490 -23.50 -20.15 24.01
C THR B 490 -24.66 -20.25 23.03
N MET B 491 -25.58 -21.19 23.25
CA MET B 491 -26.72 -21.36 22.34
C MET B 491 -27.42 -20.07 21.98
N VAL B 492 -27.66 -19.16 22.92
CA VAL B 492 -28.34 -17.92 22.56
C VAL B 492 -27.42 -17.03 21.77
N GLU B 493 -26.20 -16.85 22.27
CA GLU B 493 -25.25 -15.98 21.62
C GLU B 493 -24.83 -16.27 20.16
N LEU B 494 -24.80 -17.55 19.80
CA LEU B 494 -24.41 -17.96 18.47
C LEU B 494 -25.58 -18.02 17.52
N GLY B 495 -26.75 -18.42 18.02
CA GLY B 495 -27.90 -18.54 17.16
C GLY B 495 -28.69 -17.28 16.92
N ALA B 496 -28.83 -16.43 17.94
CA ALA B 496 -29.61 -15.22 17.76
C ALA B 496 -29.17 -14.44 16.53
N PRO B 497 -27.84 -14.30 16.28
CA PRO B 497 -27.40 -13.57 15.09
C PRO B 497 -27.92 -14.31 13.84
N PHE B 498 -27.50 -15.56 13.64
CA PHE B 498 -27.97 -16.37 12.52
C PHE B 498 -29.49 -16.28 12.35
N SER B 499 -30.23 -16.34 13.45
CA SER B 499 -31.70 -16.31 13.44
C SER B 499 -32.34 -14.98 13.02
N LEU B 500 -31.79 -13.86 13.48
CA LEU B 500 -32.38 -12.56 13.11
C LEU B 500 -31.96 -12.14 11.68
N LYS B 501 -30.76 -12.52 11.26
CA LYS B 501 -30.32 -12.19 9.91
C LYS B 501 -31.15 -12.95 8.88
N GLY B 502 -31.53 -14.17 9.20
CA GLY B 502 -32.31 -14.93 8.25
C GLY B 502 -33.77 -14.55 8.31
N LEU B 503 -34.15 -13.86 9.36
CA LEU B 503 -35.53 -13.49 9.51
C LEU B 503 -35.72 -12.12 8.88
N MET B 504 -34.81 -11.21 9.22
CA MET B 504 -34.84 -9.86 8.70
C MET B 504 -34.14 -9.69 7.34
N GLY B 505 -33.24 -10.58 6.98
CA GLY B 505 -32.56 -10.45 5.72
C GLY B 505 -33.39 -11.07 4.62
N ASN B 506 -34.69 -10.80 4.56
CA ASN B 506 -35.59 -11.38 3.55
C ASN B 506 -36.13 -10.28 2.60
N PRO B 507 -36.28 -10.60 1.30
CA PRO B 507 -36.78 -9.55 0.42
C PRO B 507 -38.04 -8.87 0.89
N ILE B 508 -39.04 -9.59 1.37
CA ILE B 508 -40.25 -8.87 1.78
C ILE B 508 -40.02 -7.78 2.83
N CYS B 509 -38.84 -7.76 3.43
CA CYS B 509 -38.52 -6.75 4.42
C CYS B 509 -37.85 -5.55 3.81
N SER B 510 -37.35 -5.70 2.59
CA SER B 510 -36.70 -4.60 1.90
C SER B 510 -37.72 -3.50 1.62
N PRO B 511 -37.29 -2.23 1.61
CA PRO B 511 -38.22 -1.14 1.37
C PRO B 511 -39.06 -1.30 0.12
N GLN B 512 -38.49 -1.80 -0.96
CA GLN B 512 -39.26 -1.94 -2.21
C GLN B 512 -40.42 -2.89 -1.99
N TYR B 513 -40.15 -3.89 -1.15
CA TYR B 513 -41.10 -4.93 -0.87
C TYR B 513 -42.07 -4.61 0.24
N TRP B 514 -41.59 -3.97 1.28
CA TRP B 514 -42.42 -3.66 2.46
C TRP B 514 -43.45 -2.53 2.29
N LYS B 515 -44.51 -2.79 1.54
CA LYS B 515 -45.52 -1.78 1.37
C LYS B 515 -46.81 -2.49 1.08
N PRO B 516 -47.92 -1.91 1.51
CA PRO B 516 -49.27 -2.41 1.35
C PRO B 516 -49.53 -3.13 0.04
N SER B 517 -49.24 -2.46 -1.07
CA SER B 517 -49.51 -3.01 -2.39
C SER B 517 -48.78 -4.29 -2.69
N THR B 518 -47.60 -4.45 -2.10
CA THR B 518 -46.84 -5.66 -2.34
C THR B 518 -47.65 -6.87 -1.97
N PHE B 519 -48.62 -6.69 -1.07
CA PHE B 519 -49.43 -7.79 -0.57
C PHE B 519 -50.91 -7.84 -0.93
N GLY B 520 -51.35 -6.98 -1.83
CA GLY B 520 -52.76 -6.99 -2.20
C GLY B 520 -53.58 -5.87 -1.58
N GLY B 521 -52.97 -4.95 -0.85
CA GLY B 521 -53.74 -3.89 -0.24
C GLY B 521 -53.50 -3.75 1.26
N GLU B 522 -54.16 -2.79 1.91
CA GLU B 522 -53.96 -2.59 3.34
C GLU B 522 -54.60 -3.76 4.11
N VAL B 523 -55.48 -4.48 3.41
CA VAL B 523 -56.12 -5.63 4.00
C VAL B 523 -55.10 -6.77 4.10
N GLY B 524 -54.46 -7.11 2.98
CA GLY B 524 -53.49 -8.17 3.00
C GLY B 524 -52.32 -7.83 3.89
N PHE B 525 -51.88 -6.58 3.86
CA PHE B 525 -50.76 -6.15 4.67
C PHE B 525 -51.05 -6.43 6.14
N LYS B 526 -52.28 -6.18 6.59
CA LYS B 526 -52.64 -6.43 7.98
C LYS B 526 -52.58 -7.88 8.35
N ILE B 527 -53.04 -8.76 7.46
CA ILE B 527 -52.99 -10.20 7.70
C ILE B 527 -51.56 -10.55 8.20
N ILE B 528 -50.56 -9.84 7.68
CA ILE B 528 -49.18 -10.02 8.10
C ILE B 528 -48.95 -9.35 9.45
N ASN B 529 -49.14 -8.05 9.53
CA ASN B 529 -48.91 -7.29 10.76
C ASN B 529 -49.78 -7.61 11.98
N THR B 530 -50.69 -8.56 11.88
CA THR B 530 -51.47 -8.92 13.04
C THR B 530 -51.51 -10.43 13.18
N ALA B 531 -50.48 -11.08 12.63
CA ALA B 531 -50.35 -12.53 12.70
C ALA B 531 -49.96 -13.00 14.10
N SER B 532 -50.35 -14.23 14.44
CA SER B 532 -50.00 -14.78 15.73
C SER B 532 -50.25 -16.28 15.73
N ILE B 533 -49.54 -17.02 16.56
CA ILE B 533 -49.74 -18.46 16.61
C ILE B 533 -51.17 -18.76 17.10
N GLN B 534 -51.75 -17.84 17.87
CA GLN B 534 -53.10 -18.02 18.35
C GLN B 534 -54.08 -17.87 17.22
N SER B 535 -53.88 -16.82 16.41
CA SER B 535 -54.75 -16.57 15.23
C SER B 535 -54.52 -17.65 14.19
N LEU B 536 -53.25 -18.04 14.02
CA LEU B 536 -52.91 -19.05 13.06
C LEU B 536 -53.81 -20.28 13.30
N ILE B 537 -53.98 -20.62 14.57
CA ILE B 537 -54.81 -21.76 14.98
C ILE B 537 -56.29 -21.37 15.03
N CYS B 538 -56.57 -20.21 15.63
CA CYS B 538 -57.93 -19.73 15.79
C CYS B 538 -58.71 -19.76 14.49
N ASN B 539 -58.06 -19.25 13.44
CA ASN B 539 -58.66 -19.17 12.11
C ASN B 539 -58.60 -20.44 11.30
N ASN B 540 -57.90 -21.46 11.77
CA ASN B 540 -57.79 -22.66 10.96
C ASN B 540 -58.10 -24.01 11.60
N VAL B 541 -58.49 -24.03 12.87
CA VAL B 541 -58.80 -25.27 13.57
C VAL B 541 -60.27 -25.19 13.95
N LYS B 542 -60.95 -26.35 14.02
CA LYS B 542 -62.42 -26.44 14.33
C LYS B 542 -63.06 -25.43 15.28
N GLY B 543 -62.61 -25.38 16.52
CA GLY B 543 -63.12 -24.37 17.47
C GLY B 543 -61.88 -23.49 17.59
N CYS B 544 -61.84 -22.43 18.36
CA CYS B 544 -60.55 -21.73 18.42
C CYS B 544 -59.77 -22.36 19.57
N PRO B 545 -59.25 -23.59 19.40
CA PRO B 545 -58.52 -24.16 20.52
C PRO B 545 -57.44 -23.20 20.92
N PHE B 546 -57.52 -22.67 22.14
CA PHE B 546 -56.51 -21.73 22.61
C PHE B 546 -55.16 -22.44 22.60
N THR B 547 -54.13 -21.71 22.22
CA THR B 547 -52.80 -22.26 22.18
C THR B 547 -51.79 -21.22 22.55
N SER B 548 -50.55 -21.68 22.54
CA SER B 548 -49.42 -20.86 22.86
C SER B 548 -48.25 -21.79 22.78
N PHE B 549 -47.06 -21.22 22.90
CA PHE B 549 -45.84 -22.02 22.86
C PHE B 549 -45.45 -22.35 24.29
N ASN B 550 -46.36 -22.06 25.21
CA ASN B 550 -46.15 -22.28 26.63
C ASN B 550 -47.21 -23.21 27.24
N VAL B 551 -46.73 -24.24 27.94
CA VAL B 551 -47.61 -25.20 28.57
C VAL B 551 -48.13 -24.53 29.82
N GLN B 552 -48.86 -23.45 29.63
CA GLN B 552 -49.41 -22.63 30.72
C GLN B 552 -48.47 -22.32 31.88
N ALA C 1 17.91 -21.35 2.39
CA ALA C 1 18.23 -21.68 0.96
C ALA C 1 19.45 -20.91 0.55
N ASN C 2 19.55 -19.66 1.00
CA ASN C 2 20.69 -18.80 0.66
C ASN C 2 21.98 -19.52 1.04
N PRO C 3 22.81 -19.84 0.03
CA PRO C 3 24.07 -20.54 0.29
C PRO C 3 25.03 -19.71 1.13
N CYS C 4 24.63 -18.48 1.46
CA CYS C 4 25.47 -17.66 2.33
C CYS C 4 24.95 -17.65 3.75
N CYS C 5 23.72 -18.16 3.96
CA CYS C 5 23.09 -18.24 5.29
C CYS C 5 24.06 -18.64 6.41
N SER C 6 24.98 -19.56 6.11
CA SER C 6 25.97 -20.06 7.06
C SER C 6 27.12 -19.11 7.38
N ASN C 7 27.02 -17.84 6.96
CA ASN C 7 28.08 -16.85 7.21
C ASN C 7 29.46 -17.48 6.97
N PRO C 8 29.60 -18.29 5.91
CA PRO C 8 30.87 -18.95 5.64
C PRO C 8 32.13 -18.12 5.43
N CYS C 9 31.96 -16.82 5.12
CA CYS C 9 33.15 -16.00 4.82
C CYS C 9 33.91 -15.37 5.97
N GLN C 10 35.09 -15.89 6.21
CA GLN C 10 35.93 -15.41 7.29
C GLN C 10 36.71 -14.15 7.00
N ASN C 11 37.46 -13.75 8.01
CA ASN C 11 38.32 -12.59 8.00
C ASN C 11 37.87 -11.35 7.22
N ARG C 12 36.55 -11.13 7.17
CA ARG C 12 35.96 -9.96 6.51
C ARG C 12 35.58 -10.05 5.01
N GLY C 13 36.00 -11.11 4.31
CA GLY C 13 35.62 -11.24 2.91
C GLY C 13 34.10 -11.18 2.79
N GLU C 14 33.57 -10.99 1.58
CA GLU C 14 32.12 -10.93 1.32
C GLU C 14 31.61 -12.24 0.76
N CYS C 15 30.39 -12.61 1.10
CA CYS C 15 29.87 -13.87 0.60
C CYS C 15 28.95 -13.59 -0.52
N MET C 16 29.07 -14.38 -1.58
CA MET C 16 28.22 -14.19 -2.73
C MET C 16 27.67 -15.54 -3.25
N SER C 17 26.35 -15.61 -3.47
CA SER C 17 25.67 -16.79 -4.01
C SER C 17 25.91 -16.94 -5.52
N THR C 18 26.93 -17.72 -5.90
CA THR C 18 27.24 -17.91 -7.30
C THR C 18 26.55 -19.18 -7.75
N GLY C 19 25.23 -19.18 -7.72
CA GLY C 19 24.49 -20.36 -8.11
C GLY C 19 23.65 -20.69 -6.89
N PHE C 20 22.57 -21.44 -7.07
CA PHE C 20 21.67 -21.77 -5.97
C PHE C 20 22.31 -22.33 -4.68
N ASP C 21 23.19 -23.32 -4.81
CA ASP C 21 23.81 -23.89 -3.63
C ASP C 21 25.28 -23.58 -3.57
N GLN C 22 25.71 -22.57 -4.29
CA GLN C 22 27.12 -22.26 -4.23
C GLN C 22 27.31 -20.84 -3.73
N TYR C 23 28.51 -20.56 -3.25
CA TYR C 23 28.80 -19.25 -2.72
C TYR C 23 30.25 -18.98 -3.05
N LYS C 24 30.64 -17.73 -2.90
CA LYS C 24 32.01 -17.36 -3.22
C LYS C 24 32.36 -16.23 -2.27
N CYS C 25 33.60 -16.26 -1.74
CA CYS C 25 34.03 -15.20 -0.83
C CYS C 25 34.95 -14.18 -1.51
N ASP C 26 34.60 -12.91 -1.38
CA ASP C 26 35.44 -11.87 -1.95
C ASP C 26 36.45 -11.45 -0.89
N CYS C 27 37.61 -12.13 -0.83
CA CYS C 27 38.60 -11.79 0.19
C CYS C 27 39.43 -10.56 -0.16
N THR C 28 38.88 -9.70 -1.00
CA THR C 28 39.61 -8.53 -1.38
C THR C 28 40.02 -7.70 -0.17
N ARG C 29 41.32 -7.37 -0.12
CA ARG C 29 41.88 -6.55 0.91
C ARG C 29 41.78 -7.09 2.32
N THR C 30 41.20 -8.28 2.48
CA THR C 30 41.08 -8.85 3.81
C THR C 30 42.48 -9.14 4.37
N GLY C 31 43.37 -9.63 3.52
CA GLY C 31 44.70 -9.98 4.00
C GLY C 31 44.75 -11.49 4.11
N PHE C 32 43.71 -12.15 3.62
CA PHE C 32 43.64 -13.61 3.64
C PHE C 32 43.19 -14.10 2.28
N TYR C 33 43.42 -15.37 2.01
CA TYR C 33 43.01 -15.99 0.76
C TYR C 33 42.37 -17.33 1.04
N GLY C 34 41.97 -18.02 -0.01
CA GLY C 34 41.36 -19.34 0.15
C GLY C 34 39.85 -19.26 0.24
N GLU C 35 39.18 -20.38 0.01
CA GLU C 35 37.72 -20.48 0.02
C GLU C 35 36.97 -19.61 1.01
N ASN C 36 37.45 -19.51 2.24
CA ASN C 36 36.75 -18.71 3.24
C ASN C 36 37.55 -17.53 3.80
N CYS C 37 38.53 -17.03 3.05
CA CYS C 37 39.35 -15.90 3.47
C CYS C 37 39.85 -16.26 4.84
N THR C 38 40.40 -17.46 4.91
CA THR C 38 40.90 -18.04 6.13
C THR C 38 42.42 -18.06 6.16
N THR C 39 43.05 -18.56 5.09
CA THR C 39 44.52 -18.63 5.05
C THR C 39 45.15 -17.25 4.84
N PRO C 40 45.92 -16.78 5.83
CA PRO C 40 46.56 -15.47 5.75
C PRO C 40 47.70 -15.36 4.78
N GLU C 41 47.96 -14.13 4.41
CA GLU C 41 49.09 -13.82 3.55
C GLU C 41 50.24 -13.91 4.56
N PHE C 42 51.43 -14.26 4.09
CA PHE C 42 52.58 -14.33 4.99
C PHE C 42 52.72 -13.08 5.88
N LEU C 43 52.61 -11.90 5.30
CA LEU C 43 52.71 -10.67 6.11
C LEU C 43 51.55 -10.56 7.13
N THR C 44 50.49 -11.32 6.91
CA THR C 44 49.37 -11.32 7.83
C THR C 44 49.70 -12.16 9.04
N ARG C 45 50.43 -13.27 8.84
CA ARG C 45 50.89 -14.16 9.92
C ARG C 45 51.64 -13.27 10.88
N ILE C 46 52.62 -12.56 10.34
CA ILE C 46 53.42 -11.61 11.09
C ILE C 46 52.56 -10.78 12.09
N LYS C 47 51.63 -10.01 11.55
CA LYS C 47 50.77 -9.15 12.35
C LYS C 47 50.03 -9.93 13.43
N LEU C 48 49.48 -11.07 13.05
CA LEU C 48 48.77 -11.92 13.99
C LEU C 48 49.71 -12.24 15.16
N LEU C 49 50.91 -12.72 14.83
CA LEU C 49 51.91 -13.08 15.83
C LEU C 49 52.62 -11.83 16.36
N LEU C 50 51.83 -10.82 16.71
CA LEU C 50 52.37 -9.56 17.20
C LEU C 50 51.28 -8.64 17.78
N LYS C 51 50.01 -9.06 17.68
CA LYS C 51 48.91 -8.22 18.16
C LYS C 51 48.45 -8.49 19.56
N PRO C 52 48.72 -7.56 20.50
CA PRO C 52 48.30 -7.78 21.89
C PRO C 52 46.79 -7.83 21.94
N THR C 53 46.26 -8.81 22.64
CA THR C 53 44.81 -8.95 22.75
C THR C 53 44.23 -7.71 23.41
N PRO C 54 42.91 -7.52 23.29
CA PRO C 54 42.23 -6.37 23.88
C PRO C 54 42.57 -6.24 25.33
N ASN C 55 42.42 -7.34 26.04
CA ASN C 55 42.68 -7.39 27.46
C ASN C 55 44.11 -7.04 27.79
N THR C 56 45.05 -7.52 26.99
CA THR C 56 46.49 -7.25 27.22
C THR C 56 46.68 -5.75 27.28
N VAL C 57 46.20 -5.11 26.22
CA VAL C 57 46.31 -3.69 26.07
C VAL C 57 45.50 -2.97 27.12
N HIS C 58 44.30 -3.49 27.37
CA HIS C 58 43.43 -2.88 28.34
C HIS C 58 44.13 -2.81 29.67
N TYR C 59 44.90 -3.85 29.95
CA TYR C 59 45.66 -3.95 31.19
C TYR C 59 46.69 -2.83 31.21
N ILE C 60 47.60 -2.91 30.23
CA ILE C 60 48.67 -1.94 30.12
C ILE C 60 48.17 -0.52 30.14
N LEU C 61 46.95 -0.31 29.68
CA LEU C 61 46.36 1.01 29.68
C LEU C 61 45.95 1.39 31.10
N THR C 62 45.27 0.47 31.77
CA THR C 62 44.77 0.73 33.11
C THR C 62 45.80 0.51 34.20
N HIS C 63 47.01 0.12 33.84
CA HIS C 63 48.04 -0.04 34.86
C HIS C 63 49.22 0.90 34.54
N PHE C 64 50.39 0.58 35.10
CA PHE C 64 51.61 1.35 34.88
C PHE C 64 51.41 2.85 35.01
N LYS C 65 50.48 3.26 35.88
CA LYS C 65 50.16 4.66 36.10
C LYS C 65 51.37 5.59 36.07
N GLY C 66 52.38 5.31 36.88
CA GLY C 66 53.56 6.16 36.92
C GLY C 66 54.18 6.42 35.55
N VAL C 67 54.26 5.38 34.74
CA VAL C 67 54.83 5.47 33.40
C VAL C 67 53.93 6.42 32.64
N TRP C 68 52.63 6.10 32.64
CA TRP C 68 51.65 6.90 31.94
C TRP C 68 51.72 8.39 32.25
N ASN C 69 51.80 8.74 33.52
CA ASN C 69 51.86 10.14 33.87
C ASN C 69 53.02 10.86 33.20
N ILE C 70 54.11 10.14 32.97
CA ILE C 70 55.26 10.74 32.31
C ILE C 70 54.78 11.06 30.87
N VAL C 71 54.27 10.02 30.22
CA VAL C 71 53.77 10.09 28.85
C VAL C 71 52.87 11.28 28.68
N ASN C 72 51.86 11.38 29.52
CA ASN C 72 50.89 12.47 29.43
C ASN C 72 51.51 13.85 29.41
N ASN C 73 52.78 13.98 29.75
CA ASN C 73 53.38 15.30 29.75
C ASN C 73 54.42 15.52 28.66
N ILE C 74 54.56 14.52 27.79
CA ILE C 74 55.45 14.53 26.63
C ILE C 74 54.44 14.59 25.47
N PRO C 75 53.90 15.78 25.19
CA PRO C 75 52.90 16.04 24.14
C PRO C 75 53.06 15.10 22.95
N PHE C 76 54.14 15.31 22.25
CA PHE C 76 54.53 14.55 21.08
C PHE C 76 54.10 13.10 21.22
N LEU C 77 54.44 12.54 22.36
CA LEU C 77 54.08 11.16 22.68
C LEU C 77 52.58 11.00 22.77
N ARG C 78 51.97 11.80 23.61
CA ARG C 78 50.52 11.72 23.81
C ARG C 78 49.77 11.87 22.47
N SER C 79 50.25 12.81 21.66
CA SER C 79 49.68 13.10 20.35
C SER C 79 49.82 11.89 19.47
N LEU C 80 51.01 11.29 19.50
CA LEU C 80 51.26 10.12 18.70
C LEU C 80 50.36 8.97 19.16
N ILE C 81 50.22 8.82 20.47
CA ILE C 81 49.39 7.76 21.04
C ILE C 81 47.90 7.93 20.68
N MET C 82 47.37 9.11 20.97
CA MET C 82 45.97 9.44 20.66
C MET C 82 45.74 9.25 19.15
N LYS C 83 46.69 9.74 18.35
CA LYS C 83 46.64 9.62 16.91
C LYS C 83 46.42 8.17 16.58
N TYR C 84 47.11 7.32 17.29
CA TYR C 84 46.99 5.91 17.04
C TYR C 84 45.63 5.34 17.45
N VAL C 85 45.05 5.87 18.50
CA VAL C 85 43.76 5.35 18.94
C VAL C 85 42.68 5.69 17.93
N LEU C 86 42.74 6.91 17.37
CA LEU C 86 41.74 7.38 16.39
C LEU C 86 41.72 6.53 15.14
N THR C 87 42.89 6.37 14.55
CA THR C 87 43.02 5.61 13.34
C THR C 87 42.63 4.16 13.46
N SER C 88 43.22 3.44 14.41
CA SER C 88 42.91 2.01 14.59
C SER C 88 41.42 1.77 14.85
N ARG C 89 40.89 2.50 15.82
CA ARG C 89 39.49 2.38 16.15
C ARG C 89 38.66 2.68 14.92
N SER C 90 38.81 3.89 14.43
CA SER C 90 38.06 4.30 13.28
C SER C 90 38.18 3.29 12.14
N TYR C 91 39.38 2.75 11.91
CA TYR C 91 39.55 1.84 10.80
C TYR C 91 38.60 0.63 10.85
N LEU C 92 37.89 0.50 11.93
CA LEU C 92 36.99 -0.64 12.05
C LEU C 92 35.63 -0.45 11.42
N ILE C 93 35.23 0.79 11.17
CA ILE C 93 33.91 1.10 10.55
C ILE C 93 34.01 1.37 9.06
N ASP C 94 32.93 1.04 8.34
CA ASP C 94 32.89 1.25 6.91
C ASP C 94 32.36 2.63 6.56
N SER C 95 33.17 3.45 5.90
CA SER C 95 32.80 4.81 5.50
C SER C 95 33.35 5.08 4.12
N PRO C 96 32.50 5.26 3.13
CA PRO C 96 31.05 5.22 3.18
C PRO C 96 30.48 3.89 3.65
N PRO C 97 29.25 3.91 4.17
CA PRO C 97 28.44 2.81 4.69
C PRO C 97 28.00 1.79 3.65
N THR C 98 27.65 0.62 4.17
CA THR C 98 27.23 -0.54 3.41
C THR C 98 26.16 -1.29 4.25
N TYR C 99 25.19 -1.93 3.60
CA TYR C 99 24.18 -2.72 4.30
C TYR C 99 23.26 -2.01 5.30
N ASN C 100 22.06 -2.56 5.43
CA ASN C 100 21.09 -2.04 6.36
C ASN C 100 19.99 -3.06 6.58
N VAL C 101 19.01 -2.68 7.38
CA VAL C 101 17.85 -3.51 7.69
C VAL C 101 17.45 -4.37 6.50
N HIS C 102 17.21 -3.71 5.36
CA HIS C 102 16.80 -4.36 4.13
C HIS C 102 17.94 -4.86 3.24
N TYR C 103 19.10 -4.22 3.31
CA TYR C 103 20.14 -4.63 2.40
C TYR C 103 21.29 -5.49 2.88
N GLY C 104 21.23 -6.75 2.46
CA GLY C 104 22.26 -7.70 2.78
C GLY C 104 23.43 -7.52 1.82
N TYR C 105 23.22 -6.65 0.83
CA TYR C 105 24.23 -6.32 -0.16
C TYR C 105 24.37 -4.80 -0.21
N LYS C 106 25.48 -4.35 -0.80
CA LYS C 106 25.84 -2.94 -0.91
C LYS C 106 24.81 -1.93 -1.42
N SER C 107 24.23 -2.16 -2.60
CA SER C 107 23.18 -1.27 -3.20
C SER C 107 23.21 0.28 -3.00
N TRP C 108 22.86 1.03 -4.05
CA TRP C 108 22.85 2.49 -3.99
C TRP C 108 21.79 3.00 -2.99
N GLU C 109 20.75 2.19 -2.79
CA GLU C 109 19.68 2.51 -1.87
C GLU C 109 20.20 2.45 -0.46
N ALA C 110 20.82 1.31 -0.15
CA ALA C 110 21.38 1.06 1.19
C ALA C 110 22.29 2.17 1.57
N PHE C 111 22.99 2.68 0.57
CA PHE C 111 23.98 3.73 0.72
C PHE C 111 23.46 5.12 0.92
N SER C 112 22.48 5.48 0.10
CA SER C 112 21.94 6.82 0.12
C SER C 112 20.71 7.07 0.96
N ASN C 113 19.87 6.06 1.18
CA ASN C 113 18.67 6.32 1.96
C ASN C 113 18.97 6.67 3.42
N LEU C 114 19.24 7.93 3.70
CA LEU C 114 19.55 8.38 5.03
C LEU C 114 18.53 8.07 6.13
N SER C 115 17.37 7.53 5.78
CA SER C 115 16.33 7.20 6.78
C SER C 115 16.58 5.87 7.50
N TYR C 116 17.66 5.17 7.14
CA TYR C 116 17.96 3.91 7.76
C TYR C 116 19.16 4.07 8.66
N TYR C 117 19.30 3.16 9.63
CA TYR C 117 20.48 3.12 10.48
C TYR C 117 21.35 2.20 9.63
N THR C 118 22.63 2.48 9.48
CA THR C 118 23.44 1.60 8.67
C THR C 118 23.69 0.34 9.48
N ARG C 119 24.28 -0.68 8.87
CA ARG C 119 24.50 -1.91 9.58
C ARG C 119 25.93 -2.43 9.41
N ALA C 120 26.64 -2.59 10.54
CA ALA C 120 28.03 -3.10 10.53
C ALA C 120 28.08 -4.51 9.96
N LEU C 121 27.08 -5.32 10.25
CA LEU C 121 27.05 -6.65 9.66
C LEU C 121 25.71 -6.77 8.99
N PRO C 122 25.69 -7.26 7.77
CA PRO C 122 24.42 -7.42 7.05
C PRO C 122 23.45 -8.25 7.87
N PRO C 123 22.16 -8.15 7.54
CA PRO C 123 21.15 -8.92 8.27
C PRO C 123 21.27 -10.39 7.91
N VAL C 124 20.26 -11.16 8.27
CA VAL C 124 20.27 -12.57 7.93
C VAL C 124 19.19 -12.77 6.89
N ALA C 125 19.57 -13.49 5.84
CA ALA C 125 18.67 -13.78 4.75
C ALA C 125 17.35 -14.31 5.28
N ASP C 126 16.29 -13.67 4.87
CA ASP C 126 14.98 -14.08 5.30
C ASP C 126 14.65 -15.52 4.95
N ASP C 127 15.49 -16.17 4.13
CA ASP C 127 15.27 -17.57 3.79
C ASP C 127 16.39 -18.44 4.38
N CYS C 128 16.71 -18.21 5.64
CA CYS C 128 17.73 -18.99 6.27
C CYS C 128 17.02 -19.90 7.24
N PRO C 129 17.42 -21.18 7.32
CA PRO C 129 16.82 -22.16 8.21
C PRO C 129 16.57 -21.67 9.65
N THR C 130 17.63 -21.18 10.29
CA THR C 130 17.55 -20.72 11.68
C THR C 130 17.83 -19.24 11.79
N PRO C 131 17.21 -18.57 12.77
CA PRO C 131 17.42 -17.13 12.96
C PRO C 131 18.88 -16.66 12.87
N MET C 132 19.78 -17.41 13.45
CA MET C 132 21.18 -17.04 13.39
C MET C 132 21.83 -17.61 12.14
N GLY C 133 21.02 -17.82 11.11
CA GLY C 133 21.52 -18.35 9.86
C GLY C 133 21.20 -19.81 9.72
N VAL C 134 22.11 -20.63 10.20
CA VAL C 134 21.93 -22.07 10.13
C VAL C 134 22.03 -22.72 11.54
N LYS C 135 22.95 -22.26 12.38
CA LYS C 135 23.11 -22.83 13.73
C LYS C 135 21.92 -22.58 14.64
N GLY C 136 21.72 -23.48 15.61
CA GLY C 136 20.63 -23.30 16.56
C GLY C 136 19.29 -23.93 16.19
N ASN C 137 18.31 -23.73 17.06
CA ASN C 137 16.97 -24.28 16.89
C ASN C 137 16.14 -23.33 16.07
N LYS C 138 15.00 -23.84 15.58
CA LYS C 138 14.06 -23.04 14.76
C LYS C 138 13.68 -21.71 15.34
N GLU C 139 14.03 -21.45 16.60
CA GLU C 139 13.73 -20.17 17.22
C GLU C 139 14.63 -19.92 18.40
N LEU C 140 14.79 -18.63 18.75
CA LEU C 140 15.65 -18.29 19.88
C LEU C 140 14.80 -18.36 21.13
N PRO C 141 15.45 -18.51 22.29
CA PRO C 141 14.73 -18.58 23.58
C PRO C 141 13.74 -17.46 23.74
N ASP C 142 12.62 -17.75 24.38
CA ASP C 142 11.63 -16.73 24.61
C ASP C 142 12.33 -15.54 25.28
N SER C 143 12.15 -14.38 24.68
CA SER C 143 12.74 -13.16 25.18
C SER C 143 12.48 -12.98 26.71
N LYS C 144 11.19 -13.11 27.09
CA LYS C 144 10.71 -12.96 28.46
C LYS C 144 11.51 -13.80 29.44
N GLU C 145 11.91 -14.97 28.96
CA GLU C 145 12.67 -15.93 29.73
C GLU C 145 14.12 -15.46 29.93
N VAL C 146 14.71 -14.84 28.92
CA VAL C 146 16.09 -14.37 29.05
C VAL C 146 16.09 -13.11 29.92
N LEU C 147 15.08 -12.26 29.66
CA LEU C 147 14.86 -10.97 30.34
C LEU C 147 14.93 -11.20 31.85
N GLU C 148 14.08 -12.13 32.30
CA GLU C 148 13.98 -12.52 33.71
C GLU C 148 15.12 -13.38 34.24
N LYS C 149 15.43 -14.47 33.59
CA LYS C 149 16.52 -15.29 34.07
C LYS C 149 17.91 -14.63 34.25
N VAL C 150 18.37 -13.82 33.30
CA VAL C 150 19.70 -13.21 33.43
C VAL C 150 19.78 -11.69 33.33
N LEU C 151 18.69 -11.06 32.90
CA LEU C 151 18.78 -9.62 32.78
C LEU C 151 18.26 -8.79 33.93
N LEU C 152 17.04 -9.04 34.35
CA LEU C 152 16.44 -8.28 35.44
C LEU C 152 17.25 -8.16 36.75
N ARG C 153 17.09 -7.02 37.42
CA ARG C 153 17.80 -6.71 38.67
C ARG C 153 17.05 -7.16 39.91
N ARG C 154 17.82 -7.64 40.89
CA ARG C 154 17.28 -8.07 42.18
C ARG C 154 17.90 -7.10 43.14
N GLU C 155 19.18 -7.28 43.37
CA GLU C 155 19.93 -6.38 44.23
C GLU C 155 20.54 -5.31 43.28
N PHE C 156 20.43 -4.05 43.62
CA PHE C 156 21.03 -3.02 42.79
C PHE C 156 22.52 -3.18 42.87
N ILE C 157 23.12 -3.49 41.75
CA ILE C 157 24.56 -3.64 41.67
C ILE C 157 25.02 -2.27 41.20
N PRO C 158 25.88 -1.61 41.98
CA PRO C 158 26.37 -0.29 41.63
C PRO C 158 27.54 -0.43 40.61
N ASP C 159 27.89 0.66 39.96
CA ASP C 159 28.98 0.63 39.00
C ASP C 159 30.28 0.67 39.77
N PRO C 160 31.18 -0.29 39.52
CA PRO C 160 32.49 -0.36 40.19
C PRO C 160 33.42 0.79 39.74
N GLN C 161 32.99 1.54 38.73
CA GLN C 161 33.78 2.65 38.21
C GLN C 161 33.42 4.03 38.74
N GLY C 162 32.27 4.14 39.40
CA GLY C 162 31.88 5.42 39.96
C GLY C 162 30.88 6.27 39.21
N SER C 163 30.40 5.77 38.08
CA SER C 163 29.49 6.55 37.30
C SER C 163 28.31 7.02 38.09
N ASN C 164 28.24 8.34 38.28
CA ASN C 164 27.15 8.94 39.01
C ASN C 164 26.01 9.28 38.05
N MET C 165 25.08 10.11 38.48
CA MET C 165 23.94 10.46 37.60
C MET C 165 24.22 11.56 36.55
N MET C 166 25.23 12.39 36.80
CA MET C 166 25.58 13.43 35.86
C MET C 166 25.96 12.69 34.58
N PHE C 167 26.72 11.62 34.72
CA PHE C 167 27.13 10.83 33.59
C PHE C 167 25.94 10.11 32.99
N ALA C 168 25.25 9.28 33.75
CA ALA C 168 24.09 8.54 33.23
C ALA C 168 23.14 9.41 32.41
N PHE C 169 22.79 10.56 32.94
CA PHE C 169 21.92 11.46 32.21
C PHE C 169 22.63 12.19 31.06
N PHE C 170 23.94 12.41 31.16
CA PHE C 170 24.66 13.05 30.08
C PHE C 170 24.61 12.06 28.92
N ALA C 171 24.86 10.79 29.21
CA ALA C 171 24.85 9.77 28.18
C ALA C 171 23.46 9.60 27.61
N GLN C 172 22.41 9.82 28.41
CA GLN C 172 21.04 9.69 27.88
C GLN C 172 20.76 10.86 26.90
N HIS C 173 21.15 12.05 27.34
CA HIS C 173 20.97 13.27 26.60
C HIS C 173 21.79 13.18 25.32
N PHE C 174 23.12 13.08 25.48
CA PHE C 174 24.09 13.01 24.37
C PHE C 174 23.78 12.04 23.24
N THR C 175 23.58 10.77 23.55
CA THR C 175 23.31 9.84 22.48
C THR C 175 21.97 10.07 21.85
N HIS C 176 21.07 10.69 22.56
CA HIS C 176 19.72 10.90 22.02
C HIS C 176 19.54 11.89 20.90
N GLN C 177 20.66 12.41 20.41
CA GLN C 177 20.61 13.30 19.28
C GLN C 177 20.81 12.40 18.09
N PHE C 178 21.61 11.33 18.24
CA PHE C 178 21.77 10.36 17.16
C PHE C 178 20.89 9.15 17.17
N PHE C 179 20.44 8.68 18.32
CA PHE C 179 19.55 7.53 18.29
C PHE C 179 18.16 8.14 18.41
N LYS C 180 17.33 7.96 17.40
CA LYS C 180 16.00 8.53 17.40
C LYS C 180 15.08 7.68 16.57
N THR C 181 15.16 6.38 16.75
CA THR C 181 14.33 5.48 15.99
C THR C 181 12.98 6.01 15.53
N ASP C 182 12.75 5.88 14.24
CA ASP C 182 11.50 6.33 13.63
C ASP C 182 10.55 5.14 13.68
N HIS C 183 9.85 5.01 14.79
CA HIS C 183 8.93 3.90 15.01
C HIS C 183 7.74 3.90 14.06
N LYS C 184 7.60 4.95 13.28
CA LYS C 184 6.54 5.06 12.32
C LYS C 184 6.87 4.06 11.23
N ARG C 185 8.14 4.00 10.87
CA ARG C 185 8.62 3.09 9.84
C ARG C 185 9.09 1.74 10.39
N GLY C 186 9.66 1.72 11.59
CA GLY C 186 10.12 0.47 12.20
C GLY C 186 11.55 0.55 12.72
N PRO C 187 12.00 -0.42 13.55
CA PRO C 187 13.39 -0.33 14.03
C PRO C 187 14.25 -0.45 12.79
N GLY C 188 15.38 0.25 12.79
CA GLY C 188 16.22 0.19 11.60
C GLY C 188 16.10 1.47 10.80
N PHE C 189 15.10 2.28 11.14
CA PHE C 189 14.86 3.57 10.52
C PHE C 189 15.09 4.64 11.59
N THR C 190 15.90 5.65 11.26
CA THR C 190 16.23 6.73 12.19
C THR C 190 15.52 8.03 11.85
N ARG C 191 15.36 8.91 12.84
CA ARG C 191 14.74 10.21 12.60
C ARG C 191 15.82 11.28 12.67
N GLY C 192 17.07 10.85 12.83
CA GLY C 192 18.19 11.75 12.93
C GLY C 192 19.03 11.67 11.66
N LEU C 193 18.54 12.32 10.63
CA LEU C 193 19.18 12.33 9.34
C LEU C 193 20.55 13.01 9.35
N GLY C 194 20.92 13.62 10.45
CA GLY C 194 22.23 14.24 10.50
C GLY C 194 23.27 13.22 10.84
N HIS C 195 22.81 12.07 11.32
CA HIS C 195 23.69 10.98 11.73
C HIS C 195 24.92 11.29 12.60
N GLY C 196 24.79 12.22 13.55
CA GLY C 196 25.94 12.53 14.37
C GLY C 196 25.71 13.62 15.38
N VAL C 197 26.82 14.20 15.84
CA VAL C 197 26.79 15.29 16.82
C VAL C 197 26.51 16.63 16.15
N ASP C 198 25.25 16.82 15.80
CA ASP C 198 24.83 18.04 15.15
C ASP C 198 24.04 18.94 16.11
N LEU C 199 23.86 18.46 17.33
CA LEU C 199 23.12 19.13 18.39
C LEU C 199 21.70 19.38 17.97
N ASN C 200 21.16 18.44 17.19
CA ASN C 200 19.80 18.56 16.72
C ASN C 200 18.88 18.52 17.91
N HIS C 201 19.36 17.96 19.01
CA HIS C 201 18.58 17.84 20.24
C HIS C 201 18.51 19.15 21.07
N ILE C 202 19.23 20.17 20.61
CA ILE C 202 19.19 21.45 21.29
C ILE C 202 18.49 22.42 20.38
N TYR C 203 18.87 22.38 19.10
CA TYR C 203 18.33 23.26 18.09
C TYR C 203 17.15 22.78 17.33
N GLY C 204 16.83 21.51 17.38
CA GLY C 204 15.68 21.07 16.62
C GLY C 204 16.12 20.22 15.44
N GLU C 205 15.23 19.34 15.06
CA GLU C 205 15.54 18.43 13.98
C GLU C 205 15.55 19.10 12.62
N THR C 206 14.67 20.09 12.44
CA THR C 206 14.51 20.78 11.17
C THR C 206 14.50 22.29 11.33
N LEU C 207 14.75 22.98 10.20
CA LEU C 207 14.78 24.46 10.12
C LEU C 207 13.52 25.12 10.68
N ASP C 208 12.38 24.61 10.25
CA ASP C 208 11.12 25.13 10.72
C ASP C 208 11.11 25.06 12.23
N ARG C 209 11.59 23.92 12.76
CA ARG C 209 11.63 23.70 14.19
C ARG C 209 12.59 24.66 14.87
N GLN C 210 13.84 24.70 14.43
CA GLN C 210 14.78 25.60 15.07
C GLN C 210 14.33 27.05 15.07
N HIS C 211 13.62 27.45 14.02
CA HIS C 211 13.20 28.84 13.95
C HIS C 211 12.14 29.15 14.97
N LYS C 212 11.41 28.12 15.39
CA LYS C 212 10.36 28.26 16.41
C LYS C 212 11.01 28.41 17.80
N LEU C 213 12.12 27.71 17.99
CA LEU C 213 12.85 27.74 19.25
C LEU C 213 13.80 28.92 19.37
N ARG C 214 13.97 29.67 18.30
CA ARG C 214 14.89 30.80 18.33
C ARG C 214 14.25 32.11 18.81
N LEU C 215 15.07 33.01 19.31
CA LEU C 215 14.59 34.29 19.80
C LEU C 215 14.72 35.37 18.71
N PHE C 216 15.73 35.19 17.85
CA PHE C 216 16.05 36.10 16.76
C PHE C 216 16.54 37.40 17.26
N LYS C 217 17.30 37.32 18.33
CA LYS C 217 17.89 38.50 18.92
C LYS C 217 19.22 38.04 19.43
N ASP C 218 20.29 38.54 18.84
CA ASP C 218 21.64 38.21 19.26
C ASP C 218 22.00 36.74 19.23
N GLY C 219 21.39 36.02 18.29
CA GLY C 219 21.65 34.59 18.09
C GLY C 219 21.19 33.62 19.18
N LYS C 220 20.42 34.15 20.14
CA LYS C 220 19.90 33.39 21.28
C LYS C 220 18.69 32.56 21.00
N LEU C 221 18.58 31.46 21.74
CA LEU C 221 17.43 30.56 21.64
C LEU C 221 16.40 31.16 22.62
N LYS C 222 15.12 30.92 22.36
CA LYS C 222 14.10 31.45 23.24
C LYS C 222 14.25 30.78 24.60
N TYR C 223 13.81 31.45 25.67
CA TYR C 223 13.87 30.92 27.03
C TYR C 223 12.90 31.71 27.87
N GLN C 224 12.77 31.34 29.14
CA GLN C 224 11.89 32.04 30.08
C GLN C 224 12.59 32.10 31.44
N VAL C 225 12.10 32.94 32.33
CA VAL C 225 12.69 33.03 33.66
C VAL C 225 11.70 32.74 34.77
N ILE C 226 11.98 31.67 35.49
CA ILE C 226 11.17 31.23 36.61
C ILE C 226 12.12 31.41 37.78
N GLY C 227 11.66 32.02 38.84
CA GLY C 227 12.59 32.30 39.93
C GLY C 227 13.49 33.30 39.24
N GLY C 228 14.76 33.39 39.60
CA GLY C 228 15.60 34.29 38.85
C GLY C 228 16.33 33.38 37.87
N GLU C 229 15.67 32.28 37.50
CA GLU C 229 16.26 31.29 36.65
C GLU C 229 15.79 31.20 35.22
N VAL C 230 16.73 30.85 34.35
CA VAL C 230 16.47 30.69 32.92
C VAL C 230 15.97 29.25 32.70
N TYR C 231 14.94 29.10 31.86
CA TYR C 231 14.36 27.80 31.57
C TYR C 231 13.88 27.78 30.14
N PRO C 232 13.78 26.58 29.53
CA PRO C 232 13.31 26.48 28.15
C PRO C 232 11.93 27.06 28.10
N PRO C 233 11.58 27.69 26.99
CA PRO C 233 10.26 28.29 26.77
C PRO C 233 9.24 27.18 26.64
N THR C 234 7.99 27.50 26.78
CA THR C 234 6.97 26.49 26.69
C THR C 234 6.54 26.13 25.28
N VAL C 235 5.84 25.01 25.17
CA VAL C 235 5.29 24.56 23.90
C VAL C 235 4.18 25.52 23.55
N LYS C 236 3.42 25.96 24.53
CA LYS C 236 2.34 26.88 24.23
C LYS C 236 2.84 28.18 23.64
N ASP C 237 4.07 28.59 23.97
CA ASP C 237 4.64 29.82 23.45
C ASP C 237 5.34 29.61 22.09
N THR C 238 6.42 28.84 22.09
CA THR C 238 7.16 28.57 20.88
C THR C 238 6.33 27.82 19.85
N GLN C 239 5.37 27.04 20.35
CA GLN C 239 4.48 26.25 19.51
C GLN C 239 5.13 24.95 19.05
N VAL C 240 6.32 24.62 19.56
CA VAL C 240 7.04 23.41 19.12
C VAL C 240 6.38 22.13 19.65
N GLU C 241 6.32 21.10 18.82
CA GLU C 241 5.67 19.86 19.23
C GLU C 241 6.56 19.01 20.12
N MET C 242 6.12 18.80 21.35
CA MET C 242 6.85 17.99 22.31
C MET C 242 5.94 16.85 22.74
N ILE C 243 6.54 15.76 23.22
CA ILE C 243 5.76 14.64 23.70
C ILE C 243 5.62 14.74 25.23
N TYR C 244 4.38 14.96 25.69
CA TYR C 244 4.07 15.13 27.11
C TYR C 244 2.71 14.52 27.44
N PRO C 245 2.60 13.85 28.60
CA PRO C 245 1.33 13.23 29.03
C PRO C 245 0.33 14.37 29.27
N PRO C 246 -0.87 14.28 28.67
CA PRO C 246 -1.97 15.27 28.75
C PRO C 246 -2.21 15.94 30.10
N HIS C 247 -2.07 15.18 31.17
CA HIS C 247 -2.29 15.76 32.48
C HIS C 247 -1.29 16.89 32.83
N ILE C 248 -0.18 16.98 32.08
CA ILE C 248 0.83 17.99 32.38
C ILE C 248 0.19 19.34 32.13
N PRO C 249 0.08 20.16 33.19
CA PRO C 249 -0.50 21.49 33.25
C PRO C 249 -0.03 22.59 32.32
N GLU C 250 0.59 22.25 31.18
CA GLU C 250 1.13 23.28 30.27
C GLU C 250 2.16 23.93 31.21
N ASN C 251 2.55 25.18 30.98
CA ASN C 251 3.51 25.88 31.85
C ASN C 251 4.71 25.09 32.37
N LEU C 252 4.78 23.82 31.99
CA LEU C 252 5.79 22.89 32.44
C LEU C 252 6.09 22.02 31.24
N GLN C 253 5.34 22.25 30.17
CA GLN C 253 5.62 21.54 28.95
C GLN C 253 6.72 22.37 28.29
N PHE C 254 7.96 22.01 28.58
CA PHE C 254 9.09 22.73 28.02
C PHE C 254 9.34 22.41 26.51
N ALA C 255 9.89 23.38 25.79
CA ALA C 255 10.17 23.21 24.36
C ALA C 255 11.50 22.48 24.02
N VAL C 256 12.61 23.10 24.39
CA VAL C 256 13.95 22.52 24.16
C VAL C 256 14.53 22.07 22.79
N GLY C 257 13.91 21.16 22.05
CA GLY C 257 14.54 20.78 20.80
C GLY C 257 14.31 19.36 20.40
N GLN C 258 14.51 18.42 21.33
CA GLN C 258 14.26 16.98 21.09
C GLN C 258 12.84 16.81 21.62
N GLU C 259 11.93 16.28 20.82
CA GLU C 259 10.53 16.16 21.26
C GLU C 259 10.20 15.17 22.39
N VAL C 260 11.25 14.57 22.95
CA VAL C 260 11.07 13.62 24.03
C VAL C 260 11.76 13.99 25.34
N PHE C 261 12.52 15.07 25.37
CA PHE C 261 13.22 15.44 26.58
C PHE C 261 12.36 15.99 27.71
N GLY C 262 11.04 15.82 27.61
CA GLY C 262 10.15 16.30 28.66
C GLY C 262 9.63 15.13 29.52
N LEU C 263 10.00 13.93 29.10
CA LEU C 263 9.60 12.71 29.78
C LEU C 263 10.55 12.30 30.89
N VAL C 264 11.64 13.04 31.05
CA VAL C 264 12.64 12.73 32.06
C VAL C 264 13.42 13.98 32.49
N PRO C 265 13.21 14.45 33.73
CA PRO C 265 13.89 15.62 34.28
C PRO C 265 15.45 15.61 34.19
N GLY C 266 16.05 14.42 34.11
CA GLY C 266 17.50 14.32 34.01
C GLY C 266 17.92 14.88 32.68
N LEU C 267 17.05 14.66 31.69
CA LEU C 267 17.24 15.16 30.33
C LEU C 267 16.95 16.65 30.32
N MET C 268 15.79 17.06 30.81
CA MET C 268 15.46 18.49 30.86
C MET C 268 16.51 19.34 31.59
N MET C 269 17.23 18.71 32.52
CA MET C 269 18.26 19.39 33.31
C MET C 269 19.35 19.82 32.35
N TYR C 270 19.82 18.85 31.56
CA TYR C 270 20.85 19.06 30.55
C TYR C 270 20.28 19.85 29.38
N ALA C 271 19.00 19.69 29.11
CA ALA C 271 18.34 20.42 28.05
C ALA C 271 18.42 21.90 28.41
N THR C 272 18.35 22.18 29.71
CA THR C 272 18.42 23.54 30.19
C THR C 272 19.84 24.09 30.28
N ILE C 273 20.81 23.29 30.70
CA ILE C 273 22.19 23.76 30.81
C ILE C 273 22.80 24.15 29.45
N TRP C 274 22.48 23.38 28.41
CA TRP C 274 22.99 23.70 27.07
C TRP C 274 22.24 24.92 26.56
N LEU C 275 20.95 25.03 26.82
CA LEU C 275 20.23 26.22 26.40
C LEU C 275 20.97 27.38 27.01
N ARG C 276 21.30 27.25 28.27
CA ARG C 276 22.02 28.28 28.99
C ARG C 276 23.35 28.53 28.32
N GLU C 277 24.04 27.44 27.99
CA GLU C 277 25.34 27.53 27.34
C GLU C 277 25.30 28.26 25.99
N HIS C 278 24.32 27.94 25.16
CA HIS C 278 24.19 28.58 23.85
C HIS C 278 24.24 30.10 24.04
N GLN C 279 23.19 30.65 24.64
CA GLN C 279 23.07 32.06 24.94
C GLN C 279 24.40 32.63 25.45
N ARG C 280 24.97 31.99 26.48
CA ARG C 280 26.25 32.42 27.08
C ARG C 280 27.32 32.70 26.00
N VAL C 281 27.38 31.83 24.99
CA VAL C 281 28.31 32.00 23.88
C VAL C 281 27.89 33.19 23.01
N CYS C 282 26.60 33.32 22.72
CA CYS C 282 26.08 34.42 21.93
C CYS C 282 26.57 35.72 22.53
N ASP C 283 26.35 35.91 23.83
CA ASP C 283 26.82 37.14 24.47
C ASP C 283 28.31 37.37 24.28
N ILE C 284 29.08 36.27 24.35
CA ILE C 284 30.52 36.30 24.20
C ILE C 284 30.89 36.71 22.80
N LEU C 285 30.20 36.14 21.81
CA LEU C 285 30.44 36.44 20.39
C LEU C 285 30.00 37.85 20.00
N LYS C 286 28.98 38.37 20.67
CA LYS C 286 28.48 39.72 20.42
C LYS C 286 29.51 40.69 20.96
N GLN C 287 30.09 40.31 22.09
CA GLN C 287 31.12 41.11 22.75
C GLN C 287 32.32 41.28 21.79
N GLU C 288 32.47 40.36 20.86
CA GLU C 288 33.58 40.41 19.96
C GLU C 288 33.16 40.87 18.56
N HIS C 289 31.87 40.80 18.32
CA HIS C 289 31.37 41.18 17.04
C HIS C 289 30.14 42.04 17.15
N PRO C 290 30.33 43.35 17.45
CA PRO C 290 29.27 44.37 17.60
C PRO C 290 28.55 44.48 16.25
N GLU C 291 29.29 44.13 15.20
CA GLU C 291 28.81 44.15 13.85
C GLU C 291 28.09 42.90 13.40
N TRP C 292 28.16 41.82 14.18
CA TRP C 292 27.46 40.60 13.77
C TRP C 292 25.98 40.75 14.01
N GLY C 293 25.22 39.89 13.39
CA GLY C 293 23.78 39.93 13.56
C GLY C 293 23.31 38.59 14.08
N ASP C 294 22.00 38.46 14.25
CA ASP C 294 21.40 37.24 14.75
C ASP C 294 21.93 35.96 14.13
N GLU C 295 21.52 35.67 12.88
CA GLU C 295 21.94 34.42 12.23
C GLU C 295 23.41 34.06 12.26
N GLN C 296 24.28 35.05 12.35
CA GLN C 296 25.69 34.72 12.39
C GLN C 296 26.07 34.39 13.79
N LEU C 297 25.48 35.10 14.74
CA LEU C 297 25.75 34.80 16.13
C LEU C 297 25.27 33.38 16.33
N PHE C 298 24.06 33.08 15.84
CA PHE C 298 23.50 31.75 15.99
C PHE C 298 24.34 30.63 15.39
N GLN C 299 24.50 30.67 14.07
CA GLN C 299 25.27 29.65 13.33
C GLN C 299 26.67 29.39 13.84
N THR C 300 27.30 30.42 14.41
CA THR C 300 28.63 30.25 14.99
C THR C 300 28.47 29.57 16.36
N SER C 301 27.53 30.06 17.20
CA SER C 301 27.26 29.50 18.53
C SER C 301 27.01 28.01 18.35
N LYS C 302 26.07 27.62 17.47
CA LYS C 302 25.82 26.19 17.22
C LYS C 302 27.07 25.44 16.76
N LEU C 303 28.12 26.14 16.34
CA LEU C 303 29.35 25.45 15.93
C LEU C 303 30.26 25.25 17.12
N ILE C 304 30.30 26.22 18.02
CA ILE C 304 31.12 26.15 19.24
C ILE C 304 30.57 25.07 20.19
N LEU C 305 29.25 25.01 20.35
CA LEU C 305 28.68 23.98 21.22
C LEU C 305 28.97 22.57 20.71
N ILE C 306 29.02 22.42 19.38
CA ILE C 306 29.33 21.13 18.79
C ILE C 306 30.77 20.76 19.21
N GLY C 307 31.65 21.76 19.22
CA GLY C 307 33.04 21.53 19.59
C GLY C 307 33.17 21.15 21.04
N GLU C 308 32.43 21.86 21.89
CA GLU C 308 32.44 21.57 23.33
C GLU C 308 31.94 20.17 23.48
N THR C 309 30.75 19.91 22.98
CA THR C 309 30.21 18.57 23.04
C THR C 309 31.29 17.54 22.68
N ILE C 310 31.85 17.59 21.47
CA ILE C 310 32.90 16.61 21.10
C ILE C 310 34.08 16.61 22.10
N LYS C 311 34.44 17.78 22.61
CA LYS C 311 35.55 17.91 23.54
C LYS C 311 35.24 17.16 24.82
N ILE C 312 34.13 17.54 25.44
CA ILE C 312 33.69 16.95 26.70
C ILE C 312 33.51 15.44 26.60
N VAL C 313 32.94 14.98 25.49
CA VAL C 313 32.73 13.57 25.30
C VAL C 313 33.98 12.76 25.17
N ILE C 314 35.08 13.36 24.72
CA ILE C 314 36.31 12.60 24.57
C ILE C 314 37.15 12.64 25.83
N GLU C 315 37.42 13.84 26.32
CA GLU C 315 38.26 13.98 27.49
C GLU C 315 37.66 13.84 28.87
N ASP C 316 36.34 13.86 28.99
CA ASP C 316 35.70 13.69 30.29
C ASP C 316 34.89 12.38 30.34
N TYR C 317 33.87 12.33 29.48
CA TYR C 317 32.98 11.18 29.34
C TYR C 317 33.73 9.88 28.98
N VAL C 318 34.24 9.80 27.76
CA VAL C 318 35.00 8.61 27.29
C VAL C 318 36.20 8.36 28.17
N GLN C 319 36.91 9.42 28.56
CA GLN C 319 38.09 9.28 29.40
C GLN C 319 37.74 8.40 30.59
N HIS C 320 36.74 8.86 31.35
CA HIS C 320 36.21 8.20 32.52
C HIS C 320 35.74 6.78 32.20
N LEU C 321 34.97 6.64 31.15
CA LEU C 321 34.47 5.34 30.78
C LEU C 321 35.60 4.34 30.58
N SER C 322 36.74 4.83 30.12
CA SER C 322 37.89 3.97 29.87
C SER C 322 38.68 3.60 31.13
N GLY C 323 38.84 4.58 32.01
CA GLY C 323 39.61 4.35 33.21
C GLY C 323 41.07 4.20 32.84
N TYR C 324 41.47 4.72 31.70
CA TYR C 324 42.87 4.65 31.27
C TYR C 324 43.63 5.76 32.00
N HIS C 325 44.90 5.50 32.28
CA HIS C 325 45.71 6.49 32.95
C HIS C 325 46.16 7.49 31.91
N PHE C 326 46.15 7.06 30.64
CA PHE C 326 46.54 7.92 29.52
C PHE C 326 45.46 8.95 29.28
N LYS C 327 45.88 10.20 29.16
CA LYS C 327 44.95 11.29 28.93
C LYS C 327 44.48 11.38 27.46
N LEU C 328 43.24 10.97 27.22
CA LEU C 328 42.66 11.03 25.87
C LEU C 328 42.63 12.49 25.48
N LYS C 329 42.76 12.77 24.19
CA LYS C 329 42.83 14.16 23.72
C LYS C 329 41.93 14.44 22.51
N PHE C 330 41.28 15.60 22.50
CA PHE C 330 40.48 15.99 21.34
C PHE C 330 41.37 16.94 20.55
N ASP C 331 41.96 16.43 19.49
CA ASP C 331 42.81 17.29 18.64
C ASP C 331 42.63 16.86 17.20
N PRO C 332 41.72 17.55 16.48
CA PRO C 332 41.37 17.30 15.07
C PRO C 332 42.56 17.20 14.16
N GLU C 333 43.68 17.78 14.61
CA GLU C 333 44.95 17.74 13.90
C GLU C 333 45.57 16.35 13.81
N LEU C 334 45.36 15.51 14.81
CA LEU C 334 45.97 14.20 14.82
C LEU C 334 45.71 13.46 13.52
N LEU C 335 44.60 13.79 12.87
CA LEU C 335 44.26 13.14 11.62
C LEU C 335 44.57 13.92 10.34
N PHE C 336 45.16 15.10 10.46
CA PHE C 336 45.47 15.90 9.30
C PHE C 336 46.51 15.25 8.35
N ASN C 337 47.28 14.29 8.85
CA ASN C 337 48.21 13.61 7.97
C ASN C 337 47.77 12.15 7.83
N GLN C 338 46.59 11.85 8.34
CA GLN C 338 46.06 10.49 8.23
C GLN C 338 44.95 10.45 7.19
N GLN C 339 44.65 9.25 6.70
CA GLN C 339 43.56 9.07 5.73
C GLN C 339 42.38 8.92 6.70
N PHE C 340 41.34 9.75 6.51
CA PHE C 340 40.17 9.73 7.38
C PHE C 340 38.92 10.31 6.70
N GLN C 341 37.81 9.55 6.75
CA GLN C 341 36.52 9.96 6.19
C GLN C 341 35.76 10.84 7.17
N TYR C 342 35.72 12.12 6.91
CA TYR C 342 34.98 13.03 7.74
C TYR C 342 33.50 12.94 7.44
N GLN C 343 32.96 11.75 7.59
CA GLN C 343 31.55 11.50 7.36
C GLN C 343 31.15 10.35 8.32
N ASN C 344 29.85 10.06 8.42
CA ASN C 344 29.40 9.01 9.31
C ASN C 344 27.91 8.67 9.15
N ARG C 345 27.54 7.44 9.53
CA ARG C 345 26.16 6.97 9.44
C ARG C 345 25.87 6.17 10.73
N ILE C 346 24.90 6.55 11.56
CA ILE C 346 24.70 5.76 12.78
C ILE C 346 24.09 4.44 12.45
N ALA C 347 24.77 3.40 12.95
CA ALA C 347 24.42 2.01 12.77
C ALA C 347 23.52 1.47 13.85
N SER C 348 22.72 0.46 13.51
CA SER C 348 21.84 -0.18 14.48
C SER C 348 22.66 -0.76 15.67
N GLU C 349 23.68 -1.57 15.36
CA GLU C 349 24.50 -2.15 16.41
C GLU C 349 24.96 -1.15 17.44
N PHE C 350 25.25 0.08 17.03
CA PHE C 350 25.71 1.05 18.00
C PHE C 350 24.54 1.43 18.89
N ASN C 351 23.33 1.47 18.32
CA ASN C 351 22.16 1.83 19.09
C ASN C 351 21.93 0.80 20.16
N THR C 352 22.08 -0.47 19.77
CA THR C 352 21.93 -1.61 20.68
C THR C 352 22.98 -1.53 21.76
N LEU C 353 24.25 -1.51 21.39
CA LEU C 353 25.32 -1.42 22.38
C LEU C 353 25.04 -0.30 23.39
N TYR C 354 24.55 0.83 22.91
CA TYR C 354 24.29 1.97 23.79
C TYR C 354 23.05 1.90 24.65
N HIS C 355 22.45 0.73 24.75
CA HIS C 355 21.28 0.59 25.59
C HIS C 355 21.80 0.32 27.02
N TRP C 356 22.06 1.40 27.74
CA TRP C 356 22.61 1.36 29.09
C TRP C 356 21.58 1.60 30.22
N HIS C 357 20.44 0.95 30.12
CA HIS C 357 19.42 1.08 31.14
C HIS C 357 19.91 0.67 32.54
N PRO C 358 20.85 -0.29 32.62
CA PRO C 358 21.37 -0.71 33.93
C PRO C 358 22.06 0.41 34.72
N LEU C 359 22.29 1.57 34.09
CA LEU C 359 22.91 2.68 34.82
C LEU C 359 21.90 3.20 35.87
N LEU C 360 20.62 3.08 35.54
CA LEU C 360 19.52 3.54 36.37
C LEU C 360 19.43 2.94 37.76
N PRO C 361 19.27 3.80 38.78
CA PRO C 361 19.16 3.26 40.14
C PRO C 361 17.69 2.93 40.33
N ASP C 362 17.30 2.47 41.51
CA ASP C 362 15.90 2.14 41.75
C ASP C 362 15.05 3.34 42.15
N THR C 363 15.71 4.37 42.66
CA THR C 363 15.03 5.60 43.03
C THR C 363 15.92 6.75 42.61
N PHE C 364 15.32 7.88 42.25
CA PHE C 364 16.10 9.05 41.84
C PHE C 364 16.12 9.93 43.07
N ASN C 365 17.24 9.91 43.77
CA ASN C 365 17.38 10.65 45.00
C ASN C 365 17.90 12.05 44.74
N ILE C 366 16.98 13.01 44.72
CA ILE C 366 17.33 14.41 44.52
C ILE C 366 17.27 15.10 45.89
N GLU C 367 18.43 15.17 46.52
CA GLU C 367 18.64 15.73 47.83
C GLU C 367 17.46 15.89 48.73
N ASP C 368 17.37 14.91 49.64
CA ASP C 368 16.33 14.74 50.68
C ASP C 368 15.06 13.99 50.25
N GLN C 369 14.75 13.98 48.95
CA GLN C 369 13.59 13.24 48.49
C GLN C 369 14.12 12.21 47.51
N GLU C 370 13.48 11.07 47.47
CA GLU C 370 13.92 10.04 46.55
C GLU C 370 12.69 9.77 45.74
N TYR C 371 12.88 9.43 44.49
CA TYR C 371 11.73 9.24 43.66
C TYR C 371 11.62 7.88 42.98
N SER C 372 10.41 7.42 42.83
CA SER C 372 10.19 6.16 42.17
C SER C 372 10.25 6.53 40.73
N PHE C 373 10.53 5.56 39.87
CA PHE C 373 10.56 5.85 38.46
C PHE C 373 9.27 6.60 38.15
N LYS C 374 8.17 5.95 38.49
CA LYS C 374 6.83 6.49 38.25
C LYS C 374 6.60 7.91 38.75
N GLN C 375 7.35 8.33 39.76
CA GLN C 375 7.21 9.68 40.31
C GLN C 375 8.03 10.69 39.57
N PHE C 376 9.19 10.22 39.08
CA PHE C 376 10.16 11.05 38.34
C PHE C 376 9.76 11.33 36.90
N LEU C 377 9.26 10.30 36.22
CA LEU C 377 8.85 10.38 34.82
C LEU C 377 7.99 11.57 34.46
N TYR C 378 8.47 12.33 33.47
CA TYR C 378 7.82 13.55 32.96
C TYR C 378 7.27 14.45 34.06
N ASN C 379 8.06 14.60 35.11
CA ASN C 379 7.67 15.44 36.24
C ASN C 379 8.72 16.55 36.28
N ASN C 380 8.45 17.64 35.56
CA ASN C 380 9.36 18.77 35.50
C ASN C 380 9.34 19.68 36.72
N SER C 381 8.28 19.63 37.52
CA SER C 381 8.23 20.44 38.72
C SER C 381 9.41 20.07 39.60
N ILE C 382 9.83 18.81 39.54
CA ILE C 382 10.95 18.33 40.34
C ILE C 382 12.18 19.17 40.01
N LEU C 383 12.34 19.48 38.71
CA LEU C 383 13.45 20.28 38.21
C LEU C 383 13.24 21.68 38.74
N LEU C 384 12.04 22.20 38.55
CA LEU C 384 11.71 23.53 39.05
C LEU C 384 11.78 23.58 40.56
N GLU C 385 11.57 22.43 41.19
CA GLU C 385 11.60 22.30 42.63
C GLU C 385 12.97 22.63 43.18
N HIS C 386 13.90 21.69 43.04
CA HIS C 386 15.26 21.83 43.57
C HIS C 386 16.17 22.72 42.75
N GLY C 387 15.85 22.81 41.46
CA GLY C 387 16.56 23.66 40.52
C GLY C 387 18.04 23.62 40.16
N LEU C 388 18.41 22.70 39.28
CA LEU C 388 19.77 22.64 38.79
C LEU C 388 20.90 22.48 39.79
N THR C 389 21.27 23.55 40.49
CA THR C 389 22.34 23.50 41.50
C THR C 389 22.07 22.31 42.42
N GLN C 390 20.89 22.31 43.06
CA GLN C 390 20.54 21.17 43.88
C GLN C 390 19.85 20.28 42.88
N PHE C 391 20.67 19.42 42.27
CA PHE C 391 20.22 18.53 41.22
C PHE C 391 21.56 18.10 40.70
N VAL C 392 22.43 19.08 40.52
CA VAL C 392 23.77 18.83 40.06
C VAL C 392 24.51 18.24 41.23
N GLU C 393 24.33 18.82 42.41
CA GLU C 393 24.98 18.32 43.63
C GLU C 393 24.49 16.90 43.97
N SER C 394 23.17 16.71 43.93
CA SER C 394 22.60 15.41 44.19
C SER C 394 23.18 14.41 43.21
N PHE C 395 22.96 14.66 41.91
CA PHE C 395 23.46 13.79 40.85
C PHE C 395 24.97 13.53 40.79
N THR C 396 25.80 14.49 41.21
CA THR C 396 27.26 14.30 41.24
C THR C 396 27.59 13.18 42.25
N ARG C 397 26.72 13.09 43.26
CA ARG C 397 26.79 12.16 44.37
C ARG C 397 25.70 11.10 44.34
N GLN C 398 25.76 10.14 43.43
CA GLN C 398 24.75 9.06 43.35
C GLN C 398 25.17 8.07 42.27
N ILE C 399 25.79 6.98 42.67
CA ILE C 399 26.21 5.98 41.69
C ILE C 399 25.07 5.53 40.77
N ALA C 400 25.50 4.97 39.64
CA ALA C 400 24.64 4.40 38.61
C ALA C 400 24.97 2.90 38.65
N GLY C 401 24.05 2.07 38.17
CA GLY C 401 24.26 0.63 38.19
C GLY C 401 25.36 0.15 37.27
N ARG C 402 25.83 -1.07 37.47
CA ARG C 402 26.87 -1.59 36.60
C ARG C 402 26.14 -2.03 35.31
N VAL C 403 26.72 -1.80 34.13
CA VAL C 403 26.02 -2.22 32.91
C VAL C 403 26.23 -3.72 32.75
N ALA C 404 27.47 -4.09 32.42
CA ALA C 404 27.86 -5.50 32.24
C ALA C 404 27.83 -6.22 33.59
N GLY C 405 28.06 -7.51 33.59
CA GLY C 405 28.03 -8.21 34.86
C GLY C 405 26.87 -9.18 34.90
N GLY C 406 25.66 -8.66 34.86
CA GLY C 406 24.49 -9.52 34.86
C GLY C 406 23.36 -8.93 35.64
N ARG C 407 22.16 -9.48 35.39
CA ARG C 407 20.94 -9.15 36.09
C ARG C 407 20.84 -7.76 36.74
N ASN C 408 21.09 -6.69 35.99
CA ASN C 408 21.00 -5.34 36.57
C ASN C 408 19.95 -4.41 35.94
N VAL C 409 19.09 -4.97 35.09
CA VAL C 409 18.07 -4.14 34.44
C VAL C 409 16.88 -3.78 35.31
N PRO C 410 16.75 -2.51 35.67
CA PRO C 410 15.61 -2.06 36.47
C PRO C 410 14.30 -2.64 35.94
N ILE C 411 13.57 -3.33 36.80
CA ILE C 411 12.30 -3.95 36.43
C ILE C 411 11.36 -2.90 35.81
N ALA C 412 11.66 -1.63 36.05
CA ALA C 412 10.84 -0.55 35.52
C ALA C 412 10.98 -0.49 33.99
N VAL C 413 12.21 -0.27 33.54
CA VAL C 413 12.46 -0.20 32.12
C VAL C 413 12.73 -1.63 31.63
N GLN C 414 11.93 -2.58 32.10
CA GLN C 414 12.10 -3.96 31.66
C GLN C 414 11.37 -4.20 30.35
N ALA C 415 10.35 -3.38 30.09
CA ALA C 415 9.60 -3.46 28.83
C ALA C 415 10.61 -3.11 27.72
N VAL C 416 11.46 -2.14 28.04
CA VAL C 416 12.50 -1.64 27.15
C VAL C 416 13.47 -2.74 26.84
N ALA C 417 14.12 -3.27 27.86
CA ALA C 417 15.10 -4.35 27.67
C ALA C 417 14.59 -5.54 26.81
N LYS C 418 13.33 -5.92 27.01
CA LYS C 418 12.76 -7.01 26.24
C LYS C 418 12.63 -6.54 24.84
N ALA C 419 12.10 -5.32 24.73
CA ALA C 419 11.90 -4.66 23.43
C ALA C 419 13.19 -4.74 22.66
N SER C 420 14.31 -4.39 23.28
CA SER C 420 15.58 -4.48 22.59
C SER C 420 15.78 -5.90 22.07
N ILE C 421 15.60 -6.90 22.93
CA ILE C 421 15.80 -8.28 22.52
C ILE C 421 14.94 -8.56 21.29
N ASP C 422 13.65 -8.30 21.43
CA ASP C 422 12.69 -8.49 20.37
C ASP C 422 13.06 -7.88 19.03
N GLN C 423 13.40 -6.59 19.05
CA GLN C 423 13.76 -5.84 17.85
C GLN C 423 15.04 -6.28 17.18
N SER C 424 16.08 -6.53 17.95
CA SER C 424 17.35 -7.01 17.38
C SER C 424 17.00 -8.24 16.58
N ARG C 425 16.04 -9.01 17.10
CA ARG C 425 15.57 -10.22 16.44
C ARG C 425 14.85 -9.90 15.15
N GLU C 426 13.96 -8.92 15.16
CA GLU C 426 13.24 -8.61 13.93
C GLU C 426 14.11 -7.95 12.92
N MET C 427 15.17 -7.27 13.37
CA MET C 427 16.12 -6.64 12.47
C MET C 427 17.16 -7.65 12.06
N LYS C 428 16.73 -8.90 11.95
CA LYS C 428 17.59 -10.01 11.58
C LYS C 428 19.05 -9.87 11.99
N TYR C 429 19.34 -9.81 13.28
CA TYR C 429 20.72 -9.67 13.74
C TYR C 429 21.50 -10.98 13.62
N GLN C 430 22.81 -10.88 13.75
CA GLN C 430 23.69 -12.04 13.69
C GLN C 430 24.17 -12.33 15.12
N SER C 431 24.78 -13.52 15.31
CA SER C 431 25.23 -13.94 16.62
C SER C 431 26.27 -13.04 17.24
N LEU C 432 26.31 -13.07 18.57
CA LEU C 432 27.28 -12.28 19.32
C LEU C 432 28.67 -12.67 18.83
N ASN C 433 28.86 -13.95 18.51
CA ASN C 433 30.15 -14.41 18.05
C ASN C 433 30.57 -13.85 16.71
N GLU C 434 29.61 -13.69 15.80
CA GLU C 434 29.91 -13.13 14.49
C GLU C 434 30.37 -11.71 14.76
N TYR C 435 29.58 -10.97 15.53
CA TYR C 435 29.96 -9.61 15.86
C TYR C 435 31.34 -9.55 16.51
N ARG C 436 31.63 -10.52 17.36
CA ARG C 436 32.92 -10.56 18.04
C ARG C 436 33.99 -10.70 16.99
N LYS C 437 33.76 -11.64 16.08
CA LYS C 437 34.68 -11.89 14.96
C LYS C 437 34.83 -10.60 14.16
N ARG C 438 33.71 -9.95 13.85
CA ARG C 438 33.69 -8.70 13.09
C ARG C 438 34.63 -7.66 13.67
N PHE C 439 34.75 -7.59 14.99
CA PHE C 439 35.65 -6.59 15.58
C PHE C 439 37.00 -7.13 16.07
N SER C 440 37.53 -8.06 15.30
CA SER C 440 38.84 -8.65 15.56
C SER C 440 38.93 -9.29 16.93
N LEU C 441 37.78 -9.66 17.48
CA LEU C 441 37.81 -10.28 18.78
C LEU C 441 37.74 -11.78 18.52
N LYS C 442 38.13 -12.56 19.53
CA LYS C 442 38.12 -14.03 19.47
C LYS C 442 36.79 -14.46 20.05
N PRO C 443 36.03 -15.33 19.34
CA PRO C 443 34.72 -15.76 19.87
C PRO C 443 34.72 -16.58 21.14
N TYR C 444 33.65 -16.43 21.90
CA TYR C 444 33.44 -17.19 23.13
C TYR C 444 33.17 -18.65 22.82
N THR C 445 33.83 -19.51 23.57
CA THR C 445 33.68 -20.94 23.38
C THR C 445 32.65 -21.54 24.30
N SER C 446 31.99 -20.70 25.10
CA SER C 446 31.00 -21.17 26.05
C SER C 446 30.31 -20.06 26.80
N PHE C 447 29.05 -20.30 27.16
CA PHE C 447 28.26 -19.32 27.90
C PHE C 447 29.03 -19.07 29.14
N GLU C 448 29.63 -20.15 29.61
CA GLU C 448 30.45 -20.17 30.79
C GLU C 448 31.62 -19.21 30.59
N GLU C 449 32.21 -19.23 29.38
CA GLU C 449 33.32 -18.33 29.04
C GLU C 449 32.86 -16.88 29.00
N LEU C 450 31.63 -16.71 28.53
CA LEU C 450 31.05 -15.41 28.39
C LEU C 450 30.88 -14.71 29.72
N THR C 451 30.02 -15.29 30.56
CA THR C 451 29.67 -14.71 31.85
C THR C 451 30.80 -14.59 32.87
N GLY C 452 31.70 -15.55 32.88
CA GLY C 452 32.79 -15.52 33.84
C GLY C 452 32.38 -16.13 35.17
N GLU C 453 31.28 -16.88 35.15
CA GLU C 453 30.71 -17.58 36.31
C GLU C 453 29.85 -18.68 35.72
N LYS C 454 29.20 -19.50 36.56
CA LYS C 454 28.39 -20.55 35.97
C LYS C 454 26.91 -20.59 36.31
N GLU C 455 26.50 -19.77 37.27
CA GLU C 455 25.08 -19.72 37.65
C GLU C 455 24.28 -19.26 36.41
N MET C 456 24.54 -18.06 35.88
CA MET C 456 23.86 -17.54 34.70
C MET C 456 24.35 -18.29 33.47
N ALA C 457 25.66 -18.49 33.39
CA ALA C 457 26.25 -19.14 32.27
C ALA C 457 25.46 -20.36 31.87
N ALA C 458 25.44 -21.34 32.76
CA ALA C 458 24.69 -22.58 32.51
C ALA C 458 23.21 -22.28 32.31
N GLU C 459 22.72 -21.26 33.00
CA GLU C 459 21.33 -20.85 32.93
C GLU C 459 21.01 -20.43 31.49
N LEU C 460 21.94 -19.70 30.87
CA LEU C 460 21.81 -19.24 29.49
C LEU C 460 21.94 -20.42 28.59
N LYS C 461 22.93 -21.27 28.86
CA LYS C 461 23.20 -22.48 28.07
C LYS C 461 21.94 -23.30 27.90
N ALA C 462 21.17 -23.41 28.98
CA ALA C 462 19.90 -24.13 28.97
C ALA C 462 19.00 -23.53 27.92
N LEU C 463 19.13 -22.21 27.74
CA LEU C 463 18.32 -21.47 26.78
C LEU C 463 18.88 -21.48 25.35
N TYR C 464 20.11 -20.98 25.15
CA TYR C 464 20.67 -20.91 23.82
C TYR C 464 21.35 -22.17 23.33
N SER C 465 21.64 -23.09 24.25
CA SER C 465 22.31 -24.35 23.93
C SER C 465 23.70 -24.25 23.29
N ASP C 466 23.77 -23.73 22.06
CA ASP C 466 25.05 -23.56 21.33
C ASP C 466 25.51 -22.15 21.66
N ILE C 467 26.75 -21.98 22.12
CA ILE C 467 27.24 -20.64 22.47
C ILE C 467 27.18 -19.66 21.30
N ASP C 468 27.56 -20.14 20.12
CA ASP C 468 27.55 -19.31 18.92
C ASP C 468 26.24 -18.59 18.77
N VAL C 469 25.16 -19.37 18.82
CA VAL C 469 23.78 -18.87 18.70
C VAL C 469 23.32 -17.81 19.74
N MET C 470 24.20 -17.49 20.68
CA MET C 470 23.87 -16.48 21.68
C MET C 470 23.78 -15.11 21.01
N GLU C 471 22.78 -14.33 21.42
CA GLU C 471 22.48 -12.99 20.91
C GLU C 471 23.37 -11.88 21.47
N LEU C 472 23.65 -10.87 20.63
CA LEU C 472 24.50 -9.72 20.95
C LEU C 472 24.05 -8.85 22.12
N TYR C 473 22.80 -8.37 22.11
CA TYR C 473 22.31 -7.51 23.21
C TYR C 473 22.43 -8.10 24.62
N PRO C 474 21.76 -9.25 24.90
CA PRO C 474 21.81 -9.90 26.19
C PRO C 474 23.24 -10.09 26.65
N ALA C 475 24.05 -10.70 25.78
CA ALA C 475 25.46 -11.00 26.05
C ALA C 475 26.25 -9.83 26.57
N LEU C 476 25.88 -8.65 26.11
CA LEU C 476 26.57 -7.43 26.51
C LEU C 476 26.39 -7.14 27.99
N LEU C 477 25.15 -7.31 28.46
CA LEU C 477 24.77 -7.08 29.87
C LEU C 477 25.19 -8.23 30.85
N VAL C 478 25.07 -9.45 30.35
CA VAL C 478 25.43 -10.69 31.04
C VAL C 478 26.82 -11.06 30.57
N GLU C 479 27.80 -10.21 30.86
CA GLU C 479 29.17 -10.51 30.43
C GLU C 479 30.18 -10.14 31.50
N LYS C 480 31.20 -10.97 31.65
CA LYS C 480 32.24 -10.77 32.64
C LYS C 480 32.88 -9.43 32.51
N PRO C 481 32.62 -8.53 33.46
CA PRO C 481 33.24 -7.24 33.34
C PRO C 481 34.71 -7.39 33.50
N ARG C 482 35.46 -6.53 32.82
CA ARG C 482 36.90 -6.56 32.95
C ARG C 482 36.97 -6.03 34.38
N PRO C 483 37.96 -6.49 35.18
CA PRO C 483 38.13 -6.04 36.57
C PRO C 483 37.03 -5.16 37.24
N ASP C 484 37.41 -4.06 37.86
CA ASP C 484 36.38 -3.30 38.50
C ASP C 484 35.74 -2.36 37.53
N ALA C 485 35.39 -2.90 36.37
CA ALA C 485 34.83 -2.10 35.31
C ALA C 485 33.38 -2.35 34.98
N ILE C 486 32.77 -1.34 34.39
CA ILE C 486 31.36 -1.32 34.02
C ILE C 486 31.03 -2.15 32.79
N PHE C 487 32.00 -2.38 31.92
CA PHE C 487 31.74 -3.16 30.72
C PHE C 487 32.78 -4.25 30.55
N GLY C 488 32.55 -5.10 29.57
CA GLY C 488 33.48 -6.15 29.24
C GLY C 488 33.99 -5.91 27.82
N GLU C 489 35.09 -6.56 27.45
CA GLU C 489 35.69 -6.44 26.12
C GLU C 489 34.72 -6.25 24.94
N THR C 490 33.67 -7.06 24.81
CA THR C 490 32.74 -6.87 23.69
C THR C 490 32.25 -5.44 23.64
N MET C 491 31.57 -4.98 24.67
CA MET C 491 31.05 -3.61 24.71
C MET C 491 32.09 -2.55 24.33
N VAL C 492 33.30 -2.62 24.86
CA VAL C 492 34.28 -1.59 24.51
C VAL C 492 34.72 -1.72 23.06
N GLU C 493 35.08 -2.93 22.69
CA GLU C 493 35.58 -3.22 21.38
C GLU C 493 34.67 -2.91 20.21
N LEU C 494 33.37 -3.03 20.40
CA LEU C 494 32.46 -2.80 19.29
C LEU C 494 32.00 -1.33 19.21
N GLY C 495 31.90 -0.71 20.36
CA GLY C 495 31.45 0.64 20.42
C GLY C 495 32.51 1.69 20.25
N ALA C 496 33.71 1.48 20.78
CA ALA C 496 34.74 2.49 20.63
C ALA C 496 34.94 2.93 19.16
N PRO C 497 34.89 1.98 18.19
CA PRO C 497 35.07 2.37 16.80
C PRO C 497 33.89 3.25 16.42
N PHE C 498 32.67 2.74 16.54
CA PHE C 498 31.47 3.52 16.23
C PHE C 498 31.52 4.88 16.91
N SER C 499 31.92 4.91 18.17
CA SER C 499 31.97 6.15 18.94
C SER C 499 33.00 7.17 18.51
N LEU C 500 34.21 6.74 18.16
CA LEU C 500 35.23 7.69 17.73
C LEU C 500 35.02 8.18 16.27
N LYS C 501 34.44 7.34 15.43
CA LYS C 501 34.18 7.72 14.06
C LYS C 501 33.08 8.76 14.04
N GLY C 502 32.07 8.59 14.87
CA GLY C 502 31.00 9.56 14.89
C GLY C 502 31.42 10.84 15.58
N LEU C 503 32.47 10.79 16.38
CA LEU C 503 32.95 11.96 17.06
C LEU C 503 33.95 12.71 16.18
N MET C 504 34.92 12.00 15.65
CA MET C 504 35.93 12.59 14.79
C MET C 504 35.51 12.76 13.35
N GLY C 505 34.54 11.99 12.88
CA GLY C 505 34.13 12.13 11.50
C GLY C 505 33.06 13.19 11.35
N ASN C 506 33.33 14.39 11.86
CA ASN C 506 32.38 15.50 11.83
C ASN C 506 33.00 16.66 11.04
N PRO C 507 32.19 17.37 10.23
CA PRO C 507 32.80 18.46 9.49
C PRO C 507 33.64 19.43 10.29
N ILE C 508 33.21 19.88 11.48
CA ILE C 508 34.03 20.87 12.19
C ILE C 508 35.45 20.40 12.45
N CYS C 509 35.70 19.11 12.25
CA CYS C 509 37.04 18.55 12.49
C CYS C 509 37.89 18.57 11.24
N SER C 510 37.23 18.71 10.09
CA SER C 510 37.93 18.74 8.80
C SER C 510 38.83 19.97 8.80
N PRO C 511 39.95 19.91 8.06
CA PRO C 511 40.88 21.04 8.01
C PRO C 511 40.23 22.35 7.57
N GLN C 512 39.29 22.31 6.63
CA GLN C 512 38.62 23.55 6.18
C GLN C 512 37.88 24.19 7.36
N TYR C 513 37.27 23.32 8.15
CA TYR C 513 36.50 23.76 9.29
C TYR C 513 37.30 24.07 10.55
N TRP C 514 38.30 23.27 10.85
CA TRP C 514 39.08 23.44 12.08
C TRP C 514 40.05 24.63 12.10
N LYS C 515 39.50 25.83 12.21
CA LYS C 515 40.39 26.98 12.28
C LYS C 515 39.64 28.06 13.02
N PRO C 516 40.39 28.90 13.73
CA PRO C 516 39.90 30.01 14.54
C PRO C 516 38.69 30.70 13.96
N SER C 517 38.87 31.25 12.76
CA SER C 517 37.79 31.99 12.10
C SER C 517 36.48 31.21 11.91
N THR C 518 36.56 29.88 11.82
CA THR C 518 35.35 29.10 11.63
C THR C 518 34.44 29.34 12.79
N PHE C 519 35.01 29.72 13.92
CA PHE C 519 34.24 29.93 15.15
C PHE C 519 34.07 31.36 15.70
N GLY C 520 34.45 32.38 14.95
CA GLY C 520 34.29 33.72 15.45
C GLY C 520 35.57 34.33 15.96
N GLY C 521 36.68 33.59 15.94
CA GLY C 521 37.93 34.16 16.40
C GLY C 521 38.68 33.23 17.31
N GLU C 522 39.85 33.65 17.80
CA GLU C 522 40.63 32.80 18.72
C GLU C 522 39.88 32.69 20.08
N VAL C 523 38.97 33.62 20.31
CA VAL C 523 38.17 33.60 21.52
C VAL C 523 37.16 32.46 21.42
N GLY C 524 36.39 32.43 20.33
CA GLY C 524 35.38 31.38 20.19
C GLY C 524 36.02 30.04 20.09
N PHE C 525 37.18 29.97 19.45
CA PHE C 525 37.91 28.71 19.28
C PHE C 525 38.28 28.15 20.62
N LYS C 526 38.69 29.01 21.55
CA LYS C 526 39.04 28.53 22.89
C LYS C 526 37.87 27.95 23.64
N ILE C 527 36.73 28.64 23.57
CA ILE C 527 35.52 28.16 24.22
C ILE C 527 35.39 26.65 23.92
N ILE C 528 35.82 26.21 22.74
CA ILE C 528 35.76 24.80 22.36
C ILE C 528 36.95 24.06 22.98
N ASN C 529 38.15 24.56 22.70
CA ASN C 529 39.38 23.92 23.21
C ASN C 529 39.65 23.92 24.71
N THR C 530 38.72 24.45 25.50
CA THR C 530 38.88 24.46 26.93
C THR C 530 37.57 24.08 27.61
N ALA C 531 36.73 23.38 26.86
CA ALA C 531 35.43 22.92 27.33
C ALA C 531 35.58 21.79 28.34
N SER C 532 34.60 21.63 29.22
CA SER C 532 34.64 20.57 30.20
C SER C 532 33.28 20.47 30.87
N ILE C 533 32.93 19.28 31.37
CA ILE C 533 31.65 19.12 32.04
C ILE C 533 31.63 19.99 33.29
N GLN C 534 32.81 20.27 33.86
CA GLN C 534 32.87 21.11 35.04
C GLN C 534 32.54 22.55 34.70
N SER C 535 33.16 23.05 33.63
CA SER C 535 32.89 24.41 33.14
C SER C 535 31.47 24.51 32.58
N LEU C 536 31.01 23.46 31.91
CA LEU C 536 29.67 23.45 31.34
C LEU C 536 28.68 23.81 32.43
N ILE C 537 28.89 23.22 33.62
CA ILE C 537 28.06 23.46 34.80
C ILE C 537 28.46 24.76 35.52
N CYS C 538 29.75 24.94 35.76
CA CYS C 538 30.26 26.12 36.44
C CYS C 538 29.72 27.42 35.86
N ASN C 539 29.75 27.53 34.53
CA ASN C 539 29.30 28.72 33.82
C ASN C 539 27.80 28.80 33.61
N ASN C 540 27.06 27.73 33.94
CA ASN C 540 25.62 27.78 33.73
C ASN C 540 24.66 27.41 34.86
N VAL C 541 25.20 27.09 36.04
CA VAL C 541 24.39 26.76 37.21
C VAL C 541 24.65 27.82 38.28
N LYS C 542 23.63 28.11 39.09
CA LYS C 542 23.67 29.13 40.14
C LYS C 542 24.98 29.38 40.86
N GLY C 543 25.53 28.36 41.53
CA GLY C 543 26.83 28.48 42.17
C GLY C 543 27.65 27.63 41.22
N CYS C 544 28.93 27.37 41.43
CA CYS C 544 29.61 26.45 40.48
C CYS C 544 29.53 25.08 41.16
N PRO C 545 28.33 24.50 41.28
CA PRO C 545 28.26 23.21 41.94
C PRO C 545 29.28 22.33 41.25
N PHE C 546 30.29 21.91 42.01
CA PHE C 546 31.31 21.04 41.47
C PHE C 546 30.62 19.80 40.95
N THR C 547 31.12 19.27 39.85
CA THR C 547 30.60 18.06 39.27
C THR C 547 31.69 17.23 38.66
N SER C 548 31.24 16.12 38.10
CA SER C 548 32.08 15.17 37.46
C SER C 548 31.15 14.03 37.07
N PHE C 549 31.71 13.09 36.29
CA PHE C 549 30.95 11.92 35.87
C PHE C 549 31.25 10.80 36.86
N ASN C 550 31.87 11.17 37.97
CA ASN C 550 32.23 10.20 38.99
C ASN C 550 31.66 10.59 40.35
N VAL C 551 31.06 9.60 41.00
CA VAL C 551 30.46 9.80 42.29
C VAL C 551 31.62 9.73 43.27
N GLN C 552 32.53 10.68 43.13
CA GLN C 552 33.70 10.78 43.99
C GLN C 552 34.43 9.43 44.28
N ALA D 1 29.65 48.18 3.73
CA ALA D 1 29.99 48.41 5.16
C ALA D 1 30.88 47.29 5.63
N ASN D 2 30.59 46.08 5.14
CA ASN D 2 31.37 44.92 5.55
C ASN D 2 32.84 45.16 5.28
N PRO D 3 33.67 45.24 6.33
CA PRO D 3 35.10 45.47 6.15
C PRO D 3 35.79 44.37 5.38
N CYS D 4 35.04 43.34 4.98
CA CYS D 4 35.61 42.29 4.18
C CYS D 4 35.20 42.42 2.72
N CYS D 5 34.25 43.33 2.45
CA CYS D 5 33.74 43.56 1.09
C CYS D 5 34.86 43.58 0.05
N SER D 6 35.99 44.15 0.42
CA SER D 6 37.12 44.27 -0.47
C SER D 6 37.89 42.98 -0.75
N ASN D 7 37.38 41.83 -0.33
CA ASN D 7 38.06 40.55 -0.55
C ASN D 7 39.56 40.72 -0.23
N PRO D 8 39.90 41.41 0.89
CA PRO D 8 41.30 41.63 1.24
C PRO D 8 42.22 40.46 1.51
N CYS D 9 41.63 39.29 1.77
CA CYS D 9 42.46 38.13 2.13
C CYS D 9 42.99 37.29 1.00
N GLN D 10 44.28 37.38 0.83
CA GLN D 10 44.95 36.66 -0.22
C GLN D 10 45.28 35.24 0.12
N ASN D 11 45.89 34.57 -0.86
CA ASN D 11 46.35 33.19 -0.80
C ASN D 11 45.49 32.17 -0.07
N ARG D 12 44.18 32.40 -0.09
CA ARG D 12 43.20 31.49 0.52
C ARG D 12 42.78 31.70 2.02
N GLY D 13 43.45 32.60 2.73
CA GLY D 13 43.07 32.85 4.12
C GLY D 13 41.63 33.34 4.16
N GLU D 14 41.02 33.30 5.34
CA GLU D 14 39.65 33.72 5.55
C GLU D 14 39.58 35.15 6.08
N CYS D 15 38.54 35.88 5.70
CA CYS D 15 38.42 37.26 6.15
C CYS D 15 37.37 37.31 7.21
N MET D 16 37.62 38.07 8.26
CA MET D 16 36.64 38.18 9.32
C MET D 16 36.58 39.59 9.85
N SER D 17 35.37 40.08 9.98
CA SER D 17 35.13 41.41 10.50
C SER D 17 35.34 41.48 12.02
N THR D 18 36.52 41.88 12.46
CA THR D 18 36.81 41.99 13.88
C THR D 18 36.57 43.43 14.31
N GLY D 19 35.30 43.83 14.25
CA GLY D 19 34.93 45.19 14.57
C GLY D 19 34.32 45.79 13.32
N PHE D 20 33.55 46.85 13.44
CA PHE D 20 32.87 47.45 12.30
C PHE D 20 33.71 47.76 11.04
N ASP D 21 34.82 48.46 11.22
CA ASP D 21 35.67 48.83 10.09
C ASP D 21 36.96 48.01 10.12
N GLN D 22 36.98 46.93 10.87
CA GLN D 22 38.20 46.12 10.98
C GLN D 22 37.99 44.71 10.44
N TYR D 23 39.07 44.11 9.94
CA TYR D 23 38.99 42.76 9.43
C TYR D 23 40.21 41.99 9.87
N LYS D 24 40.15 40.68 9.73
CA LYS D 24 41.24 39.83 10.11
C LYS D 24 41.30 38.69 9.11
N CYS D 25 42.52 38.29 8.71
CA CYS D 25 42.64 37.15 7.80
C CYS D 25 43.16 35.90 8.54
N ASP D 26 42.45 34.80 8.35
CA ASP D 26 42.86 33.57 8.97
C ASP D 26 43.76 32.81 7.96
N CYS D 27 45.04 33.12 7.93
CA CYS D 27 45.94 32.44 7.00
C CYS D 27 46.27 30.99 7.37
N THR D 28 45.44 30.35 8.19
CA THR D 28 45.71 28.98 8.59
C THR D 28 45.90 28.04 7.40
N ARG D 29 47.00 27.29 7.45
CA ARG D 29 47.31 26.34 6.41
C ARG D 29 47.46 26.87 4.98
N THR D 30 47.36 28.19 4.80
CA THR D 30 47.52 28.78 3.48
C THR D 30 48.97 28.60 2.99
N GLY D 31 49.92 28.78 3.89
CA GLY D 31 51.31 28.67 3.50
C GLY D 31 51.88 30.08 3.44
N PHE D 32 51.07 31.05 3.89
CA PHE D 32 51.48 32.43 3.89
C PHE D 32 51.12 33.05 5.23
N TYR D 33 51.73 34.20 5.53
CA TYR D 33 51.46 34.93 6.74
C TYR D 33 51.34 36.43 6.44
N GLY D 34 51.14 37.22 7.49
CA GLY D 34 51.00 38.65 7.31
C GLY D 34 49.54 39.07 7.15
N GLU D 35 49.28 40.37 7.32
CA GLU D 35 47.93 40.92 7.23
C GLU D 35 47.00 40.33 6.17
N ASN D 36 47.51 40.06 4.97
CA ASN D 36 46.66 39.54 3.91
C ASN D 36 47.02 38.15 3.40
N CYS D 37 47.73 37.36 4.22
CA CYS D 37 48.15 36.00 3.81
C CYS D 37 48.84 36.17 2.47
N THR D 38 49.76 37.12 2.47
CA THR D 38 50.52 37.51 1.30
C THR D 38 51.95 37.02 1.38
N THR D 39 52.64 37.33 2.47
CA THR D 39 54.04 36.88 2.59
C THR D 39 54.14 35.37 2.79
N PRO D 40 54.80 34.70 1.88
CA PRO D 40 54.96 33.24 1.97
C PRO D 40 55.95 32.78 2.99
N GLU D 41 55.78 31.52 3.36
CA GLU D 41 56.69 30.86 4.27
C GLU D 41 57.84 30.56 3.32
N PHE D 42 59.05 30.47 3.84
CA PHE D 42 60.21 30.18 3.01
C PHE D 42 59.97 28.96 2.13
N LEU D 43 59.45 27.90 2.70
CA LEU D 43 59.21 26.69 1.90
C LEU D 43 58.14 26.95 0.81
N THR D 44 57.38 28.03 0.98
CA THR D 44 56.37 28.38 -0.01
C THR D 44 57.04 29.05 -1.19
N ARG D 45 58.05 29.87 -0.89
CA ARG D 45 58.82 30.56 -1.92
C ARG D 45 59.28 29.46 -2.88
N ILE D 46 59.95 28.45 -2.32
CA ILE D 46 60.46 27.30 -3.05
C ILE D 46 59.44 26.80 -4.08
N LYS D 47 58.27 26.40 -3.57
CA LYS D 47 57.21 25.86 -4.40
C LYS D 47 56.85 26.80 -5.53
N LEU D 48 56.70 28.07 -5.19
CA LEU D 48 56.36 29.08 -6.16
C LEU D 48 57.39 29.04 -7.27
N LEU D 49 58.66 29.11 -6.89
CA LEU D 49 59.79 29.10 -7.82
C LEU D 49 60.09 27.68 -8.32
N LEU D 50 59.03 26.98 -8.73
CA LEU D 50 59.15 25.62 -9.21
C LEU D 50 57.87 25.11 -9.85
N LYS D 51 56.81 25.92 -9.81
CA LYS D 51 55.51 25.51 -10.34
C LYS D 51 55.23 25.89 -11.79
N PRO D 52 55.26 24.91 -12.70
CA PRO D 52 55.00 25.24 -14.10
C PRO D 52 53.59 25.79 -14.24
N THR D 53 53.45 26.91 -14.95
CA THR D 53 52.14 27.50 -15.15
C THR D 53 51.23 26.49 -15.87
N PRO D 54 49.91 26.72 -15.83
CA PRO D 54 48.92 25.87 -16.48
C PRO D 54 49.28 25.64 -17.95
N ASN D 55 49.56 26.74 -18.64
CA ASN D 55 49.90 26.67 -20.05
C ASN D 55 51.17 25.84 -20.33
N THR D 56 52.18 25.99 -19.47
CA THR D 56 53.43 25.26 -19.61
C THR D 56 53.09 23.78 -19.67
N VAL D 57 52.38 23.36 -18.64
CA VAL D 57 52.00 21.96 -18.48
C VAL D 57 51.08 21.53 -19.57
N HIS D 58 50.09 22.38 -19.84
CA HIS D 58 49.13 22.09 -20.88
C HIS D 58 49.89 21.83 -22.17
N TYR D 59 51.00 22.55 -22.34
CA TYR D 59 51.83 22.42 -23.52
C TYR D 59 52.42 21.03 -23.53
N ILE D 60 53.23 20.79 -22.52
CA ILE D 60 53.91 19.51 -22.41
C ILE D 60 52.97 18.32 -22.44
N LEU D 61 51.70 18.55 -22.07
CA LEU D 61 50.72 17.49 -22.11
C LEU D 61 50.30 17.25 -23.54
N THR D 62 49.95 18.33 -24.23
CA THR D 62 49.51 18.26 -25.61
C THR D 62 50.62 18.14 -26.65
N HIS D 63 51.85 18.06 -26.17
CA HIS D 63 52.98 17.91 -27.09
C HIS D 63 53.77 16.62 -26.77
N PHE D 64 55.00 16.54 -27.29
CA PHE D 64 55.88 15.41 -27.02
C PHE D 64 55.22 14.03 -27.17
N LYS D 65 54.23 13.96 -28.05
CA LYS D 65 53.50 12.73 -28.28
C LYS D 65 54.33 11.44 -28.22
N GLY D 66 55.43 11.38 -28.96
CA GLY D 66 56.24 10.17 -28.97
C GLY D 66 56.67 9.75 -27.59
N VAL D 67 57.02 10.74 -26.77
CA VAL D 67 57.46 10.49 -25.40
C VAL D 67 56.26 9.87 -24.67
N TRP D 68 55.15 10.59 -24.76
CA TRP D 68 53.92 10.18 -24.13
C TRP D 68 53.53 8.76 -24.46
N ASN D 69 53.57 8.36 -25.74
CA ASN D 69 53.17 7.00 -26.05
C ASN D 69 53.99 5.97 -25.32
N ILE D 70 55.25 6.31 -25.03
CA ILE D 70 56.09 5.36 -24.30
C ILE D 70 55.48 5.22 -22.92
N VAL D 71 55.26 6.37 -22.31
CA VAL D 71 54.69 6.51 -20.98
C VAL D 71 53.45 5.68 -20.88
N ASN D 72 52.52 5.90 -21.80
CA ASN D 72 51.25 5.19 -21.78
C ASN D 72 51.37 3.69 -21.74
N ASN D 73 52.57 3.18 -21.97
CA ASN D 73 52.78 1.74 -21.96
C ASN D 73 53.58 1.21 -20.76
N ILE D 74 53.95 2.11 -19.86
CA ILE D 74 54.68 1.80 -18.66
C ILE D 74 53.67 2.08 -17.56
N PRO D 75 52.73 1.15 -17.35
CA PRO D 75 51.65 1.21 -16.37
C PRO D 75 52.03 2.04 -15.18
N PHE D 76 52.93 1.48 -14.39
CA PHE D 76 53.49 2.08 -13.19
C PHE D 76 53.56 3.61 -13.35
N LEU D 77 54.18 4.06 -14.45
CA LEU D 77 54.32 5.49 -14.76
C LEU D 77 52.95 6.14 -14.96
N ARG D 78 52.15 5.56 -15.85
CA ARG D 78 50.83 6.11 -16.13
C ARG D 78 50.04 6.27 -14.85
N SER D 79 50.07 5.20 -14.03
CA SER D 79 49.39 5.11 -12.73
C SER D 79 49.86 6.21 -11.79
N LEU D 80 51.17 6.35 -11.69
CA LEU D 80 51.74 7.39 -10.87
C LEU D 80 51.30 8.77 -11.39
N ILE D 81 51.28 8.96 -12.72
CA ILE D 81 50.89 10.23 -13.36
C ILE D 81 49.40 10.55 -13.07
N MET D 82 48.52 9.60 -13.40
CA MET D 82 47.07 9.74 -13.20
C MET D 82 46.84 10.03 -11.71
N LYS D 83 47.52 9.25 -10.88
CA LYS D 83 47.44 9.39 -9.42
C LYS D 83 47.69 10.84 -9.06
N TYR D 84 48.66 11.45 -9.73
CA TYR D 84 48.97 12.81 -9.42
C TYR D 84 47.93 13.77 -9.95
N VAL D 85 47.27 13.43 -11.05
CA VAL D 85 46.28 14.36 -11.57
C VAL D 85 45.06 14.38 -10.64
N LEU D 86 44.70 13.22 -10.09
CA LEU D 86 43.54 13.14 -9.20
C LEU D 86 43.74 13.98 -7.95
N THR D 87 44.84 13.72 -7.27
CA THR D 87 45.15 14.39 -6.04
C THR D 87 45.28 15.91 -6.17
N SER D 88 46.13 16.41 -7.07
CA SER D 88 46.30 17.86 -7.23
C SER D 88 44.98 18.55 -7.58
N ARG D 89 44.29 18.02 -8.59
CA ARG D 89 43.03 18.57 -9.01
C ARG D 89 42.07 18.62 -7.86
N SER D 90 41.79 17.43 -7.33
CA SER D 90 40.87 17.26 -6.20
C SER D 90 41.27 18.17 -5.03
N TYR D 91 42.55 18.26 -4.73
CA TYR D 91 42.97 19.11 -3.62
C TYR D 91 42.46 20.56 -3.75
N LEU D 92 41.92 20.91 -4.91
CA LEU D 92 41.43 22.26 -5.09
C LEU D 92 40.04 22.55 -4.54
N ILE D 93 39.24 21.51 -4.29
CA ILE D 93 37.87 21.69 -3.75
C ILE D 93 37.79 21.41 -2.25
N ASP D 94 36.85 22.08 -1.58
CA ASP D 94 36.63 21.89 -0.15
C ASP D 94 35.66 20.75 0.14
N SER D 95 36.14 19.75 0.87
CA SER D 95 35.34 18.61 1.23
C SER D 95 35.69 18.18 2.65
N PRO D 96 34.75 18.31 3.59
CA PRO D 96 33.39 18.81 3.46
C PRO D 96 33.32 20.23 2.97
N PRO D 97 32.18 20.59 2.36
CA PRO D 97 31.84 21.90 1.78
C PRO D 97 31.74 23.02 2.77
N THR D 98 31.82 24.25 2.25
CA THR D 98 31.75 25.48 3.03
C THR D 98 31.04 26.54 2.17
N TYR D 99 30.26 27.42 2.76
CA TYR D 99 29.60 28.52 2.00
C TYR D 99 28.54 28.17 0.96
N ASN D 100 27.59 29.08 0.80
CA ASN D 100 26.57 28.88 -0.21
C ASN D 100 25.87 30.22 -0.47
N VAL D 101 24.87 30.18 -1.35
CA VAL D 101 24.06 31.33 -1.72
C VAL D 101 23.89 32.26 -0.55
N HIS D 102 23.37 31.73 0.55
CA HIS D 102 23.13 32.49 1.77
C HIS D 102 24.31 32.57 2.78
N TYR D 103 25.22 31.60 2.74
CA TYR D 103 26.28 31.68 3.73
C TYR D 103 27.70 32.08 3.32
N GLY D 104 28.04 33.31 3.72
CA GLY D 104 29.36 33.83 3.43
C GLY D 104 30.35 33.29 4.43
N TYR D 105 29.79 32.57 5.40
CA TYR D 105 30.57 31.94 6.45
C TYR D 105 30.21 30.47 6.51
N LYS D 106 31.07 29.70 7.17
CA LYS D 106 30.93 28.26 7.29
C LYS D 106 29.62 27.62 7.76
N SER D 107 29.04 28.08 8.87
CA SER D 107 27.77 27.56 9.41
C SER D 107 27.29 26.10 9.19
N TRP D 108 26.64 25.53 10.22
CA TRP D 108 26.14 24.15 10.13
C TRP D 108 25.06 24.01 9.08
N GLU D 109 24.34 25.09 8.83
CA GLU D 109 23.27 25.14 7.84
C GLU D 109 23.90 25.03 6.45
N ALA D 110 24.88 25.89 6.21
CA ALA D 110 25.55 25.91 4.92
C ALA D 110 26.08 24.55 4.59
N PHE D 111 26.54 23.88 5.64
CA PHE D 111 27.12 22.54 5.53
C PHE D 111 26.17 21.37 5.31
N SER D 112 25.08 21.36 6.03
CA SER D 112 24.14 20.26 5.94
C SER D 112 22.95 20.39 5.01
N ASN D 113 22.46 21.61 4.77
CA ASN D 113 21.27 21.77 3.91
C ASN D 113 21.54 21.35 2.49
N LEU D 114 21.32 20.07 2.21
CA LEU D 114 21.58 19.53 0.90
C LEU D 114 20.79 20.12 -0.25
N SER D 115 19.86 21.02 0.04
CA SER D 115 19.07 21.67 -1.01
C SER D 115 19.75 22.86 -1.72
N TYR D 116 20.96 23.20 -1.30
CA TYR D 116 21.74 24.28 -1.89
C TYR D 116 22.88 23.72 -2.75
N TYR D 117 23.37 24.52 -3.69
CA TYR D 117 24.54 24.13 -4.47
C TYR D 117 25.60 24.72 -3.56
N THR D 118 26.72 24.05 -3.35
CA THR D 118 27.76 24.62 -2.49
C THR D 118 28.49 25.74 -3.27
N ARG D 119 29.28 26.54 -2.59
CA ARG D 119 29.91 27.62 -3.29
C ARG D 119 31.42 27.67 -3.04
N ALA D 120 32.22 27.55 -4.12
CA ALA D 120 33.69 27.58 -4.03
C ALA D 120 34.20 28.89 -3.43
N LEU D 121 33.53 29.99 -3.76
CA LEU D 121 33.89 31.29 -3.19
C LEU D 121 32.62 31.84 -2.61
N PRO D 122 32.70 32.32 -1.37
CA PRO D 122 31.53 32.89 -0.70
C PRO D 122 30.95 33.99 -1.54
N PRO D 123 29.66 34.27 -1.36
CA PRO D 123 28.99 35.32 -2.12
C PRO D 123 29.55 36.70 -1.69
N VAL D 124 28.91 37.76 -2.12
CA VAL D 124 29.37 39.08 -1.75
C VAL D 124 28.37 39.66 -0.80
N ALA D 125 28.89 40.26 0.26
CA ALA D 125 28.07 40.82 1.32
C ALA D 125 27.02 41.73 0.72
N ASP D 126 25.76 41.43 1.00
CA ASP D 126 24.68 42.25 0.48
C ASP D 126 24.86 43.73 0.81
N ASP D 127 25.78 44.05 1.73
CA ASP D 127 26.04 45.44 2.10
C ASP D 127 27.42 45.87 1.60
N CYS D 128 27.69 45.56 0.35
CA CYS D 128 28.95 45.97 -0.18
C CYS D 128 28.62 47.04 -1.20
N PRO D 129 29.44 48.12 -1.25
CA PRO D 129 29.24 49.24 -2.17
C PRO D 129 28.95 48.84 -3.61
N THR D 130 29.83 48.03 -4.21
CA THR D 130 29.65 47.63 -5.59
C THR D 130 29.43 46.12 -5.66
N PRO D 131 28.71 45.65 -6.70
CA PRO D 131 28.43 44.22 -6.90
C PRO D 131 29.63 43.31 -6.74
N MET D 132 30.77 43.75 -7.24
CA MET D 132 31.98 42.95 -7.10
C MET D 132 32.71 43.31 -5.82
N GLY D 133 31.93 43.73 -4.82
CA GLY D 133 32.49 44.11 -3.55
C GLY D 133 32.70 45.60 -3.42
N VAL D 134 33.87 46.06 -3.86
CA VAL D 134 34.17 47.47 -3.79
C VAL D 134 34.54 48.07 -5.14
N LYS D 135 35.29 47.31 -5.96
CA LYS D 135 35.70 47.79 -7.29
C LYS D 135 34.55 47.89 -8.28
N GLY D 136 34.69 48.82 -9.23
CA GLY D 136 33.70 49.03 -10.27
C GLY D 136 32.59 50.00 -9.92
N ASN D 137 31.66 50.18 -10.86
CA ASN D 137 30.54 51.10 -10.70
C ASN D 137 29.37 50.47 -9.95
N LYS D 138 28.43 51.32 -9.56
CA LYS D 138 27.23 50.93 -8.83
C LYS D 138 26.47 49.75 -9.46
N GLU D 139 26.80 49.39 -10.69
CA GLU D 139 26.12 48.26 -11.34
C GLU D 139 27.00 47.70 -12.44
N LEU D 140 26.77 46.44 -12.81
CA LEU D 140 27.55 45.85 -13.89
C LEU D 140 26.81 46.18 -15.19
N PRO D 141 27.53 46.09 -16.33
CA PRO D 141 26.95 46.37 -17.64
C PRO D 141 25.62 45.63 -17.85
N ASP D 142 24.68 46.23 -18.57
CA ASP D 142 23.42 45.59 -18.85
C ASP D 142 23.77 44.26 -19.50
N SER D 143 23.22 43.18 -18.96
CA SER D 143 23.42 41.83 -19.44
C SER D 143 23.15 41.71 -20.95
N LYS D 144 22.02 42.28 -21.40
CA LYS D 144 21.58 42.27 -22.80
C LYS D 144 22.66 42.82 -23.72
N GLU D 145 23.40 43.80 -23.20
CA GLU D 145 24.49 44.46 -23.92
C GLU D 145 25.72 43.58 -24.01
N VAL D 146 25.98 42.77 -23.00
CA VAL D 146 27.15 41.89 -23.03
C VAL D 146 26.79 40.70 -23.91
N LEU D 147 25.56 40.24 -23.71
CA LEU D 147 24.99 39.12 -24.43
C LEU D 147 25.24 39.32 -25.92
N GLU D 148 24.76 40.47 -26.42
CA GLU D 148 24.85 40.88 -27.84
C GLU D 148 26.24 41.31 -28.28
N LYS D 149 26.83 42.26 -27.60
CA LYS D 149 28.17 42.66 -28.00
C LYS D 149 29.28 41.56 -28.15
N VAL D 150 29.41 40.65 -27.17
CA VAL D 150 30.46 39.63 -27.23
C VAL D 150 30.03 38.18 -27.13
N LEU D 151 28.77 37.92 -26.79
CA LEU D 151 28.37 36.52 -26.67
C LEU D 151 27.71 35.90 -27.85
N LEU D 152 26.64 36.53 -28.33
CA LEU D 152 25.89 36.01 -29.47
C LEU D 152 26.68 35.61 -30.74
N ARG D 153 26.19 34.59 -31.41
CA ARG D 153 26.78 34.04 -32.61
C ARG D 153 26.32 34.69 -33.91
N ARG D 154 27.27 34.90 -34.83
CA ARG D 154 26.96 35.47 -36.15
C ARG D 154 27.30 34.33 -37.09
N GLU D 155 28.58 34.05 -37.19
CA GLU D 155 29.03 32.96 -38.03
C GLU D 155 29.26 31.77 -37.05
N PHE D 156 28.71 30.62 -37.41
CA PHE D 156 28.88 29.48 -36.59
C PHE D 156 30.36 29.18 -36.60
N ILE D 157 30.97 29.25 -35.43
CA ILE D 157 32.39 28.92 -35.29
C ILE D 157 32.33 27.48 -34.82
N PRO D 158 32.99 26.55 -35.53
CA PRO D 158 33.00 25.14 -35.16
C PRO D 158 34.07 24.89 -34.13
N ASP D 159 34.01 23.74 -33.47
CA ASP D 159 34.99 23.44 -32.46
C ASP D 159 36.24 22.98 -33.16
N PRO D 160 37.39 23.61 -32.84
CA PRO D 160 38.65 23.24 -33.45
C PRO D 160 39.12 21.86 -32.95
N GLN D 161 38.47 21.30 -31.91
CA GLN D 161 38.83 19.99 -31.36
C GLN D 161 38.07 18.82 -31.91
N GLY D 162 36.96 19.08 -32.58
CA GLY D 162 36.22 18.01 -33.22
C GLY D 162 34.97 17.53 -32.56
N SER D 163 34.62 18.13 -31.43
CA SER D 163 33.44 17.73 -30.70
C SER D 163 32.24 17.59 -31.61
N ASN D 164 31.70 16.38 -31.73
CA ASN D 164 30.52 16.16 -32.57
C ASN D 164 29.26 16.25 -31.69
N MET D 165 28.14 15.73 -32.16
CA MET D 165 26.93 15.83 -31.38
C MET D 165 26.76 14.73 -30.35
N MET D 166 27.45 13.61 -30.53
CA MET D 166 27.38 12.51 -29.57
C MET D 166 27.93 13.08 -28.27
N PHE D 167 29.00 13.84 -28.38
CA PHE D 167 29.60 14.48 -27.23
C PHE D 167 28.67 15.55 -26.68
N ALA D 168 28.33 16.57 -27.47
CA ALA D 168 27.46 17.63 -26.99
C ALA D 168 26.25 17.11 -26.22
N PHE D 169 25.57 16.11 -26.80
CA PHE D 169 24.40 15.56 -26.12
C PHE D 169 24.76 14.66 -24.94
N PHE D 170 25.92 14.02 -24.98
CA PHE D 170 26.34 13.21 -23.85
C PHE D 170 26.54 14.20 -22.69
N ALA D 171 27.24 15.29 -22.95
CA ALA D 171 27.48 16.27 -21.90
C ALA D 171 26.17 16.92 -21.43
N GLN D 172 25.13 16.93 -22.26
CA GLN D 172 23.89 17.56 -21.82
C GLN D 172 23.17 16.59 -20.91
N HIS D 173 23.18 15.34 -21.33
CA HIS D 173 22.57 14.24 -20.58
C HIS D 173 23.33 14.09 -19.24
N PHE D 174 24.60 13.71 -19.33
CA PHE D 174 25.48 13.51 -18.19
C PHE D 174 25.43 14.54 -17.09
N THR D 175 25.73 15.79 -17.38
CA THR D 175 25.71 16.79 -16.31
C THR D 175 24.32 17.03 -15.74
N HIS D 176 23.28 16.76 -16.52
CA HIS D 176 21.91 17.00 -16.06
C HIS D 176 21.38 16.13 -14.91
N GLN D 177 22.22 15.24 -14.41
CA GLN D 177 21.81 14.43 -13.29
C GLN D 177 22.25 15.26 -12.11
N PHE D 178 23.37 15.97 -12.21
CA PHE D 178 23.77 16.80 -11.10
C PHE D 178 23.35 18.27 -11.12
N PHE D 179 23.11 18.85 -12.30
CA PHE D 179 22.67 20.23 -12.36
C PHE D 179 21.16 20.14 -12.56
N LYS D 180 20.40 20.51 -11.54
CA LYS D 180 18.94 20.43 -11.62
C LYS D 180 18.28 21.56 -10.83
N THR D 181 18.80 22.77 -10.99
CA THR D 181 18.27 23.91 -10.30
C THR D 181 16.78 23.86 -9.94
N ASP D 182 16.53 24.02 -8.65
CA ASP D 182 15.19 24.02 -8.13
C ASP D 182 14.68 25.45 -8.29
N HIS D 183 14.10 25.74 -9.45
CA HIS D 183 13.59 27.09 -9.69
C HIS D 183 12.43 27.53 -8.81
N LYS D 184 11.95 26.62 -7.97
CA LYS D 184 10.87 26.90 -7.08
C LYS D 184 11.47 27.73 -5.96
N ARG D 185 12.70 27.40 -5.59
CA ARG D 185 13.38 28.10 -4.51
C ARG D 185 14.29 29.21 -5.01
N GLY D 186 14.84 29.02 -6.21
CA GLY D 186 15.70 30.03 -6.80
C GLY D 186 17.05 29.51 -7.23
N PRO D 187 17.87 30.25 -8.00
CA PRO D 187 19.18 29.72 -8.37
C PRO D 187 19.96 29.52 -7.09
N GLY D 188 20.84 28.53 -7.03
CA GLY D 188 21.57 28.32 -5.79
C GLY D 188 21.01 27.16 -4.97
N PHE D 189 19.82 26.69 -5.39
CA PHE D 189 19.13 25.56 -4.79
C PHE D 189 19.05 24.46 -5.86
N THR D 190 19.45 23.24 -5.50
CA THR D 190 19.44 22.10 -6.40
C THR D 190 18.32 21.10 -6.09
N ARG D 191 17.95 20.30 -7.09
CA ARG D 191 16.92 19.29 -6.91
C ARG D 191 17.58 17.93 -6.93
N GLY D 192 18.91 17.94 -7.08
CA GLY D 192 19.70 16.72 -7.09
C GLY D 192 20.41 16.59 -5.77
N LEU D 193 19.69 16.07 -4.81
CA LEU D 193 20.22 15.89 -3.47
C LEU D 193 21.32 14.82 -3.39
N GLY D 194 21.51 14.11 -4.50
CA GLY D 194 22.53 13.09 -4.51
C GLY D 194 23.87 13.72 -4.78
N HIS D 195 23.85 14.95 -5.27
CA HIS D 195 25.08 15.68 -5.60
C HIS D 195 26.20 14.97 -6.38
N GLY D 196 25.84 14.10 -7.31
CA GLY D 196 26.85 13.40 -8.06
C GLY D 196 26.34 12.41 -9.06
N VAL D 197 27.22 11.52 -9.47
CA VAL D 197 26.88 10.52 -10.47
C VAL D 197 26.14 9.37 -9.81
N ASP D 198 24.86 9.59 -9.59
CA ASP D 198 24.01 8.59 -8.99
C ASP D 198 23.03 8.00 -10.02
N LEU D 199 23.09 8.53 -11.24
CA LEU D 199 22.24 8.12 -12.34
C LEU D 199 20.80 8.35 -11.99
N ASN D 200 20.56 9.42 -11.25
CA ASN D 200 19.21 9.74 -10.86
C ASN D 200 18.40 10.06 -12.07
N HIS D 201 19.08 10.44 -13.16
CA HIS D 201 18.47 10.80 -14.45
C HIS D 201 18.05 9.61 -15.28
N ILE D 202 18.35 8.40 -14.81
CA ILE D 202 17.94 7.18 -15.49
C ILE D 202 16.90 6.50 -14.58
N TYR D 203 17.23 6.43 -13.29
CA TYR D 203 16.37 5.76 -12.34
C TYR D 203 15.36 6.63 -11.64
N GLY D 204 15.49 7.94 -11.72
CA GLY D 204 14.53 8.76 -11.04
C GLY D 204 15.16 9.42 -9.81
N GLU D 205 14.58 10.54 -9.46
CA GLU D 205 15.11 11.29 -8.34
C GLU D 205 14.76 10.63 -7.00
N THR D 206 13.61 9.98 -6.93
CA THR D 206 13.16 9.40 -5.67
C THR D 206 12.65 7.98 -5.80
N LEU D 207 12.60 7.27 -4.67
CA LEU D 207 12.17 5.88 -4.62
C LEU D 207 10.80 5.66 -5.23
N ASP D 208 9.87 6.55 -4.90
CA ASP D 208 8.55 6.42 -5.41
C ASP D 208 8.62 6.47 -6.93
N ARG D 209 9.45 7.40 -7.44
CA ARG D 209 9.65 7.57 -8.87
C ARG D 209 10.27 6.32 -9.52
N GLN D 210 11.45 5.92 -9.02
CA GLN D 210 12.11 4.75 -9.55
C GLN D 210 11.21 3.51 -9.57
N HIS D 211 10.33 3.34 -8.59
CA HIS D 211 9.45 2.19 -8.56
C HIS D 211 8.39 2.23 -9.64
N LYS D 212 8.10 3.43 -10.13
CA LYS D 212 7.10 3.61 -11.20
C LYS D 212 7.75 3.28 -12.53
N LEU D 213 9.03 3.58 -12.62
CA LEU D 213 9.77 3.30 -13.85
C LEU D 213 10.28 1.86 -13.96
N ARG D 214 10.15 1.08 -12.89
CA ARG D 214 10.62 -0.31 -12.84
C ARG D 214 9.64 -1.33 -13.35
N LEU D 215 10.15 -2.43 -13.84
CA LEU D 215 9.29 -3.50 -14.34
C LEU D 215 8.99 -4.52 -13.23
N PHE D 216 9.96 -4.69 -12.34
CA PHE D 216 9.91 -5.63 -11.25
C PHE D 216 9.95 -7.06 -11.73
N LYS D 217 10.77 -7.30 -12.75
CA LYS D 217 10.96 -8.61 -13.30
C LYS D 217 12.40 -8.61 -13.79
N ASP D 218 13.25 -9.39 -13.15
CA ASP D 218 14.65 -9.47 -13.52
C ASP D 218 15.46 -8.19 -13.40
N GLY D 219 15.07 -7.30 -12.48
CA GLY D 219 15.76 -6.03 -12.24
C GLY D 219 15.69 -4.99 -13.35
N LYS D 220 14.83 -5.25 -14.33
CA LYS D 220 14.68 -4.39 -15.50
C LYS D 220 13.81 -3.18 -15.30
N LEU D 221 14.10 -2.13 -16.07
CA LEU D 221 13.32 -0.91 -16.03
C LEU D 221 12.19 -1.16 -17.03
N LYS D 222 11.08 -0.47 -16.89
CA LYS D 222 9.97 -0.67 -17.81
C LYS D 222 10.42 -0.09 -19.15
N TYR D 223 9.86 -0.63 -20.23
CA TYR D 223 10.18 -0.18 -21.58
C TYR D 223 9.04 -0.64 -22.49
N GLN D 224 9.10 -0.23 -23.77
CA GLN D 224 8.09 -0.58 -24.77
C GLN D 224 8.79 -0.85 -26.07
N VAL D 225 8.11 -1.51 -26.98
CA VAL D 225 8.70 -1.80 -28.27
C VAL D 225 7.92 -1.18 -29.44
N ILE D 226 8.59 -0.27 -30.15
CA ILE D 226 8.04 0.40 -31.31
C ILE D 226 8.96 -0.12 -32.43
N GLY D 227 8.37 -0.58 -33.54
CA GLY D 227 9.20 -1.16 -34.58
C GLY D 227 9.68 -2.38 -33.83
N GLY D 228 10.87 -2.86 -34.09
CA GLY D 228 11.32 -3.98 -33.29
C GLY D 228 12.24 -3.34 -32.25
N GLU D 229 11.97 -2.07 -31.96
CA GLU D 229 12.82 -1.30 -31.06
C GLU D 229 12.32 -1.03 -29.66
N VAL D 230 13.26 -1.03 -28.73
CA VAL D 230 12.95 -0.81 -27.32
C VAL D 230 12.96 0.68 -27.11
N TYR D 231 12.00 1.18 -26.33
CA TYR D 231 11.88 2.60 -26.05
C TYR D 231 11.36 2.80 -24.66
N PRO D 232 11.64 3.98 -24.07
CA PRO D 232 11.15 4.25 -22.73
C PRO D 232 9.62 4.13 -22.75
N PRO D 233 9.03 3.69 -21.64
CA PRO D 233 7.57 3.53 -21.50
C PRO D 233 6.98 4.92 -21.40
N THR D 234 5.68 5.01 -21.57
CA THR D 234 5.04 6.30 -21.56
C THR D 234 4.69 6.79 -20.18
N VAL D 235 4.42 8.09 -20.08
CA VAL D 235 3.98 8.71 -18.83
C VAL D 235 2.60 8.15 -18.54
N LYS D 236 1.84 7.88 -19.61
CA LYS D 236 0.48 7.36 -19.45
C LYS D 236 0.47 5.96 -18.88
N ASP D 237 1.53 5.22 -19.11
CA ASP D 237 1.62 3.87 -18.58
C ASP D 237 2.24 3.87 -17.17
N THR D 238 3.51 4.25 -17.05
CA THR D 238 4.22 4.28 -15.78
C THR D 238 3.61 5.27 -14.82
N GLN D 239 3.04 6.33 -15.38
CA GLN D 239 2.41 7.38 -14.58
C GLN D 239 3.39 8.39 -14.05
N VAL D 240 4.66 8.32 -14.48
CA VAL D 240 5.65 9.28 -13.99
C VAL D 240 5.44 10.71 -14.56
N GLU D 241 5.70 11.71 -13.75
CA GLU D 241 5.51 13.09 -14.19
C GLU D 241 6.70 13.60 -15.02
N MET D 242 6.44 13.94 -16.27
CA MET D 242 7.46 14.44 -17.17
C MET D 242 7.02 15.81 -17.65
N ILE D 243 7.97 16.62 -18.10
CA ILE D 243 7.62 17.93 -18.61
C ILE D 243 7.53 17.87 -20.16
N TYR D 244 6.31 18.04 -20.67
CA TYR D 244 6.05 17.98 -22.10
C TYR D 244 4.97 18.99 -22.51
N PRO D 245 5.16 19.67 -23.65
CA PRO D 245 4.20 20.66 -24.15
C PRO D 245 2.91 19.93 -24.46
N PRO D 246 1.76 20.40 -23.91
CA PRO D 246 0.42 19.81 -24.07
C PRO D 246 0.06 19.23 -25.43
N HIS D 247 0.51 19.87 -26.49
CA HIS D 247 0.19 19.37 -27.81
C HIS D 247 0.80 17.99 -28.13
N ILE D 248 1.75 17.53 -27.31
CA ILE D 248 2.38 16.23 -27.56
C ILE D 248 1.32 15.15 -27.37
N PRO D 249 1.03 14.37 -28.44
CA PRO D 249 0.04 13.31 -28.55
C PRO D 249 0.09 12.14 -27.60
N GLU D 250 0.69 12.28 -26.43
CA GLU D 250 0.81 11.14 -25.51
C GLU D 250 1.61 10.17 -26.39
N ASN D 251 1.62 8.87 -26.08
CA ASN D 251 2.33 7.90 -26.95
C ASN D 251 3.75 8.28 -27.44
N LEU D 252 4.18 9.47 -27.07
CA LEU D 252 5.46 10.02 -27.43
C LEU D 252 5.96 10.75 -26.21
N GLN D 253 5.13 10.78 -25.16
CA GLN D 253 5.53 11.41 -23.93
C GLN D 253 6.29 10.28 -23.24
N PHE D 254 7.59 10.26 -23.40
CA PHE D 254 8.38 9.21 -22.78
C PHE D 254 8.64 9.43 -21.29
N ALA D 255 8.77 8.35 -20.54
CA ALA D 255 9.01 8.41 -19.09
C ALA D 255 10.47 8.68 -18.65
N VAL D 256 11.34 7.73 -18.97
CA VAL D 256 12.76 7.83 -18.66
C VAL D 256 13.37 8.04 -17.25
N GLY D 257 13.06 9.14 -16.55
CA GLY D 257 13.72 9.31 -15.26
C GLY D 257 13.99 10.73 -14.84
N GLN D 258 14.47 11.56 -15.77
CA GLN D 258 14.72 13.00 -15.51
C GLN D 258 13.47 13.61 -16.13
N GLU D 259 12.73 14.41 -15.37
CA GLU D 259 11.49 14.97 -15.89
C GLU D 259 11.58 15.99 -17.01
N VAL D 260 12.79 16.24 -17.48
CA VAL D 260 12.99 17.20 -18.57
C VAL D 260 13.57 16.60 -19.86
N PHE D 261 13.95 15.33 -19.85
CA PHE D 261 14.55 14.72 -21.02
C PHE D 261 13.64 14.48 -22.22
N GLY D 262 12.44 15.06 -22.19
CA GLY D 262 11.54 14.89 -23.31
C GLY D 262 11.48 16.14 -24.15
N LEU D 263 12.21 17.17 -23.69
CA LEU D 263 12.23 18.44 -24.39
C LEU D 263 13.29 18.53 -25.48
N VAL D 264 14.13 17.49 -25.59
CA VAL D 264 15.24 17.46 -26.56
C VAL D 264 15.60 16.02 -26.95
N PRO D 265 15.30 15.63 -28.18
CA PRO D 265 15.60 14.29 -28.68
C PRO D 265 17.04 13.81 -28.49
N GLY D 266 17.98 14.73 -28.36
CA GLY D 266 19.37 14.34 -28.19
C GLY D 266 19.50 13.65 -26.86
N LEU D 267 18.75 14.17 -25.89
CA LEU D 267 18.68 13.62 -24.52
C LEU D 267 17.92 12.31 -24.58
N MET D 268 16.71 12.30 -25.14
CA MET D 268 15.91 11.09 -25.21
C MET D 268 16.66 9.96 -25.91
N MET D 269 17.61 10.32 -26.77
CA MET D 269 18.42 9.32 -27.50
C MET D 269 19.25 8.54 -26.44
N TYR D 270 19.99 9.29 -25.65
CA TYR D 270 20.83 8.75 -24.60
C TYR D 270 19.94 8.20 -23.47
N ALA D 271 18.78 8.80 -23.28
CA ALA D 271 17.86 8.33 -22.28
C ALA D 271 17.51 6.89 -22.65
N THR D 272 17.40 6.62 -23.94
CA THR D 272 17.04 5.31 -24.42
C THR D 272 18.19 4.32 -24.45
N ILE D 273 19.40 4.79 -24.78
CA ILE D 273 20.55 3.90 -24.84
C ILE D 273 20.91 3.35 -23.45
N TRP D 274 20.81 4.19 -22.42
CA TRP D 274 21.10 3.73 -21.08
C TRP D 274 19.96 2.84 -20.60
N LEU D 275 18.73 3.14 -20.97
CA LEU D 275 17.65 2.26 -20.56
C LEU D 275 17.99 0.92 -21.15
N ARG D 276 18.44 0.92 -22.39
CA ARG D 276 18.80 -0.31 -23.05
C ARG D 276 19.93 -0.97 -22.29
N GLU D 277 20.93 -0.18 -21.92
CA GLU D 277 22.10 -0.67 -21.19
C GLU D 277 21.74 -1.33 -19.85
N HIS D 278 20.87 -0.69 -19.07
CA HIS D 278 20.44 -1.22 -17.79
C HIS D 278 19.99 -2.65 -18.03
N GLN D 279 18.86 -2.82 -18.72
CA GLN D 279 18.35 -4.14 -19.04
C GLN D 279 19.45 -5.13 -19.45
N ARG D 280 20.25 -4.72 -20.43
CA ARG D 280 21.36 -5.55 -20.94
C ARG D 280 22.20 -6.17 -19.81
N VAL D 281 22.51 -5.36 -18.80
CA VAL D 281 23.28 -5.83 -17.65
C VAL D 281 22.37 -6.76 -16.82
N CYS D 282 21.10 -6.41 -16.63
CA CYS D 282 20.22 -7.31 -15.89
C CYS D 282 20.32 -8.75 -16.41
N ASP D 283 20.13 -8.92 -17.72
CA ASP D 283 20.20 -10.24 -18.37
C ASP D 283 21.53 -10.91 -18.12
N ILE D 284 22.60 -10.13 -18.13
CA ILE D 284 23.92 -10.65 -17.88
C ILE D 284 24.07 -11.14 -16.43
N LEU D 285 23.57 -10.35 -15.49
CA LEU D 285 23.62 -10.65 -14.07
C LEU D 285 22.70 -11.80 -13.73
N LYS D 286 21.63 -11.98 -14.49
CA LYS D 286 20.71 -13.09 -14.26
C LYS D 286 21.37 -14.41 -14.76
N GLN D 287 22.18 -14.26 -15.80
CA GLN D 287 22.89 -15.37 -16.42
C GLN D 287 23.90 -15.92 -15.42
N GLU D 288 24.30 -15.08 -14.45
CA GLU D 288 25.28 -15.46 -13.42
C GLU D 288 24.62 -15.74 -12.08
N HIS D 289 23.39 -15.28 -11.95
CA HIS D 289 22.70 -15.45 -10.71
C HIS D 289 21.25 -15.86 -10.89
N PRO D 290 21.04 -17.15 -11.20
CA PRO D 290 19.72 -17.75 -11.41
C PRO D 290 18.95 -17.61 -10.10
N GLU D 291 19.73 -17.48 -9.04
CA GLU D 291 19.15 -17.36 -7.73
C GLU D 291 18.83 -15.97 -7.32
N TRP D 292 19.33 -14.96 -8.04
CA TRP D 292 19.05 -13.57 -7.65
C TRP D 292 17.62 -13.21 -7.96
N GLY D 293 17.17 -12.14 -7.34
CA GLY D 293 15.81 -11.71 -7.60
C GLY D 293 15.81 -10.30 -8.14
N ASP D 294 14.62 -9.78 -8.42
CA ASP D 294 14.50 -8.42 -8.94
C ASP D 294 15.38 -7.35 -8.28
N GLU D 295 15.00 -6.92 -7.07
CA GLU D 295 15.77 -5.88 -6.38
C GLU D 295 17.29 -6.05 -6.34
N GLN D 296 17.78 -7.27 -6.36
CA GLN D 296 19.21 -7.41 -6.33
C GLN D 296 19.79 -7.26 -7.73
N LEU D 297 19.03 -7.71 -8.72
CA LEU D 297 19.49 -7.53 -10.09
C LEU D 297 19.51 -6.01 -10.29
N PHE D 298 18.41 -5.34 -9.91
CA PHE D 298 18.31 -3.90 -10.06
C PHE D 298 19.42 -3.15 -9.37
N GLN D 299 19.44 -3.16 -8.05
CA GLN D 299 20.48 -2.46 -7.30
C GLN D 299 21.92 -2.70 -7.76
N THR D 300 22.20 -3.90 -8.27
CA THR D 300 23.53 -4.20 -8.76
C THR D 300 23.73 -3.52 -10.12
N SER D 301 22.73 -3.68 -11.01
CA SER D 301 22.73 -3.07 -12.33
C SER D 301 22.97 -1.56 -12.18
N LYS D 302 22.18 -0.88 -11.35
CA LYS D 302 22.37 0.53 -11.12
C LYS D 302 23.80 0.83 -10.61
N LEU D 303 24.52 -0.17 -10.08
CA LEU D 303 25.87 0.08 -9.59
C LEU D 303 26.90 -0.05 -10.70
N ILE D 304 26.65 -0.96 -11.64
CA ILE D 304 27.53 -1.18 -12.81
C ILE D 304 27.45 0.03 -13.76
N LEU D 305 26.25 0.51 -14.02
CA LEU D 305 26.07 1.67 -14.89
C LEU D 305 26.76 2.88 -14.29
N ILE D 306 26.79 3.00 -12.98
CA ILE D 306 27.45 4.15 -12.40
C ILE D 306 28.94 4.03 -12.69
N GLY D 307 29.46 2.81 -12.67
CA GLY D 307 30.86 2.59 -12.96
C GLY D 307 31.18 2.87 -14.41
N GLU D 308 30.35 2.41 -15.33
CA GLU D 308 30.55 2.67 -16.75
C GLU D 308 30.53 4.19 -16.94
N THR D 309 29.47 4.83 -16.48
CA THR D 309 29.40 6.27 -16.57
C THR D 309 30.73 6.91 -16.13
N ILE D 310 31.19 6.65 -14.92
CA ILE D 310 32.45 7.24 -14.48
C ILE D 310 33.61 6.85 -15.40
N LYS D 311 33.58 5.62 -15.88
CA LYS D 311 34.62 5.09 -16.78
C LYS D 311 34.68 5.88 -18.07
N ILE D 312 33.55 5.88 -18.74
CA ILE D 312 33.37 6.57 -20.01
C ILE D 312 33.71 8.05 -19.92
N VAL D 313 33.29 8.70 -18.82
CA VAL D 313 33.53 10.14 -18.61
C VAL D 313 34.99 10.50 -18.37
N ILE D 314 35.79 9.56 -17.93
CA ILE D 314 37.18 9.89 -17.69
C ILE D 314 38.03 9.57 -18.89
N GLU D 315 37.91 8.34 -19.38
CA GLU D 315 38.73 7.88 -20.49
C GLU D 315 38.32 8.23 -21.93
N ASP D 316 37.07 8.65 -22.13
CA ASP D 316 36.61 9.04 -23.47
C ASP D 316 36.32 10.55 -23.50
N TYR D 317 35.25 10.93 -22.82
CA TYR D 317 34.77 12.32 -22.67
C TYR D 317 35.88 13.29 -22.22
N VAL D 318 36.28 13.25 -20.96
CA VAL D 318 37.35 14.09 -20.45
C VAL D 318 38.63 13.91 -21.26
N GLN D 319 38.98 12.67 -21.60
CA GLN D 319 40.19 12.39 -22.38
C GLN D 319 40.24 13.31 -23.58
N HIS D 320 39.17 13.24 -24.37
CA HIS D 320 38.96 14.02 -25.60
C HIS D 320 38.95 15.52 -25.34
N LEU D 321 38.24 15.93 -24.33
CA LEU D 321 38.17 17.32 -23.99
C LEU D 321 39.56 17.86 -23.69
N SER D 322 40.45 17.02 -23.19
CA SER D 322 41.80 17.46 -22.84
C SER D 322 42.74 17.52 -24.02
N GLY D 323 42.62 16.55 -24.90
CA GLY D 323 43.49 16.51 -26.04
C GLY D 323 44.90 16.17 -25.59
N TYR D 324 45.01 15.57 -24.42
CA TYR D 324 46.32 15.17 -23.91
C TYR D 324 46.73 13.88 -24.61
N HIS D 325 48.03 13.73 -24.84
CA HIS D 325 48.54 12.51 -25.45
C HIS D 325 48.57 11.44 -24.37
N PHE D 326 48.61 11.88 -23.12
CA PHE D 326 48.62 10.96 -21.99
C PHE D 326 47.25 10.34 -21.83
N LYS D 327 47.23 9.01 -21.70
CA LYS D 327 45.99 8.25 -21.52
C LYS D 327 45.46 8.28 -20.08
N LEU D 328 44.41 9.08 -19.87
CA LEU D 328 43.76 9.24 -18.58
C LEU D 328 43.23 7.89 -18.24
N LYS D 329 43.18 7.60 -16.93
CA LYS D 329 42.76 6.29 -16.42
C LYS D 329 41.76 6.33 -15.27
N PHE D 330 40.77 5.44 -15.33
CA PHE D 330 39.80 5.35 -14.25
C PHE D 330 40.30 4.16 -13.43
N ASP D 331 40.97 4.47 -12.32
CA ASP D 331 41.43 3.40 -11.44
C ASP D 331 41.29 3.86 -10.01
N PRO D 332 40.18 3.49 -9.36
CA PRO D 332 39.86 3.86 -7.97
C PRO D 332 41.00 3.56 -7.01
N GLU D 333 41.86 2.64 -7.37
CA GLU D 333 43.01 2.31 -6.56
C GLU D 333 44.05 3.43 -6.44
N LEU D 334 44.18 4.27 -7.47
CA LEU D 334 45.20 5.32 -7.44
C LEU D 334 45.16 6.12 -6.15
N LEU D 335 43.98 6.16 -5.53
CA LEU D 335 43.80 6.93 -4.31
C LEU D 335 43.76 6.10 -3.03
N PHE D 336 43.93 4.78 -3.14
CA PHE D 336 43.90 3.92 -1.96
C PHE D 336 45.01 4.18 -0.94
N ASN D 337 46.06 4.88 -1.34
CA ASN D 337 47.15 5.24 -0.43
C ASN D 337 47.17 6.76 -0.24
N GLN D 338 46.21 7.43 -0.86
CA GLN D 338 46.12 8.88 -0.78
C GLN D 338 45.06 9.27 0.20
N GLN D 339 45.14 10.51 0.67
CA GLN D 339 44.12 11.04 1.55
C GLN D 339 43.08 11.55 0.52
N PHE D 340 41.81 11.15 0.67
CA PHE D 340 40.77 11.54 -0.28
C PHE D 340 39.35 11.44 0.34
N GLN D 341 38.54 12.48 0.18
CA GLN D 341 37.18 12.48 0.71
C GLN D 341 36.20 11.89 -0.27
N TYR D 342 35.73 10.69 -0.04
CA TYR D 342 34.79 10.08 -0.94
C TYR D 342 33.40 10.66 -0.74
N GLN D 343 33.28 11.95 -0.92
CA GLN D 343 32.01 12.64 -0.79
C GLN D 343 32.07 13.82 -1.76
N ASN D 344 30.99 14.56 -1.92
CA ASN D 344 30.96 15.69 -2.84
C ASN D 344 29.67 16.51 -2.76
N ARG D 345 29.74 17.78 -3.17
CA ARG D 345 28.59 18.69 -3.15
C ARG D 345 28.67 19.51 -4.43
N ILE D 346 27.67 19.45 -5.32
CA ILE D 346 27.80 20.26 -6.54
C ILE D 346 27.65 21.75 -6.23
N ALA D 347 28.64 22.48 -6.71
CA ALA D 347 28.78 23.92 -6.53
C ALA D 347 28.13 24.71 -7.65
N SER D 348 27.73 25.95 -7.35
CA SER D 348 27.13 26.81 -8.35
C SER D 348 28.16 27.06 -9.43
N GLU D 349 29.36 27.52 -9.07
CA GLU D 349 30.40 27.78 -10.08
C GLU D 349 30.56 26.65 -11.10
N PHE D 350 30.41 25.40 -10.67
CA PHE D 350 30.53 24.30 -11.62
C PHE D 350 29.34 24.31 -12.56
N ASN D 351 28.18 24.69 -12.06
CA ASN D 351 27.01 24.74 -12.92
C ASN D 351 27.22 25.79 -13.99
N THR D 352 27.74 26.95 -13.57
CA THR D 352 28.02 28.05 -14.49
C THR D 352 29.05 27.59 -15.52
N LEU D 353 30.22 27.16 -15.05
CA LEU D 353 31.26 26.71 -15.95
C LEU D 353 30.72 25.72 -16.99
N TYR D 354 29.80 24.87 -16.55
CA TYR D 354 29.24 23.86 -17.46
C TYR D 354 28.13 24.32 -18.39
N HIS D 355 27.96 25.63 -18.55
CA HIS D 355 26.94 26.15 -19.47
C HIS D 355 27.60 26.22 -20.84
N TRP D 356 27.51 25.11 -21.56
CA TRP D 356 28.13 24.95 -22.87
C TRP D 356 27.17 25.07 -24.07
N HIS D 357 26.28 26.05 -24.03
CA HIS D 357 25.36 26.21 -25.11
C HIS D 357 26.04 26.39 -26.49
N PRO D 358 27.26 27.00 -26.53
CA PRO D 358 27.99 27.21 -27.79
C PRO D 358 28.31 25.94 -28.55
N LEU D 359 28.09 24.79 -27.95
CA LEU D 359 28.37 23.54 -28.64
C LEU D 359 27.30 23.36 -29.72
N LEU D 360 26.14 23.91 -29.44
CA LEU D 360 25.01 23.78 -30.34
C LEU D 360 25.20 24.40 -31.73
N PRO D 361 24.82 23.66 -32.77
CA PRO D 361 24.94 24.16 -34.14
C PRO D 361 23.65 24.95 -34.37
N ASP D 362 23.51 25.51 -35.57
CA ASP D 362 22.32 26.27 -35.91
C ASP D 362 21.13 25.40 -36.38
N THR D 363 21.45 24.22 -36.87
CA THR D 363 20.44 23.26 -37.28
C THR D 363 20.91 21.87 -36.80
N PHE D 364 19.96 21.00 -36.46
CA PHE D 364 20.29 19.66 -36.01
C PHE D 364 20.07 18.80 -37.23
N ASN D 365 21.17 18.48 -37.89
CA ASN D 365 21.11 17.71 -39.13
C ASN D 365 21.11 16.20 -38.86
N ILE D 366 19.94 15.59 -38.90
CA ILE D 366 19.85 14.16 -38.67
C ILE D 366 19.65 13.53 -40.05
N GLU D 367 20.76 13.02 -40.59
CA GLU D 367 20.85 12.43 -41.92
C GLU D 367 19.70 12.63 -42.88
N ASP D 368 19.95 13.57 -43.80
CA ASP D 368 19.07 14.02 -44.89
C ASP D 368 18.10 15.13 -44.53
N GLN D 369 17.74 15.25 -43.26
CA GLN D 369 16.90 16.38 -42.84
C GLN D 369 17.66 17.20 -41.81
N GLU D 370 17.48 18.50 -41.87
CA GLU D 370 18.17 19.38 -40.94
C GLU D 370 17.05 20.07 -40.21
N TYR D 371 17.25 20.32 -38.92
CA TYR D 371 16.21 20.90 -38.10
C TYR D 371 16.52 22.23 -37.43
N SER D 372 15.50 23.06 -37.32
CA SER D 372 15.64 24.34 -36.66
C SER D 372 15.51 23.96 -35.21
N PHE D 373 16.06 24.77 -34.33
CA PHE D 373 15.89 24.49 -32.91
C PHE D 373 14.41 24.25 -32.71
N LYS D 374 13.61 25.20 -33.16
CA LYS D 374 12.16 25.16 -33.04
C LYS D 374 11.57 23.84 -33.45
N GLN D 375 12.09 23.28 -34.52
CA GLN D 375 11.60 22.02 -35.04
C GLN D 375 11.98 20.78 -34.25
N PHE D 376 13.19 20.84 -33.70
CA PHE D 376 13.78 19.76 -32.92
C PHE D 376 13.22 19.68 -31.51
N LEU D 377 13.06 20.83 -30.86
CA LEU D 377 12.57 20.88 -29.49
C LEU D 377 11.33 20.03 -29.16
N TYR D 378 11.49 19.14 -28.17
CA TYR D 378 10.46 18.22 -27.69
C TYR D 378 9.68 17.55 -28.84
N ASN D 379 10.42 17.11 -29.83
CA ASN D 379 9.83 16.45 -30.99
C ASN D 379 10.44 15.05 -31.00
N ASN D 380 9.80 14.13 -30.27
CA ASN D 380 10.29 12.77 -30.18
C ASN D 380 10.07 11.88 -31.41
N SER D 381 9.16 12.29 -32.30
CA SER D 381 8.92 11.51 -33.52
C SER D 381 10.20 11.48 -34.32
N ILE D 382 10.99 12.55 -34.23
CA ILE D 382 12.27 12.60 -34.94
C ILE D 382 13.13 11.41 -34.51
N LEU D 383 13.09 11.12 -33.21
CA LEU D 383 13.85 9.99 -32.67
C LEU D 383 13.23 8.73 -33.24
N LEU D 384 11.90 8.63 -33.14
CA LEU D 384 11.19 7.48 -33.67
C LEU D 384 11.31 7.38 -35.21
N GLU D 385 11.57 8.50 -35.85
CA GLU D 385 11.72 8.58 -37.30
C GLU D 385 12.95 7.82 -37.79
N HIS D 386 14.11 8.41 -37.55
CA HIS D 386 15.38 7.84 -38.00
C HIS D 386 15.89 6.73 -37.08
N GLY D 387 15.50 6.80 -35.81
CA GLY D 387 15.85 5.78 -34.84
C GLY D 387 17.24 5.30 -34.43
N LEU D 388 17.83 6.03 -33.48
CA LEU D 388 19.13 5.68 -32.88
C LEU D 388 20.31 5.45 -33.83
N THR D 389 20.32 4.33 -34.54
CA THR D 389 21.39 3.99 -35.48
C THR D 389 21.57 5.20 -36.40
N GLN D 390 20.54 5.53 -37.16
CA GLN D 390 20.65 6.71 -37.95
C GLN D 390 20.19 7.74 -36.94
N PHE D 391 21.19 8.32 -36.27
CA PHE D 391 20.98 9.33 -35.25
C PHE D 391 22.35 9.33 -34.66
N VAL D 392 22.87 8.13 -34.48
CA VAL D 392 24.19 7.93 -33.93
C VAL D 392 25.18 8.24 -35.06
N GLU D 393 24.91 7.71 -36.25
CA GLU D 393 25.77 7.95 -37.41
C GLU D 393 25.75 9.45 -37.74
N SER D 394 24.55 10.07 -37.79
CA SER D 394 24.42 11.50 -38.06
C SER D 394 25.24 12.28 -37.05
N PHE D 395 24.90 12.14 -35.77
CA PHE D 395 25.60 12.85 -34.69
C PHE D 395 27.11 12.58 -34.54
N THR D 396 27.57 11.41 -34.97
CA THR D 396 29.00 11.07 -34.89
C THR D 396 29.73 12.02 -35.84
N ARG D 397 29.01 12.35 -36.92
CA ARG D 397 29.45 13.22 -38.01
C ARG D 397 28.71 14.57 -38.01
N GLN D 398 29.08 15.48 -37.11
CA GLN D 398 28.48 16.82 -37.06
C GLN D 398 29.12 17.65 -35.97
N ILE D 399 30.10 18.47 -36.33
CA ILE D 399 30.79 19.32 -35.33
C ILE D 399 29.85 20.14 -34.47
N ALA D 400 30.37 20.50 -33.30
CA ALA D 400 29.67 21.32 -32.33
C ALA D 400 30.45 22.64 -32.30
N GLY D 401 29.82 23.71 -31.86
CA GLY D 401 30.49 25.00 -31.81
C GLY D 401 31.65 25.06 -30.84
N ARG D 402 32.52 26.04 -30.98
CA ARG D 402 33.64 26.18 -30.06
C ARG D 402 33.01 26.91 -28.84
N VAL D 403 33.38 26.51 -27.63
CA VAL D 403 32.78 27.17 -26.45
C VAL D 403 33.44 28.52 -26.25
N ALA D 404 34.73 28.48 -25.89
CA ALA D 404 35.56 29.69 -25.67
C ALA D 404 35.84 30.35 -27.03
N GLY D 405 36.51 31.49 -27.00
CA GLY D 405 36.79 32.16 -28.26
C GLY D 405 36.03 33.46 -28.39
N GLY D 406 34.70 33.39 -28.42
CA GLY D 406 33.90 34.59 -28.51
C GLY D 406 32.64 34.40 -29.35
N ARG D 407 31.70 35.33 -29.18
CA ARG D 407 30.45 35.35 -29.89
C ARG D 407 29.97 34.04 -30.54
N ASN D 408 29.78 32.98 -29.76
CA ASN D 408 29.29 31.70 -30.33
C ASN D 408 27.97 31.18 -29.78
N VAL D 409 27.28 31.98 -29.00
CA VAL D 409 26.01 31.55 -28.40
C VAL D 409 24.81 31.60 -29.35
N PRO D 410 24.26 30.44 -29.72
CA PRO D 410 23.10 30.36 -30.60
C PRO D 410 22.06 31.35 -30.14
N ILE D 411 21.58 32.19 -31.05
CA ILE D 411 20.60 33.21 -30.73
C ILE D 411 19.34 32.58 -30.18
N ALA D 412 19.20 31.28 -30.42
CA ALA D 412 18.05 30.54 -29.94
C ALA D 412 18.08 30.43 -28.41
N VAL D 413 19.13 29.81 -27.88
CA VAL D 413 19.25 29.69 -26.43
C VAL D 413 19.92 30.98 -25.88
N GLN D 414 19.52 32.13 -26.40
CA GLN D 414 20.13 33.39 -25.96
C GLN D 414 19.45 33.86 -24.73
N ALA D 415 18.22 33.39 -24.53
CA ALA D 415 17.46 33.73 -23.32
C ALA D 415 18.22 33.09 -22.15
N VAL D 416 18.72 31.88 -22.41
CA VAL D 416 19.48 31.11 -21.48
C VAL D 416 20.76 31.86 -21.11
N ALA D 417 21.61 32.13 -22.09
CA ALA D 417 22.89 32.82 -21.85
C ALA D 417 22.76 34.08 -21.00
N LYS D 418 21.73 34.88 -21.26
CA LYS D 418 21.50 36.12 -20.49
C LYS D 418 21.12 35.72 -19.10
N ALA D 419 20.21 34.75 -19.01
CA ALA D 419 19.75 34.19 -17.74
C ALA D 419 20.95 33.87 -16.90
N SER D 420 21.90 33.15 -17.47
CA SER D 420 23.09 32.82 -16.73
C SER D 420 23.71 34.08 -16.16
N ILE D 421 23.96 35.06 -17.03
CA ILE D 421 24.57 36.32 -16.59
C ILE D 421 23.74 36.88 -15.44
N ASP D 422 22.44 36.97 -15.67
CA ASP D 422 21.52 37.53 -14.68
C ASP D 422 21.55 36.89 -13.31
N GLN D 423 21.50 35.56 -13.29
CA GLN D 423 21.52 34.76 -12.06
C GLN D 423 22.84 34.77 -11.32
N SER D 424 23.95 34.69 -12.05
CA SER D 424 25.28 34.72 -11.43
C SER D 424 25.33 35.99 -10.61
N ARG D 425 24.70 37.01 -11.17
CA ARG D 425 24.65 38.31 -10.54
C ARG D 425 23.79 38.23 -9.32
N GLU D 426 22.64 37.56 -9.41
CA GLU D 426 21.75 37.49 -8.26
C GLU D 426 22.30 36.61 -7.16
N MET D 427 23.12 35.64 -7.53
CA MET D 427 23.71 34.77 -6.54
C MET D 427 24.99 35.41 -6.04
N LYS D 428 25.00 36.73 -5.97
CA LYS D 428 26.17 37.49 -5.55
C LYS D 428 27.51 36.87 -5.89
N TYR D 429 27.85 36.73 -7.17
CA TYR D 429 29.13 36.13 -7.52
C TYR D 429 30.27 37.12 -7.37
N GLN D 430 31.49 36.61 -7.44
CA GLN D 430 32.70 37.44 -7.33
C GLN D 430 33.32 37.55 -8.73
N SER D 431 34.31 38.43 -8.86
CA SER D 431 34.95 38.66 -10.12
C SER D 431 35.70 37.46 -10.71
N LEU D 432 35.81 37.47 -12.04
CA LEU D 432 36.50 36.41 -12.74
C LEU D 432 37.92 36.31 -12.14
N ASN D 433 38.50 37.46 -11.81
CA ASN D 433 39.85 37.45 -11.28
C ASN D 433 39.99 36.79 -9.95
N GLU D 434 39.01 36.99 -9.07
CA GLU D 434 39.02 36.38 -7.76
C GLU D 434 38.98 34.88 -8.03
N TYR D 435 38.01 34.44 -8.82
CA TYR D 435 37.94 33.03 -9.15
C TYR D 435 39.26 32.53 -9.72
N ARG D 436 39.88 33.34 -10.57
CA ARG D 436 41.17 32.95 -11.15
C ARG D 436 42.15 32.74 -10.02
N LYS D 437 42.19 33.69 -9.11
CA LYS D 437 43.06 33.65 -7.95
C LYS D 437 42.78 32.37 -7.18
N ARG D 438 41.49 32.11 -6.95
CA ARG D 438 41.03 30.95 -6.19
C ARG D 438 41.61 29.67 -6.73
N PHE D 439 41.78 29.58 -8.04
CA PHE D 439 42.33 28.35 -8.59
C PHE D 439 43.79 28.40 -8.96
N SER D 440 44.56 29.14 -8.15
CA SER D 440 46.00 29.28 -8.33
C SER D 440 46.39 29.86 -9.67
N LEU D 441 45.45 30.51 -10.31
CA LEU D 441 45.74 31.08 -11.61
C LEU D 441 46.14 32.53 -11.33
N LYS D 442 46.86 33.11 -12.30
CA LYS D 442 47.31 34.50 -12.23
C LYS D 442 46.22 35.32 -12.89
N PRO D 443 45.78 36.40 -12.24
CA PRO D 443 44.71 37.23 -12.83
C PRO D 443 45.04 37.99 -14.10
N TYR D 444 43.99 38.23 -14.88
CA TYR D 444 44.13 38.95 -16.10
C TYR D 444 44.36 40.41 -15.79
N THR D 445 45.30 41.02 -16.51
CA THR D 445 45.60 42.43 -16.33
C THR D 445 44.89 43.33 -17.32
N SER D 446 44.03 42.74 -18.16
CA SER D 446 43.33 43.52 -19.17
C SER D 446 42.35 42.70 -20.01
N PHE D 447 41.25 43.34 -20.41
CA PHE D 447 40.23 42.67 -21.21
C PHE D 447 40.94 42.18 -22.43
N GLU D 448 41.88 42.99 -22.82
CA GLU D 448 42.70 42.71 -23.96
C GLU D 448 43.48 41.42 -23.66
N GLU D 449 44.00 41.27 -22.44
CA GLU D 449 44.73 40.05 -22.05
C GLU D 449 43.80 38.80 -22.03
N LEU D 450 42.57 39.02 -21.57
CA LEU D 450 41.56 37.99 -21.49
C LEU D 450 41.22 37.38 -22.86
N THR D 451 40.66 38.20 -23.74
CA THR D 451 40.23 37.78 -25.09
C THR D 451 41.30 37.30 -26.08
N GLY D 452 42.49 37.89 -26.01
CA GLY D 452 43.57 37.52 -26.91
C GLY D 452 43.45 38.22 -28.25
N GLU D 453 42.66 39.29 -28.25
CA GLU D 453 42.41 40.11 -29.42
C GLU D 453 41.92 41.46 -28.85
N LYS D 454 41.58 42.42 -29.71
CA LYS D 454 41.13 43.68 -29.15
C LYS D 454 39.78 44.16 -29.62
N GLU D 455 39.19 43.48 -30.61
CA GLU D 455 37.86 43.86 -31.07
C GLU D 455 36.91 43.74 -29.85
N MET D 456 36.73 42.51 -29.37
CA MET D 456 35.87 42.29 -28.20
C MET D 456 36.49 42.88 -26.94
N ALA D 457 37.78 42.60 -26.75
CA ALA D 457 38.53 43.07 -25.59
C ALA D 457 38.16 44.51 -25.29
N ALA D 458 38.51 45.43 -26.19
CA ALA D 458 38.20 46.83 -25.99
C ALA D 458 36.69 47.04 -25.87
N GLU D 459 35.95 46.25 -26.63
CA GLU D 459 34.50 46.30 -26.62
C GLU D 459 33.99 46.02 -25.18
N LEU D 460 34.61 45.03 -24.51
CA LEU D 460 34.26 44.65 -23.13
C LEU D 460 34.70 45.75 -22.18
N LYS D 461 35.92 46.20 -22.40
CA LYS D 461 36.48 47.26 -21.60
C LYS D 461 35.51 48.45 -21.52
N ALA D 462 34.91 48.81 -22.66
CA ALA D 462 33.94 49.90 -22.72
C ALA D 462 32.81 49.61 -21.73
N LEU D 463 32.53 48.33 -21.51
CA LEU D 463 31.47 47.92 -20.60
C LEU D 463 31.89 47.78 -19.14
N TYR D 464 32.87 46.92 -18.87
CA TYR D 464 33.32 46.67 -17.48
C TYR D 464 34.38 47.62 -16.97
N SER D 465 35.00 48.39 -17.87
CA SER D 465 36.02 49.37 -17.52
C SER D 465 37.27 48.80 -16.83
N ASP D 466 37.09 48.31 -15.59
CA ASP D 466 38.17 47.71 -14.80
C ASP D 466 38.17 46.25 -15.14
N ILE D 467 39.32 45.72 -15.50
CA ILE D 467 39.38 44.28 -15.81
C ILE D 467 38.91 43.37 -14.65
N ASP D 468 39.37 43.69 -13.43
CA ASP D 468 39.03 42.94 -12.25
C ASP D 468 37.54 42.72 -12.26
N VAL D 469 36.81 43.83 -12.31
CA VAL D 469 35.35 43.80 -12.28
C VAL D 469 34.64 42.93 -13.33
N MET D 470 35.41 42.32 -14.21
CA MET D 470 34.83 41.46 -15.23
C MET D 470 34.24 40.19 -14.59
N GLU D 471 33.04 39.83 -15.04
CA GLU D 471 32.29 38.65 -14.60
C GLU D 471 32.81 37.29 -15.13
N LEU D 472 32.68 36.24 -14.29
CA LEU D 472 33.12 34.85 -14.58
C LEU D 472 32.48 34.16 -15.76
N TYR D 473 31.15 34.11 -15.80
CA TYR D 473 30.47 33.46 -16.92
C TYR D 473 30.87 34.01 -18.32
N PRO D 474 30.62 35.31 -18.60
CA PRO D 474 30.96 35.91 -19.90
C PRO D 474 32.41 35.60 -20.30
N ALA D 475 33.33 35.92 -19.41
CA ALA D 475 34.77 35.73 -19.64
C ALA D 475 35.12 34.35 -20.11
N LEU D 476 34.37 33.36 -19.64
CA LEU D 476 34.63 31.97 -20.00
C LEU D 476 34.47 31.73 -21.48
N LEU D 477 33.40 32.31 -22.03
CA LEU D 477 33.06 32.19 -23.46
C LEU D 477 33.88 33.13 -24.40
N VAL D 478 34.11 34.34 -23.92
CA VAL D 478 34.88 35.39 -24.60
C VAL D 478 36.33 35.31 -24.06
N GLU D 479 36.99 34.19 -24.30
CA GLU D 479 38.34 34.02 -23.78
C GLU D 479 39.23 33.32 -24.78
N LYS D 480 40.47 33.80 -24.85
CA LYS D 480 41.44 33.23 -25.76
C LYS D 480 41.61 31.73 -25.61
N PRO D 481 41.10 30.96 -26.59
CA PRO D 481 41.27 29.52 -26.45
C PRO D 481 42.73 29.20 -26.50
N ARG D 482 43.11 28.16 -25.81
CA ARG D 482 44.49 27.72 -25.86
C ARG D 482 44.45 27.16 -27.26
N PRO D 483 45.56 27.26 -28.02
CA PRO D 483 45.66 26.76 -29.40
C PRO D 483 44.41 26.31 -30.12
N ASP D 484 44.44 25.10 -30.67
CA ASP D 484 43.28 24.66 -31.43
C ASP D 484 42.28 24.05 -30.50
N ALA D 485 42.03 24.71 -29.39
CA ALA D 485 41.13 24.16 -28.39
C ALA D 485 39.83 24.87 -28.14
N ILE D 486 38.91 24.10 -27.59
CA ILE D 486 37.57 24.56 -27.27
C ILE D 486 37.47 25.46 -26.02
N PHE D 487 38.39 25.35 -25.09
CA PHE D 487 38.33 26.19 -23.91
C PHE D 487 39.66 26.88 -23.70
N GLY D 488 39.68 27.78 -22.71
CA GLY D 488 40.88 28.50 -22.33
C GLY D 488 41.20 28.12 -20.89
N GLU D 489 42.44 28.36 -20.46
CA GLU D 489 42.90 28.03 -19.08
C GLU D 489 41.87 28.20 -17.96
N THR D 490 41.14 29.31 -17.89
CA THR D 490 40.14 29.44 -16.83
C THR D 490 39.19 28.24 -16.81
N MET D 491 38.42 28.04 -17.87
CA MET D 491 37.47 26.91 -17.92
C MET D 491 38.12 25.59 -17.53
N VAL D 492 39.29 25.26 -18.04
CA VAL D 492 39.89 23.99 -17.63
C VAL D 492 40.25 23.99 -16.14
N GLU D 493 41.03 24.98 -15.74
CA GLU D 493 41.50 25.14 -14.40
C GLU D 493 40.49 25.16 -13.29
N LEU D 494 39.29 25.69 -13.56
CA LEU D 494 38.26 25.76 -12.51
C LEU D 494 37.35 24.51 -12.49
N GLY D 495 37.11 23.95 -13.66
CA GLY D 495 36.24 22.80 -13.72
C GLY D 495 36.87 21.46 -13.45
N ALA D 496 38.10 21.27 -13.93
CA ALA D 496 38.77 19.99 -13.74
C ALA D 496 38.74 19.55 -12.29
N PRO D 497 38.96 20.47 -11.34
CA PRO D 497 38.91 20.08 -9.92
C PRO D 497 37.49 19.59 -9.62
N PHE D 498 36.52 20.50 -9.72
CA PHE D 498 35.13 20.14 -9.51
C PHE D 498 34.77 18.80 -10.21
N SER D 499 35.16 18.65 -11.48
CA SER D 499 34.84 17.45 -12.25
C SER D 499 35.46 16.14 -11.76
N LEU D 500 36.72 16.18 -11.34
CA LEU D 500 37.38 14.96 -10.86
C LEU D 500 36.94 14.58 -9.42
N LYS D 501 36.60 15.59 -8.62
CA LYS D 501 36.16 15.32 -7.27
C LYS D 501 34.79 14.71 -7.29
N GLY D 502 33.96 15.14 -8.22
CA GLY D 502 32.64 14.57 -8.29
C GLY D 502 32.65 13.22 -8.97
N LEU D 503 33.70 12.92 -9.70
CA LEU D 503 33.78 11.66 -10.39
C LEU D 503 34.40 10.62 -9.47
N MET D 504 35.52 11.01 -8.86
CA MET D 504 36.26 10.12 -7.96
C MET D 504 35.73 10.11 -6.52
N GLY D 505 35.04 11.16 -6.08
CA GLY D 505 34.52 11.18 -4.72
C GLY D 505 33.18 10.50 -4.65
N ASN D 506 33.07 9.31 -5.20
CA ASN D 506 31.81 8.55 -5.23
C ASN D 506 31.96 7.24 -4.42
N PRO D 507 30.92 6.86 -3.68
CA PRO D 507 31.05 5.62 -2.91
C PRO D 507 31.55 4.43 -3.67
N ILE D 508 31.10 4.19 -4.90
CA ILE D 508 31.59 2.97 -5.54
C ILE D 508 33.10 2.96 -5.71
N CYS D 509 33.74 4.09 -5.48
CA CYS D 509 35.19 4.18 -5.64
C CYS D 509 35.92 3.88 -4.36
N SER D 510 35.19 3.99 -3.24
CA SER D 510 35.77 3.72 -1.93
C SER D 510 36.19 2.27 -1.87
N PRO D 511 37.25 1.96 -1.12
CA PRO D 511 37.75 0.59 -0.99
C PRO D 511 36.71 -0.45 -0.60
N GLN D 512 35.80 -0.11 0.30
CA GLN D 512 34.82 -1.11 0.69
C GLN D 512 33.94 -1.43 -0.50
N TYR D 513 33.73 -0.43 -1.35
CA TYR D 513 32.86 -0.56 -2.51
C TYR D 513 33.53 -1.13 -3.76
N TRP D 514 34.76 -0.68 -4.03
CA TRP D 514 35.52 -1.12 -5.20
C TRP D 514 36.05 -2.57 -5.15
N LYS D 515 35.15 -3.52 -5.31
CA LYS D 515 35.56 -4.89 -5.34
C LYS D 515 34.55 -5.69 -6.15
N PRO D 516 35.05 -6.70 -6.87
CA PRO D 516 34.26 -7.59 -7.71
C PRO D 516 32.86 -7.87 -7.17
N SER D 517 32.79 -8.40 -5.94
CA SER D 517 31.51 -8.77 -5.36
C SER D 517 30.51 -7.64 -5.26
N THR D 518 31.01 -6.41 -5.08
CA THR D 518 30.11 -5.29 -4.95
C THR D 518 29.22 -5.24 -6.17
N PHE D 519 29.71 -5.79 -7.29
CA PHE D 519 29.01 -5.74 -8.57
C PHE D 519 28.43 -7.00 -9.18
N GLY D 520 28.42 -8.08 -8.42
CA GLY D 520 27.85 -9.31 -8.96
C GLY D 520 28.91 -10.31 -9.40
N GLY D 521 30.18 -9.98 -9.25
CA GLY D 521 31.20 -10.92 -9.62
C GLY D 521 32.25 -10.32 -10.50
N GLU D 522 33.25 -11.10 -10.92
CA GLU D 522 34.30 -10.57 -11.79
C GLU D 522 33.70 -10.23 -13.15
N VAL D 523 32.53 -10.80 -13.44
CA VAL D 523 31.86 -10.54 -14.70
C VAL D 523 31.28 -9.13 -14.68
N GLY D 524 30.47 -8.84 -13.66
CA GLY D 524 29.89 -7.53 -13.55
C GLY D 524 30.96 -6.47 -13.41
N PHE D 525 32.01 -6.78 -12.65
CA PHE D 525 33.08 -5.82 -12.43
C PHE D 525 33.70 -5.41 -13.76
N LYS D 526 33.89 -6.37 -14.66
CA LYS D 526 34.47 -6.06 -15.95
C LYS D 526 33.60 -5.15 -16.78
N ILE D 527 32.28 -5.39 -16.80
CA ILE D 527 31.32 -4.56 -17.55
C ILE D 527 31.69 -3.09 -17.23
N ILE D 528 32.12 -2.82 -16.00
CA ILE D 528 32.52 -1.48 -15.61
C ILE D 528 33.92 -1.18 -16.16
N ASN D 529 34.90 -2.02 -15.81
CA ASN D 529 36.29 -1.77 -16.24
C ASN D 529 36.64 -1.87 -17.72
N THR D 530 35.64 -2.09 -18.57
CA THR D 530 35.86 -2.16 -20.01
C THR D 530 34.77 -1.40 -20.77
N ALA D 531 34.15 -0.46 -20.05
CA ALA D 531 33.10 0.40 -20.59
C ALA D 531 33.68 1.42 -21.58
N SER D 532 32.85 1.90 -22.50
CA SER D 532 33.29 2.88 -23.48
C SER D 532 32.06 3.40 -24.19
N ILE D 533 32.16 4.60 -24.76
CA ILE D 533 31.03 5.15 -25.47
C ILE D 533 30.78 4.32 -26.73
N GLN D 534 31.83 3.69 -27.25
CA GLN D 534 31.68 2.86 -28.43
C GLN D 534 30.90 1.63 -28.08
N SER D 535 31.24 1.01 -26.96
CA SER D 535 30.55 -0.19 -26.49
C SER D 535 29.13 0.17 -26.06
N LEU D 536 29.01 1.30 -25.40
CA LEU D 536 27.74 1.74 -24.91
C LEU D 536 26.77 1.69 -26.08
N ILE D 537 27.25 2.16 -27.23
CA ILE D 537 26.44 2.18 -28.46
C ILE D 537 26.42 0.82 -29.18
N CYS D 538 27.60 0.23 -29.32
CA CYS D 538 27.75 -1.05 -29.98
C CYS D 538 26.76 -2.07 -29.48
N ASN D 539 26.68 -2.19 -28.16
CA ASN D 539 25.80 -3.15 -27.51
C ASN D 539 24.35 -2.70 -27.38
N ASN D 540 24.01 -1.47 -27.75
CA ASN D 540 22.63 -1.06 -27.58
C ASN D 540 21.92 -0.41 -28.76
N VAL D 541 22.60 -0.32 -29.91
CA VAL D 541 22.02 0.28 -31.11
C VAL D 541 21.96 -0.81 -32.20
N LYS D 542 20.96 -0.73 -33.09
CA LYS D 542 20.72 -1.73 -34.14
C LYS D 542 21.92 -2.41 -34.78
N GLY D 543 22.81 -1.63 -35.37
CA GLY D 543 24.03 -2.22 -35.92
C GLY D 543 25.05 -1.65 -34.96
N CYS D 544 26.36 -1.89 -35.05
CA CYS D 544 27.23 -1.19 -34.11
C CYS D 544 27.62 0.12 -34.77
N PRO D 545 26.69 1.07 -34.91
CA PRO D 545 27.08 2.31 -35.56
C PRO D 545 28.33 2.81 -34.85
N PHE D 546 29.43 2.89 -35.56
CA PHE D 546 30.65 3.39 -34.96
C PHE D 546 30.42 4.82 -34.48
N THR D 547 30.98 5.15 -33.33
CA THR D 547 30.83 6.50 -32.77
C THR D 547 32.07 6.93 -32.07
N SER D 548 31.96 8.11 -31.48
CA SER D 548 33.04 8.72 -30.76
C SER D 548 32.55 10.08 -30.42
N PHE D 549 33.34 10.81 -29.65
CA PHE D 549 32.96 12.17 -29.27
C PHE D 549 33.68 13.12 -30.24
N ASN D 550 34.20 12.55 -31.31
CA ASN D 550 34.94 13.32 -32.29
C ASN D 550 34.38 13.12 -33.69
N VAL D 551 34.14 14.24 -34.36
CA VAL D 551 33.60 14.26 -35.72
C VAL D 551 34.75 13.95 -36.64
N GLN D 552 35.30 12.76 -36.45
CA GLN D 552 36.45 12.29 -37.22
C GLN D 552 37.58 13.33 -37.41
C1 NAG E . -54.82 10.78 -11.76
C2 NAG E . -55.33 12.22 -11.68
C3 NAG E . -56.83 12.11 -11.78
C4 NAG E . -57.20 11.47 -13.14
C5 NAG E . -56.49 10.13 -13.31
C6 NAG E . -56.60 9.58 -14.72
C7 NAG E . -53.73 13.37 -10.24
C8 NAG E . -53.48 13.98 -8.88
N2 NAG E . -54.95 12.87 -10.43
O3 NAG E . -57.43 13.40 -11.60
O4 NAG E . -58.61 11.26 -13.23
O5 NAG E . -55.09 10.29 -13.07
O6 NAG E . -55.46 8.78 -15.06
O7 NAG E . -52.84 13.31 -11.09
C1 NAG F . -37.94 -20.45 -13.85
C2 NAG F . -37.86 -21.94 -13.46
C3 NAG F . -37.91 -22.81 -14.71
C4 NAG F . -39.17 -22.53 -15.46
C5 NAG F . -39.19 -21.07 -15.84
C6 NAG F . -40.51 -20.73 -16.50
C7 NAG F . -36.68 -22.56 -11.45
C8 NAG F . -35.34 -22.79 -10.82
N2 NAG F . -36.64 -22.21 -12.74
O3 NAG F . -37.87 -24.17 -14.32
O4 NAG F . -39.25 -23.37 -16.62
O5 NAG F . -39.12 -20.23 -14.66
O6 NAG F . -41.48 -20.31 -15.55
O7 NAG F . -37.72 -22.70 -10.81
C1 NAG G . -9.88 -15.87 -42.75
C2 NAG G . -10.34 -15.89 -44.20
C3 NAG G . -9.29 -16.54 -45.07
C4 NAG G . -7.85 -16.07 -44.78
C5 NAG G . -7.58 -15.99 -43.29
C6 NAG G . -6.24 -15.35 -42.94
C7 NAG G . -12.52 -16.26 -45.19
C8 NAG G . -13.77 -17.14 -45.30
N2 NAG G . -11.58 -16.65 -44.34
O3 NAG G . -9.59 -16.29 -46.43
O4 NAG G . -6.95 -17.01 -45.35
O5 NAG G . -8.60 -15.21 -42.66
O6 NAG G . -6.29 -13.93 -43.07
O7 NAG G . -12.44 -15.22 -45.84
CHA HEM H . -26.36 -9.31 -29.30
CHB HEM H . -23.60 -9.64 -33.19
CHC HEM H . -20.57 -6.44 -31.38
CHD HEM H . -23.59 -5.73 -27.68
C1A HEM H . -25.90 -9.65 -30.56
C2A HEM H . -26.53 -10.62 -31.43
C3A HEM H . -25.74 -10.70 -32.53
C4A HEM H . -24.65 -9.78 -32.33
CMA HEM H . -25.90 -11.65 -33.71
CAA HEM H . -27.76 -11.49 -31.18
CBA HEM H . -29.12 -10.78 -31.42
CGA HEM H . -30.35 -11.76 -31.39
O1A HEM H . -31.44 -11.35 -30.89
O2A HEM H . -30.20 -12.92 -31.90
C1B HEM H . -22.49 -8.85 -33.01
C2B HEM H . -21.34 -8.83 -33.89
C3B HEM H . -20.45 -7.98 -33.34
C4B HEM H . -21.08 -7.46 -32.15
CMB HEM H . -21.20 -9.64 -35.16
CAB HEM H . -19.19 -7.68 -33.80
CBB HEM H . -18.34 -8.54 -34.65
C1C HEM H . -21.19 -5.89 -30.28
C2C HEM H . -20.64 -4.81 -29.49
C3C HEM H . -21.48 -4.59 -28.48
C4C HEM H . -22.56 -5.54 -28.62
CMC HEM H . -19.30 -4.15 -29.73
CAC HEM H . -21.28 -3.64 -27.50
CBC HEM H . -22.03 -3.57 -26.24
C1D HEM H . -24.55 -6.73 -27.76
C2D HEM H . -25.54 -7.01 -26.73
C3D HEM H . -26.27 -8.05 -27.18
C4D HEM H . -25.77 -8.38 -28.47
CMD HEM H . -25.62 -6.37 -25.36
CAD HEM H . -27.27 -8.87 -26.41
CBD HEM H . -26.61 -10.06 -25.71
CGD HEM H . -27.61 -11.03 -25.16
O1D HEM H . -28.60 -10.58 -24.58
O2D HEM H . -27.42 -12.26 -25.32
NA HEM H . -24.75 -9.13 -31.12
NB HEM H . -22.32 -8.02 -31.92
NC HEM H . -22.38 -6.34 -29.74
ND HEM H . -24.68 -7.62 -28.81
FE HEM H . -23.49 -7.83 -30.37
C IMN I . -21.51 6.40 -17.96
C1 IMN I . -21.31 7.46 -17.06
C2 IMN I . -21.22 8.80 -17.55
C3 IMN I . -21.33 9.09 -18.94
C4 IMN I . -21.53 8.01 -19.87
C5 IMN I . -21.62 6.67 -19.38
C6 IMN I . -21.16 10.68 -20.79
C7 IMN I . -21.25 6.82 -15.69
C8 IMN I . -21.39 5.51 -15.85
C9 IMN I . -21.58 3.95 -17.64
C10 IMN I . -22.70 3.43 -18.52
C11 IMN I . -22.52 2.24 -19.25
C12 IMN I . -23.54 1.72 -20.07
C13 IMN I . -24.73 2.37 -20.18
C14 IMN I . -24.94 3.55 -19.46
C15 IMN I . -23.92 4.09 -18.62
C16 IMN I . -21.38 4.52 -14.75
C17 IMN I . -20.99 7.53 -14.32
C18 IMN I . -21.77 8.84 -14.18
N IMN I . -21.54 5.19 -17.17
O IMN I . -21.23 10.43 -19.39
O1 IMN I . -20.66 3.20 -17.34
O2 IMN I . -22.60 9.17 -14.99
O3 IMN I . -21.55 9.62 -13.18
CL IMN I . -26.00 1.68 -21.12
C1 NAG J . 0.76 -14.80 18.49
C2 NAG J . 1.70 -14.09 19.48
C3 NAG J . 3.04 -14.79 19.46
C4 NAG J . 2.84 -16.29 19.79
C5 NAG J . 1.76 -16.92 18.89
C6 NAG J . 1.34 -18.29 19.36
C7 NAG J . 0.93 -11.82 19.40
C8 NAG J . 1.21 -10.40 18.92
N2 NAG J . 1.87 -12.71 19.10
O3 NAG J . 3.97 -14.16 20.34
O4 NAG J . 4.07 -16.98 19.63
O5 NAG J . 0.55 -16.14 18.91
O6 NAG J . -0.02 -18.55 19.08
O7 NAG J . -0.12 -12.12 20.02
C1 NAG K . -21.09 -27.07 -5.79
C2 NAG K . -21.59 -27.62 -7.09
C3 NAG K . -21.51 -29.12 -7.13
C4 NAG K . -20.09 -29.53 -6.89
C5 NAG K . -19.65 -29.01 -5.53
C6 NAG K . -18.17 -29.28 -5.31
C7 NAG K . -23.30 -26.34 -8.17
C8 NAG K . -24.77 -25.99 -8.28
N2 NAG K . -22.97 -27.24 -7.25
O3 NAG K . -21.91 -29.57 -8.41
O4 NAG K . -19.99 -30.93 -6.98
O5 NAG K . -19.78 -27.58 -5.48
O6 NAG K . -17.37 -28.17 -5.72
O7 NAG K . -22.45 -25.81 -8.92
C1 NAG L . -51.30 -45.35 14.52
C2 NAG L . -51.10 -46.82 14.78
C3 NAG L . -52.44 -47.51 15.02
C4 NAG L . -53.36 -46.73 15.96
C5 NAG L . -53.40 -45.24 15.63
C6 NAG L . -54.19 -44.45 16.68
C7 NAG L . -49.53 -48.34 13.76
C8 NAG L . -48.96 -48.90 12.47
N2 NAG L . -50.46 -47.41 13.61
O3 NAG L . -52.21 -48.80 15.57
O4 NAG L . -54.69 -47.26 15.84
O5 NAG L . -52.06 -44.72 15.57
O6 NAG L . -53.54 -44.39 17.94
O7 NAG L . -49.11 -48.73 14.87
CHA HEM M . -32.66 -33.96 12.02
CHB HEM M . -35.89 -36.97 13.91
CHC HEM M . -38.06 -33.32 16.08
CHD HEM M . -34.49 -30.42 14.69
C1A HEM M . -33.31 -35.13 12.40
C2A HEM M . -32.98 -36.48 11.91
C3A HEM M . -33.90 -37.29 12.47
C4A HEM M . -34.76 -36.48 13.30
CMA HEM M . -34.10 -38.76 12.19
CAA HEM M . -31.89 -36.89 10.92
CBA HEM M . -30.48 -36.94 11.50
CGA HEM M . -29.46 -37.64 10.57
O1A HEM M . -28.27 -37.23 10.55
O2A HEM M . -29.83 -38.63 9.86
C1B HEM M . -36.79 -36.23 14.61
C2B HEM M . -38.05 -36.74 15.12
C3B HEM M . -38.70 -35.70 15.68
C4B HEM M . -37.81 -34.56 15.53
CMB HEM M . -38.53 -38.20 15.04
CAB HEM M . -39.95 -35.70 16.28
CBB HEM M . -41.03 -36.66 15.99
C1C HEM M . -37.23 -32.23 15.93
C2C HEM M . -37.48 -30.97 16.56
C3C HEM M . -36.48 -30.15 16.22
C4C HEM M . -35.59 -30.92 15.35
CMC HEM M . -38.68 -30.64 17.42
CAC HEM M . -36.37 -28.83 16.64
CBC HEM M . -35.53 -27.87 15.99
C1D HEM M . -33.72 -31.11 13.78
C2D HEM M . -32.68 -30.52 12.93
C3D HEM M . -32.23 -31.51 12.15
C4D HEM M . -32.95 -32.71 12.50
CMD HEM M . -32.29 -29.06 12.80
CAD HEM M . -31.31 -31.39 10.98
CBD HEM M . -32.05 -31.25 9.65
CGD HEM M . -31.12 -31.48 8.45
O1D HEM M . -29.97 -30.99 8.45
O2D HEM M . -31.53 -32.19 7.51
NA HEM M . -34.41 -35.16 13.25
NB HEM M . -36.66 -34.87 14.83
NC HEM M . -36.07 -32.20 15.19
ND HEM M . -33.90 -32.44 13.47
FE HEM M . -35.26 -33.65 14.17
C IMN N . -33.17 -16.11 21.14
C1 IMN N . -32.99 -14.83 21.74
C2 IMN N . -32.93 -14.72 23.16
C3 IMN N . -33.06 -15.88 24.00
C4 IMN N . -33.23 -17.18 23.39
C5 IMN N . -33.29 -17.29 21.97
C6 IMN N . -33.32 -16.88 26.26
C7 IMN N . -32.89 -13.87 20.60
C8 IMN N . -32.99 -14.58 19.46
C9 IMN N . -33.38 -16.79 18.76
C10 IMN N . -32.54 -18.06 18.61
C11 IMN N . -33.05 -19.13 17.83
C12 IMN N . -32.30 -20.32 17.66
C13 IMN N . -31.05 -20.45 18.26
C14 IMN N . -30.54 -19.40 19.04
C15 IMN N . -31.28 -18.19 19.22
C16 IMN N . -32.94 -13.99 18.11
C17 IMN N . -32.78 -12.34 20.71
C18 IMN N . -31.79 -11.92 21.76
N IMN N . -33.17 -15.88 19.71
O IMN N . -33.02 -15.73 25.40
O1 IMN N . -34.32 -16.58 17.97
O2 IMN N . -31.11 -12.72 22.31
O3 IMN N . -31.62 -10.67 22.02
CL IMN N . -30.17 -21.88 18.03
C1 NAG O . 34.27 -22.69 4.61
C2 NAG O . 34.54 -24.12 4.23
C3 NAG O . 33.28 -24.51 3.46
C4 NAG O . 32.05 -24.38 4.40
C5 NAG O . 31.97 -22.97 5.04
C6 NAG O . 30.95 -22.91 6.16
C7 NAG O . 36.92 -24.25 3.89
C8 NAG O . 38.08 -24.35 2.92
N2 NAG O . 35.70 -24.22 3.37
O3 NAG O . 33.39 -25.84 2.96
O4 NAG O . 30.86 -24.63 3.67
O5 NAG O . 33.27 -22.59 5.62
O6 NAG O . 31.35 -21.98 7.14
O7 NAG O . 37.11 -24.15 5.12
C1 NAG P . 13.93 4.90 2.55
C2 NAG P . 13.01 5.98 2.09
C3 NAG P . 11.60 5.82 2.61
C4 NAG P . 11.08 4.48 2.16
C5 NAG P . 11.98 3.43 2.76
C6 NAG P . 11.55 2.07 2.28
C7 NAG P . 14.02 8.10 1.68
C8 NAG P . 14.56 9.41 2.27
N2 NAG P . 13.55 7.24 2.56
O3 NAG P . 10.77 6.84 2.06
O4 NAG P . 9.74 4.36 2.60
O5 NAG P . 13.35 3.60 2.31
O6 NAG P . 12.24 1.72 1.09
O7 NAG P . 14.07 7.85 0.46
C1 NAG Q . 6.21 15.16 40.89
C2 NAG Q . 5.51 14.07 41.71
C3 NAG Q . 5.03 14.66 43.05
C4 NAG Q . 6.07 15.56 43.74
C5 NAG Q . 6.80 16.47 42.76
C6 NAG Q . 8.00 17.16 43.37
C7 NAG Q . 3.99 12.28 41.13
C8 NAG Q . 2.77 11.84 40.34
N2 NAG Q . 4.37 13.55 40.98
O3 NAG Q . 4.68 13.60 43.93
O4 NAG Q . 5.42 16.33 44.73
O5 NAG Q . 7.28 15.71 41.64
O6 NAG Q . 9.10 16.27 43.50
O7 NAG Q . 4.62 11.47 41.81
CHA HEM R . 15.45 3.64 24.67
CHB HEM R . 13.60 4.80 28.93
CHC HEM R . 17.88 6.19 30.46
CHD HEM R . 19.82 4.56 26.39
C1A HEM R . 14.56 3.80 25.72
C2A HEM R . 13.15 3.53 25.65
C3A HEM R . 12.64 3.85 26.85
C4A HEM R . 13.74 4.31 27.66
CMA HEM R . 11.18 3.83 27.23
CAA HEM R . 12.35 2.99 24.44
CBA HEM R . 12.39 1.45 24.19
CGA HEM R . 11.33 0.97 23.19
O1A HEM R . 11.64 0.11 22.32
O2A HEM R . 10.17 1.44 23.27
C1B HEM R . 14.60 5.34 29.70
C2B HEM R . 14.39 6.00 30.97
C3B HEM R . 15.59 6.46 31.36
C4B HEM R . 16.52 6.05 30.36
CMB HEM R . 13.08 6.15 31.70
CAB HEM R . 15.88 7.27 32.45
CBB HEM R . 14.90 8.15 33.20
C1C HEM R . 18.79 5.77 29.52
C2C HEM R . 20.21 5.91 29.67
C3C HEM R . 20.77 5.42 28.55
C4C HEM R . 19.68 4.98 27.69
CMC HEM R . 20.89 6.54 30.87
CAC HEM R . 22.14 5.37 28.31
CBC HEM R . 22.77 5.25 26.99
C1D HEM R . 18.80 4.25 25.53
C2D HEM R . 18.95 3.92 24.12
C3D HEM R . 17.70 3.73 23.65
C4D HEM R . 16.79 3.90 24.74
CMD HEM R . 20.25 3.94 23.30
CAD HEM R . 17.29 3.55 22.20
CBD HEM R . 16.97 4.88 21.53
CGD HEM R . 16.24 4.72 20.22
O1D HEM R . 16.65 3.90 19.41
O2D HEM R . 15.25 5.42 20.01
NA HEM R . 14.91 4.28 26.97
NB HEM R . 15.90 5.40 29.32
NC HEM R . 18.46 5.19 28.30
ND HEM R . 17.46 4.27 25.89
FE HEM R . 16.66 4.86 27.59
C IMN S . 35.23 3.50 25.61
C1 IMN S . 36.65 3.39 25.57
C2 IMN S . 37.35 2.70 26.59
C3 IMN S . 36.64 2.10 27.67
C4 IMN S . 35.20 2.20 27.73
C5 IMN S . 34.50 2.90 26.69
C6 IMN S . 36.66 0.89 29.82
C7 IMN S . 37.06 4.12 24.31
C8 IMN S . 35.95 4.58 23.73
C9 IMN S . 33.61 4.67 24.17
C10 IMN S . 32.42 3.72 23.99
C11 IMN S . 31.10 4.25 24.04
C12 IMN S . 29.98 3.41 23.88
C13 IMN S . 30.14 2.08 23.66
C14 IMN S . 31.42 1.54 23.62
C15 IMN S . 32.58 2.36 23.77
C16 IMN S . 35.93 5.37 22.44
C17 IMN S . 38.51 4.34 23.77
C18 IMN S . 39.41 3.12 23.92
N IMN S . 34.84 4.25 24.45
O IMN S . 37.36 1.40 28.64
O1 IMN S . 33.45 5.88 24.02
O2 IMN S . 38.96 2.05 24.28
O3 IMN S . 40.68 3.21 23.65
CL IMN S . 28.78 1.10 23.40
C1 NAG T . 45.91 44.35 3.10
C2 NAG T . 46.99 45.44 3.09
C3 NAG T . 46.43 46.71 3.75
C4 NAG T . 45.19 47.17 2.97
C5 NAG T . 44.16 46.03 2.90
C6 NAG T . 42.99 46.38 2.00
C7 NAG T . 49.02 44.19 3.23
C8 NAG T . 50.22 43.80 4.09
N2 NAG T . 48.16 45.01 3.82
O3 NAG T . 47.43 47.73 3.80
O4 NAG T . 44.59 48.32 3.60
O5 NAG T . 44.76 44.82 2.37
O6 NAG T . 42.48 45.22 1.35
O7 NAG T . 48.87 43.77 2.07
C1 NAG U . 17.01 24.07 3.49
C2 NAG U . 15.97 23.74 4.58
C3 NAG U . 14.58 24.02 4.08
C4 NAG U . 14.49 25.46 3.63
C5 NAG U . 15.51 25.70 2.53
C6 NAG U . 15.55 27.17 2.26
C7 NAG U . 16.43 21.98 6.16
C8 NAG U . 16.45 20.50 6.45
N2 NAG U . 16.03 22.34 4.94
O3 NAG U . 13.62 23.76 5.10
O4 NAG U . 13.17 25.74 3.16
O5 NAG U . 16.84 25.39 2.97
O6 NAG U . 16.49 27.79 3.12
O7 NAG U . 16.85 22.80 6.99
C1 NAG V . 8.41 17.07 -35.56
C2 NAG V . 7.95 18.20 -36.50
C3 NAG V . 6.82 17.65 -37.42
C4 NAG V . 7.11 16.24 -38.00
C5 NAG V . 7.75 15.30 -36.97
C6 NAG V . 8.25 14.00 -37.57
C7 NAG V . 7.54 20.59 -36.22
C8 NAG V . 6.92 21.70 -35.38
N2 NAG V . 7.43 19.33 -35.75
O3 NAG V . 6.56 18.55 -38.50
O4 NAG V . 5.88 15.67 -38.44
O5 NAG V . 8.86 15.96 -36.34
O6 NAG V . 9.45 14.19 -38.30
O7 NAG V . 8.19 20.86 -37.23
CHA HEM W . 20.22 24.92 -18.80
CHB HEM W . 18.50 24.68 -23.28
CHC HEM W . 22.10 21.77 -24.49
CHD HEM W . 24.14 22.55 -20.21
C1A HEM W . 19.46 25.17 -19.93
C2A HEM W . 18.22 25.95 -19.95
C3A HEM W . 17.76 25.86 -21.23
C4A HEM W . 18.71 25.07 -21.98
CMA HEM W . 16.44 26.36 -21.77
CAA HEM W . 17.51 26.65 -18.79
CBA HEM W . 18.11 28.00 -18.39
CGA HEM W . 17.20 28.82 -17.43
O1A HEM W . 17.71 29.54 -16.54
O2A HEM W . 15.96 28.75 -17.58
C1B HEM W . 19.31 23.83 -23.98
C2B HEM W . 18.97 23.28 -25.29
C3B HEM W . 19.95 22.40 -25.61
C4B HEM W . 20.88 22.44 -24.50
CMB HEM W . 17.73 23.59 -26.13
CAB HEM W . 20.05 21.59 -26.73
CBB HEM W . 18.92 21.18 -27.58
C1C HEM W . 23.01 21.82 -23.46
C2C HEM W . 24.31 21.19 -23.52
C3C HEM W . 24.90 21.45 -22.34
C4C HEM W . 23.97 22.23 -21.55
CMC HEM W . 24.86 20.39 -24.69
CAC HEM W . 26.17 21.05 -22.00
CBC HEM W . 26.64 20.93 -20.63
C1D HEM W . 23.20 23.20 -19.42
C2D HEM W . 23.35 23.43 -18.01
C3D HEM W . 22.22 24.05 -17.60
C4D HEM W . 21.40 24.22 -18.78
CMD HEM W . 24.51 23.01 -17.11
CAD HEM W . 21.78 24.31 -16.18
CBD HEM W . 20.91 23.17 -15.64
CGD HEM W . 20.17 23.56 -14.36
O1D HEM W . 20.80 24.19 -13.49
O2D HEM W . 18.95 23.28 -14.23
NA HEM W . 19.75 24.64 -21.19
NB HEM W . 20.47 23.29 -23.50
NC HEM W . 22.82 22.48 -22.27
ND HEM W . 21.99 23.67 -19.88
FE HEM W . 21.24 23.51 -21.70
C IMN X . 38.73 18.91 -18.49
C1 IMN X . 40.05 18.41 -18.32
C2 IMN X . 41.07 18.74 -19.26
C3 IMN X . 40.80 19.60 -20.40
C4 IMN X . 39.47 20.11 -20.60
C5 IMN X . 38.42 19.77 -19.65
C6 IMN X . 41.53 20.70 -22.43
C7 IMN X . 40.00 17.57 -17.07
C8 IMN X . 38.73 17.63 -16.60
C9 IMN X . 36.63 18.52 -17.24
C10 IMN X . 35.94 19.84 -17.14
C11 IMN X . 34.54 19.90 -17.35
C12 IMN X . 33.84 21.12 -17.26
C13 IMN X . 34.52 22.27 -16.95
C14 IMN X . 35.90 22.25 -16.75
C15 IMN X . 36.63 21.01 -16.85
C16 IMN X . 38.24 16.92 -15.37
C17 IMN X . 41.13 16.74 -16.46
C18 IMN X . 42.43 17.51 -16.41
N IMN X . 37.93 18.40 -17.40
O IMN X . 41.82 19.92 -21.28
O1 IMN X . 35.97 17.49 -17.18
O2 IMN X . 42.47 18.70 -16.72
O3 IMN X . 43.53 16.90 -16.02
CL IMN X . 33.64 23.72 -16.76
#